data_7VUF
#
_entry.id   7VUF
#
_cell.length_a   93.485
_cell.length_b   114.207
_cell.length_c   292.879
_cell.angle_alpha   90.000
_cell.angle_beta   90.000
_cell.angle_gamma   90.000
#
_symmetry.space_group_name_H-M   'P 21 21 21'
#
loop_
_entity.id
_entity.type
_entity.pdbx_description
1 polymer 'Endonuclease MutS2'
2 non-polymer DI(HYDROXYETHYL)ETHER
3 non-polymer 'MAGNESIUM ION'
4 water water
#
_entity_poly.entity_id   1
_entity_poly.type   'polypeptide(L)'
_entity_poly.pdbx_seq_one_letter_code
;MRDVLEVLEFPRVRALLAERAKTPLGRELALALAPLPREEAEKRHELTGEALSYPYALPEAGTLREAYGRALAGARLSGP
ELLKAAKALEEAMALKEELLPLKNALSQVAEGIGDHTPFLERVRKALDEEGAVKDEASPRLAQIRRELRPLRQQILDRLY
ALMDRHREAFQDRFVTLRRERYCVPVRAGMAQKVPGILLDESESGATLFIEPFSVVKLNNRLQALRLKEEEEVNRILRDL
SERLAKDEGVPKTLEALGLLDLVQAQAALARDLGLSRPAFGERYELYRAFHPLIPDAVRNSFALDEKNRILLISGPNMGG
KTALLKTLGLAVLMAQSGLFVAAEKALLAWPDRVYADIGDEQSLQENLSTFAGHLRRLREMLEEATSHSLVLIDELGSGT
DPEEGAALSQAILEALLERGVKGMVTTHLSPLKAFAQGREGIQNASMRFDLEALRPTYELVLGVPGRSYALAIARRLALP
EEVLKRAE
;
_entity_poly.pdbx_strand_id   B,A,C,D
#
# COMPACT_ATOMS: atom_id res chain seq x y z
N ARG A 2 31.22 33.56 -25.77
CA ARG A 2 31.20 32.33 -26.57
C ARG A 2 30.84 31.13 -25.72
N ASP A 3 29.62 30.64 -25.88
CA ASP A 3 29.08 29.63 -24.99
C ASP A 3 29.77 28.29 -25.22
N VAL A 4 29.59 27.38 -24.25
CA VAL A 4 30.28 26.10 -24.28
C VAL A 4 29.81 25.22 -25.43
N LEU A 5 28.62 25.49 -25.96
CA LEU A 5 28.14 24.73 -27.13
C LEU A 5 29.06 24.94 -28.33
N GLU A 6 29.48 26.18 -28.57
CA GLU A 6 30.35 26.46 -29.72
C GLU A 6 31.76 25.93 -29.50
N VAL A 7 32.25 25.96 -28.26
CA VAL A 7 33.61 25.49 -27.99
C VAL A 7 33.70 23.98 -28.21
N LEU A 8 32.66 23.24 -27.86
CA LEU A 8 32.64 21.79 -27.99
C LEU A 8 32.11 21.32 -29.33
N GLU A 9 31.91 22.23 -30.28
CA GLU A 9 31.42 21.90 -31.63
C GLU A 9 30.05 21.21 -31.56
N PHE A 10 29.21 21.67 -30.64
CA PHE A 10 27.81 21.23 -30.64
C PHE A 10 27.05 21.57 -31.92
N PRO A 11 27.15 22.77 -32.50
CA PRO A 11 26.34 23.07 -33.70
C PRO A 11 26.64 22.16 -34.88
N ARG A 12 27.81 21.55 -34.95
CA ARG A 12 28.06 20.52 -35.95
C ARG A 12 27.22 19.27 -35.68
N VAL A 13 26.99 18.95 -34.41
CA VAL A 13 26.06 17.87 -34.08
C VAL A 13 24.64 18.24 -34.47
N ARG A 14 24.28 19.52 -34.35
CA ARG A 14 22.98 19.97 -34.85
C ARG A 14 22.88 19.75 -36.36
N ALA A 15 23.93 20.09 -37.11
CA ALA A 15 23.87 20.02 -38.56
C ALA A 15 23.84 18.57 -39.04
N LEU A 16 24.58 17.68 -38.37
CA LEU A 16 24.47 16.26 -38.66
C LEU A 16 23.08 15.72 -38.33
N LEU A 17 22.50 16.18 -37.21
CA LEU A 17 21.13 15.80 -36.89
C LEU A 17 20.15 16.33 -37.93
N ALA A 18 20.32 17.58 -38.36
CA ALA A 18 19.40 18.20 -39.31
C ALA A 18 19.55 17.63 -40.71
N GLU A 19 20.64 16.92 -40.99
CA GLU A 19 20.72 16.14 -42.23
C GLU A 19 19.64 15.08 -42.28
N ARG A 20 19.37 14.43 -41.15
CA ARG A 20 18.56 13.22 -41.11
C ARG A 20 17.09 13.50 -40.83
N ALA A 21 16.71 14.77 -40.71
CA ALA A 21 15.30 15.13 -40.56
C ALA A 21 14.60 15.08 -41.92
N LYS A 22 13.46 14.41 -41.97
CA LYS A 22 12.73 14.26 -43.22
C LYS A 22 11.98 15.51 -43.63
N THR A 23 11.63 16.38 -42.68
CA THR A 23 10.76 17.52 -42.90
C THR A 23 11.45 18.77 -42.40
N PRO A 24 11.05 19.95 -42.89
CA PRO A 24 11.56 21.20 -42.31
C PRO A 24 11.27 21.35 -40.83
N LEU A 25 10.16 20.80 -40.35
CA LEU A 25 9.86 20.85 -38.92
C LEU A 25 10.91 20.09 -38.11
N GLY A 26 11.41 18.99 -38.65
CA GLY A 26 12.51 18.29 -38.00
C GLY A 26 13.80 19.10 -37.99
N ARG A 27 14.10 19.78 -39.10
CA ARG A 27 15.33 20.56 -39.18
C ARG A 27 15.33 21.70 -38.18
N GLU A 28 14.18 22.38 -38.03
CA GLU A 28 14.11 23.53 -37.13
C GLU A 28 14.35 23.12 -35.68
N LEU A 29 13.76 21.99 -35.26
CA LEU A 29 14.02 21.46 -33.93
C LEU A 29 15.49 21.04 -33.78
N ALA A 30 16.04 20.40 -34.82
CA ALA A 30 17.44 19.97 -34.75
C ALA A 30 18.39 21.15 -34.67
N LEU A 31 18.15 22.18 -35.48
CA LEU A 31 19.04 23.33 -35.53
C LEU A 31 18.87 24.27 -34.34
N ALA A 32 17.80 24.12 -33.56
CA ALA A 32 17.64 24.84 -32.32
C ALA A 32 17.92 23.98 -31.09
N LEU A 33 18.44 22.76 -31.28
CA LEU A 33 18.50 21.81 -30.18
C LEU A 33 19.52 22.24 -29.14
N ALA A 34 19.16 22.06 -27.87
CA ALA A 34 19.90 22.59 -26.75
C ALA A 34 19.57 21.74 -25.52
N PRO A 35 20.43 21.75 -24.50
CA PRO A 35 20.21 20.86 -23.36
C PRO A 35 18.88 21.14 -22.66
N LEU A 36 18.29 20.09 -22.11
CA LEU A 36 16.90 20.05 -21.69
C LEU A 36 16.84 19.71 -20.21
N PRO A 37 15.71 19.99 -19.55
CA PRO A 37 15.49 19.43 -18.20
C PRO A 37 15.48 17.91 -18.22
N ARG A 38 15.87 17.32 -17.09
CA ARG A 38 16.45 15.98 -17.10
C ARG A 38 15.44 14.95 -17.56
N GLU A 39 14.23 14.99 -17.00
CA GLU A 39 13.23 13.97 -17.27
C GLU A 39 12.47 14.21 -18.57
N GLU A 40 12.60 15.40 -19.17
CA GLU A 40 12.28 15.54 -20.58
C GLU A 40 13.35 14.93 -21.47
N ALA A 41 14.63 15.12 -21.12
CA ALA A 41 15.71 14.55 -21.94
C ALA A 41 15.72 13.03 -21.89
N GLU A 42 15.35 12.45 -20.74
CA GLU A 42 15.21 11.00 -20.66
C GLU A 42 14.07 10.51 -21.53
N LYS A 43 13.02 11.30 -21.70
CA LYS A 43 11.94 10.94 -22.61
C LYS A 43 12.44 10.86 -24.05
N ARG A 44 13.31 11.79 -24.45
CA ARG A 44 13.91 11.74 -25.77
C ARG A 44 14.75 10.48 -25.95
N HIS A 45 15.50 10.09 -24.92
CA HIS A 45 16.27 8.86 -24.98
C HIS A 45 15.36 7.64 -25.13
N GLU A 46 14.26 7.60 -24.40
CA GLU A 46 13.29 6.53 -24.57
C GLU A 46 12.66 6.57 -25.95
N LEU A 47 12.33 7.76 -26.44
CA LEU A 47 11.79 7.90 -27.79
C LEU A 47 12.80 7.43 -28.84
N THR A 48 14.07 7.80 -28.68
CA THR A 48 15.09 7.41 -29.64
C THR A 48 15.26 5.89 -29.69
N GLY A 49 15.25 5.25 -28.52
CA GLY A 49 15.37 3.80 -28.48
C GLY A 49 14.16 3.10 -29.10
N GLU A 50 12.96 3.63 -28.87
CA GLU A 50 11.77 3.06 -29.50
C GLU A 50 11.76 3.28 -31.00
N ALA A 51 12.28 4.41 -31.47
CA ALA A 51 12.35 4.65 -32.91
C ALA A 51 13.32 3.69 -33.59
N LEU A 52 14.42 3.35 -32.91
CA LEU A 52 15.34 2.35 -33.44
C LEU A 52 14.66 0.99 -33.57
N SER A 53 13.86 0.61 -32.58
CA SER A 53 13.18 -0.68 -32.63
C SER A 53 12.11 -0.68 -33.72
N TYR A 54 11.36 0.42 -33.85
CA TYR A 54 10.19 0.48 -34.72
C TYR A 54 10.30 1.70 -35.62
N PRO A 55 10.87 1.55 -36.81
CA PRO A 55 10.91 2.67 -37.76
C PRO A 55 9.52 2.98 -38.33
N TYR A 56 9.37 4.21 -38.79
CA TYR A 56 8.11 4.68 -39.36
C TYR A 56 8.39 5.70 -40.45
N ALA A 57 7.45 5.81 -41.38
CA ALA A 57 7.47 6.86 -42.38
C ALA A 57 6.87 8.16 -41.81
N LEU A 58 7.05 9.25 -42.54
CA LEU A 58 6.44 10.51 -42.18
C LEU A 58 5.77 11.15 -43.39
N PRO A 59 4.67 11.86 -43.19
CA PRO A 59 4.07 12.65 -44.29
C PRO A 59 4.88 13.89 -44.61
N GLU A 60 4.42 14.68 -45.58
CA GLU A 60 5.05 15.93 -45.95
C GLU A 60 4.51 17.04 -45.05
N ALA A 61 5.08 17.12 -43.85
CA ALA A 61 4.55 18.04 -42.84
C ALA A 61 4.79 19.49 -43.23
N GLY A 62 5.92 19.79 -43.86
CA GLY A 62 6.20 21.17 -44.25
C GLY A 62 5.23 21.69 -45.28
N THR A 63 4.93 20.89 -46.31
CA THR A 63 3.95 21.31 -47.31
C THR A 63 2.55 21.40 -46.72
N LEU A 64 2.22 20.54 -45.75
CA LEU A 64 0.99 20.72 -44.99
C LEU A 64 0.98 22.04 -44.24
N ARG A 65 2.09 22.35 -43.56
CA ARG A 65 2.14 23.58 -42.77
C ARG A 65 2.10 24.81 -43.64
N GLU A 66 2.79 24.80 -44.78
CA GLU A 66 2.75 25.93 -45.70
C GLU A 66 1.35 26.15 -46.25
N ALA A 67 0.65 25.07 -46.61
CA ALA A 67 -0.74 25.20 -47.02
C ALA A 67 -1.62 25.65 -45.85
N TYR A 68 -1.36 25.13 -44.66
CA TYR A 68 -2.16 25.53 -43.49
C TYR A 68 -1.95 26.99 -43.15
N GLY A 69 -0.71 27.49 -43.25
CA GLY A 69 -0.47 28.90 -43.02
C GLY A 69 -1.12 29.80 -44.06
N ARG A 70 -1.10 29.38 -45.33
CA ARG A 70 -1.74 30.17 -46.37
C ARG A 70 -3.24 30.25 -46.17
N ALA A 71 -3.86 29.14 -45.76
CA ALA A 71 -5.31 29.14 -45.53
C ALA A 71 -5.69 30.07 -44.39
N LEU A 72 -4.88 30.11 -43.33
CA LEU A 72 -5.17 30.99 -42.21
C LEU A 72 -5.08 32.46 -42.60
N ALA A 73 -4.27 32.79 -43.60
CA ALA A 73 -4.04 34.17 -43.98
C ALA A 73 -5.11 34.74 -44.89
N GLY A 74 -6.14 33.95 -45.20
CA GLY A 74 -7.22 34.39 -46.06
C GLY A 74 -7.00 34.15 -47.54
N ALA A 75 -5.83 33.66 -47.93
CA ALA A 75 -5.63 33.20 -49.31
C ALA A 75 -6.53 32.01 -49.61
N ARG A 76 -7.17 32.03 -50.77
CA ARG A 76 -7.87 30.87 -51.30
C ARG A 76 -6.84 29.83 -51.70
N LEU A 77 -6.73 28.76 -50.90
CA LEU A 77 -5.56 27.90 -50.97
C LEU A 77 -5.65 27.01 -52.21
N SER A 78 -5.10 27.48 -53.32
CA SER A 78 -5.73 27.28 -54.62
C SER A 78 -5.48 25.86 -55.10
N GLY A 79 -6.37 24.94 -54.72
CA GLY A 79 -6.04 23.54 -54.69
C GLY A 79 -6.02 22.95 -56.08
N PRO A 80 -5.36 21.80 -56.25
CA PRO A 80 -4.68 21.04 -55.20
C PRO A 80 -3.28 21.56 -54.88
N GLU A 81 -2.71 21.07 -53.78
CA GLU A 81 -2.31 21.86 -52.61
C GLU A 81 -3.21 21.53 -51.42
N LEU A 82 -4.53 21.67 -51.62
CA LEU A 82 -5.47 21.10 -50.67
C LEU A 82 -5.37 19.59 -50.63
N LEU A 83 -5.28 18.95 -51.81
CA LEU A 83 -5.16 17.50 -51.86
C LEU A 83 -3.85 17.02 -51.26
N LYS A 84 -2.76 17.76 -51.53
CA LYS A 84 -1.49 17.45 -50.88
C LYS A 84 -1.57 17.66 -49.37
N ALA A 85 -2.22 18.74 -48.94
CA ALA A 85 -2.42 18.97 -47.51
C ALA A 85 -3.34 17.91 -46.90
N ALA A 86 -4.41 17.55 -47.61
CA ALA A 86 -5.31 16.52 -47.10
C ALA A 86 -4.63 15.16 -47.05
N LYS A 87 -3.80 14.86 -48.04
CA LYS A 87 -3.08 13.59 -48.06
C LYS A 87 -2.08 13.50 -46.92
N ALA A 88 -1.47 14.63 -46.53
CA ALA A 88 -0.59 14.64 -45.36
C ALA A 88 -1.37 14.32 -44.09
N LEU A 89 -2.55 14.90 -43.93
CA LEU A 89 -3.38 14.60 -42.78
C LEU A 89 -3.82 13.14 -42.79
N GLU A 90 -4.17 12.61 -43.96
CA GLU A 90 -4.57 11.21 -44.04
C GLU A 90 -3.43 10.27 -43.66
N GLU A 91 -2.22 10.58 -44.13
CA GLU A 91 -1.06 9.80 -43.72
C GLU A 91 -0.71 10.01 -42.26
N ALA A 92 -0.94 11.22 -41.73
CA ALA A 92 -0.68 11.47 -40.31
C ALA A 92 -1.59 10.63 -39.43
N MET A 93 -2.88 10.52 -39.81
CA MET A 93 -3.80 9.67 -39.04
C MET A 93 -3.44 8.20 -39.19
N ALA A 94 -3.05 7.77 -40.39
CA ALA A 94 -2.59 6.41 -40.58
C ALA A 94 -1.30 6.14 -39.81
N LEU A 95 -0.43 7.14 -39.74
CA LEU A 95 0.76 7.04 -38.88
C LEU A 95 0.37 6.92 -37.42
N LYS A 96 -0.67 7.67 -37.00
CA LYS A 96 -1.09 7.63 -35.60
C LYS A 96 -1.58 6.24 -35.21
N GLU A 97 -2.51 5.68 -35.99
CA GLU A 97 -3.04 4.36 -35.69
C GLU A 97 -2.01 3.26 -35.85
N GLU A 98 -0.91 3.53 -36.55
CA GLU A 98 0.22 2.60 -36.55
C GLU A 98 0.93 2.58 -35.21
N LEU A 99 1.11 3.75 -34.58
CA LEU A 99 1.94 3.86 -33.39
C LEU A 99 1.16 3.63 -32.10
N LEU A 100 -0.17 3.81 -32.12
CA LEU A 100 -0.96 3.69 -30.89
C LEU A 100 -0.88 2.31 -30.26
N PRO A 101 -1.02 1.20 -30.99
CA PRO A 101 -0.98 -0.12 -30.33
C PRO A 101 0.37 -0.44 -29.69
N LEU A 102 1.44 0.28 -30.03
CA LEU A 102 2.74 0.02 -29.41
C LEU A 102 2.71 0.27 -27.91
N LYS A 103 1.87 1.20 -27.45
CA LYS A 103 1.65 1.43 -26.02
C LYS A 103 2.95 1.82 -25.32
N ASN A 104 3.59 2.86 -25.84
CA ASN A 104 4.91 3.27 -25.40
C ASN A 104 5.02 4.78 -25.57
N ALA A 105 6.25 5.30 -25.53
CA ALA A 105 6.46 6.73 -25.65
C ALA A 105 6.07 7.24 -27.04
N LEU A 106 6.31 6.43 -28.08
CA LEU A 106 5.91 6.82 -29.43
C LEU A 106 4.39 6.97 -29.53
N SER A 107 3.64 6.09 -28.88
CA SER A 107 2.19 6.17 -28.91
C SER A 107 1.68 7.43 -28.23
N GLN A 108 2.33 7.84 -27.13
CA GLN A 108 1.92 9.06 -26.44
C GLN A 108 2.15 10.29 -27.31
N VAL A 109 3.25 10.32 -28.07
CA VAL A 109 3.47 11.42 -29.01
C VAL A 109 2.39 11.42 -30.08
N ALA A 110 2.00 10.23 -30.55
CA ALA A 110 0.99 10.12 -31.60
C ALA A 110 -0.41 10.49 -31.12
N GLU A 111 -0.64 10.56 -29.81
CA GLU A 111 -1.94 10.96 -29.29
C GLU A 111 -2.29 12.41 -29.65
N GLY A 112 -1.30 13.26 -29.88
CA GLY A 112 -1.55 14.62 -30.33
C GLY A 112 -1.92 14.74 -31.79
N ILE A 113 -1.79 13.67 -32.57
CA ILE A 113 -2.30 13.67 -33.93
C ILE A 113 -3.82 13.63 -33.90
N GLY A 114 -4.45 14.55 -34.64
CA GLY A 114 -5.85 14.84 -34.46
C GLY A 114 -6.74 13.89 -35.24
N ASP A 115 -8.04 14.15 -35.16
CA ASP A 115 -9.04 13.52 -36.04
C ASP A 115 -9.42 14.54 -37.10
N HIS A 116 -8.92 14.34 -38.32
CA HIS A 116 -9.17 15.24 -39.44
C HIS A 116 -10.19 14.67 -40.42
N THR A 117 -10.98 13.69 -39.99
CA THR A 117 -11.99 13.09 -40.87
C THR A 117 -12.99 14.10 -41.44
N PRO A 118 -13.54 15.05 -40.68
CA PRO A 118 -14.46 16.01 -41.30
C PRO A 118 -13.84 16.83 -42.42
N PHE A 119 -12.55 17.15 -42.32
CA PHE A 119 -11.87 17.77 -43.45
C PHE A 119 -11.61 16.78 -44.56
N LEU A 120 -11.24 15.54 -44.21
CA LEU A 120 -10.90 14.55 -45.23
C LEU A 120 -12.11 14.15 -46.05
N GLU A 121 -13.24 13.86 -45.37
CA GLU A 121 -14.44 13.45 -46.08
C GLU A 121 -14.98 14.59 -46.95
N ARG A 122 -14.89 15.82 -46.47
CA ARG A 122 -15.30 16.96 -47.28
C ARG A 122 -14.43 17.10 -48.53
N VAL A 123 -13.12 16.91 -48.39
CA VAL A 123 -12.24 17.00 -49.55
C VAL A 123 -12.51 15.84 -50.50
N ARG A 124 -12.56 14.61 -49.99
CA ARG A 124 -12.64 13.44 -50.86
C ARG A 124 -13.97 13.37 -51.59
N LYS A 125 -15.05 13.85 -50.97
CA LYS A 125 -16.30 14.01 -51.69
C LYS A 125 -16.22 15.12 -52.73
N ALA A 126 -15.35 16.11 -52.51
CA ALA A 126 -15.20 17.22 -53.46
C ALA A 126 -14.16 16.91 -54.53
N LEU A 127 -12.93 16.64 -54.12
CA LEU A 127 -11.87 16.27 -55.06
C LEU A 127 -10.97 15.24 -54.39
N ASP A 128 -10.71 14.13 -55.10
CA ASP A 128 -9.89 13.07 -54.52
C ASP A 128 -8.79 12.53 -55.44
N GLU A 129 -8.87 12.73 -56.76
CA GLU A 129 -8.07 11.92 -57.68
C GLU A 129 -6.82 12.65 -58.16
N GLU A 130 -6.95 13.90 -58.59
CA GLU A 130 -5.78 14.73 -58.80
C GLU A 130 -5.98 16.19 -58.39
N GLY A 131 -7.12 16.56 -57.83
CA GLY A 131 -7.38 17.94 -57.47
C GLY A 131 -8.20 18.73 -58.46
N ALA A 132 -8.59 18.13 -59.58
CA ALA A 132 -9.73 18.63 -60.34
C ALA A 132 -10.97 18.65 -59.47
N VAL A 133 -11.69 19.77 -59.50
CA VAL A 133 -12.92 19.92 -58.73
C VAL A 133 -14.02 19.13 -59.43
N LYS A 134 -14.54 18.10 -58.75
CA LYS A 134 -15.49 17.20 -59.37
C LYS A 134 -16.85 17.88 -59.52
N ASP A 135 -17.73 17.22 -60.29
CA ASP A 135 -19.05 17.76 -60.54
C ASP A 135 -19.85 17.87 -59.24
N GLU A 136 -19.79 16.84 -58.40
CA GLU A 136 -20.67 16.74 -57.23
C GLU A 136 -20.10 17.44 -56.01
N ALA A 137 -19.07 18.27 -56.19
CA ALA A 137 -18.52 19.01 -55.06
C ALA A 137 -19.55 19.97 -54.47
N SER A 138 -20.31 20.65 -55.32
CA SER A 138 -21.54 21.31 -54.92
C SER A 138 -22.65 20.95 -55.89
N PRO A 139 -23.90 20.92 -55.42
CA PRO A 139 -25.02 20.67 -56.33
C PRO A 139 -25.15 21.71 -57.44
N ARG A 140 -24.79 22.97 -57.16
CA ARG A 140 -24.81 23.98 -58.21
C ARG A 140 -23.80 23.67 -59.30
N LEU A 141 -22.59 23.26 -58.92
CA LEU A 141 -21.54 23.01 -59.90
C LEU A 141 -21.91 21.87 -60.83
N ALA A 142 -22.50 20.80 -60.28
CA ALA A 142 -22.92 19.67 -61.10
C ALA A 142 -23.93 20.09 -62.16
N GLN A 143 -24.87 20.96 -61.78
CA GLN A 143 -25.83 21.48 -62.75
C GLN A 143 -25.13 22.32 -63.82
N ILE A 144 -24.15 23.14 -63.41
CA ILE A 144 -23.41 23.95 -64.38
C ILE A 144 -22.62 23.04 -65.33
N ARG A 145 -21.95 22.03 -64.78
CA ARG A 145 -21.27 21.04 -65.62
C ARG A 145 -22.25 20.30 -66.52
N ARG A 146 -23.47 20.06 -66.05
CA ARG A 146 -24.42 19.24 -66.79
C ARG A 146 -24.86 19.90 -68.08
N GLU A 147 -24.76 21.23 -68.18
CA GLU A 147 -24.95 21.93 -69.44
C GLU A 147 -23.66 22.21 -70.19
N LEU A 148 -22.51 22.21 -69.50
CA LEU A 148 -21.25 22.49 -70.17
C LEU A 148 -20.89 21.40 -71.17
N ARG A 149 -21.06 20.14 -70.77
CA ARG A 149 -20.66 19.03 -71.66
C ARG A 149 -21.46 18.99 -72.96
N PRO A 150 -22.80 19.04 -72.95
CA PRO A 150 -23.51 18.95 -74.23
C PRO A 150 -23.41 20.21 -75.07
N LEU A 151 -23.36 21.38 -74.44
CA LEU A 151 -23.13 22.62 -75.18
C LEU A 151 -21.78 22.61 -75.88
N ARG A 152 -20.73 22.15 -75.17
CA ARG A 152 -19.40 22.11 -75.77
C ARG A 152 -19.34 21.13 -76.93
N GLN A 153 -19.97 19.97 -76.78
CA GLN A 153 -20.02 18.99 -77.87
C GLN A 153 -20.80 19.55 -79.06
N GLN A 154 -21.92 20.24 -78.79
CA GLN A 154 -22.79 20.69 -79.87
C GLN A 154 -22.12 21.75 -80.72
N ILE A 155 -21.25 22.58 -80.12
CA ILE A 155 -20.45 23.51 -80.91
C ILE A 155 -19.55 22.75 -81.88
N LEU A 156 -18.91 21.69 -81.40
CA LEU A 156 -18.03 20.91 -82.26
C LEU A 156 -18.81 20.14 -83.32
N ASP A 157 -20.00 19.64 -82.95
CA ASP A 157 -20.88 19.03 -83.94
C ASP A 157 -21.32 20.04 -85.00
N ARG A 158 -21.62 21.27 -84.59
CA ARG A 158 -22.14 22.25 -85.53
C ARG A 158 -21.05 22.81 -86.43
N LEU A 159 -19.79 22.68 -86.05
CA LEU A 159 -18.67 23.11 -86.90
C LEU A 159 -18.26 22.02 -87.89
N TYR A 160 -19.24 21.43 -88.58
CA TYR A 160 -19.06 20.89 -89.93
C TYR A 160 -20.38 21.06 -90.68
N ALA A 161 -20.51 22.11 -91.50
CA ALA A 161 -19.74 23.37 -91.62
C ALA A 161 -18.31 23.24 -92.18
N LEU A 162 -17.32 22.99 -91.31
CA LEU A 162 -15.97 22.72 -91.79
C LEU A 162 -15.92 21.69 -92.93
N MET A 163 -16.89 20.78 -92.97
CA MET A 163 -16.86 19.67 -93.91
C MET A 163 -17.57 19.97 -95.22
N ASP A 164 -18.33 21.08 -95.29
CA ASP A 164 -18.78 21.58 -96.59
C ASP A 164 -17.62 22.03 -97.46
N ARG A 165 -16.63 22.70 -96.86
CA ARG A 165 -15.78 23.61 -97.60
C ARG A 165 -14.47 22.93 -97.97
N HIS A 166 -13.62 23.65 -98.69
CA HIS A 166 -12.21 23.30 -98.89
C HIS A 166 -11.56 22.69 -97.67
N ASP A 172 -5.16 21.99 -91.95
CA ASP A 172 -6.10 23.10 -92.06
C ASP A 172 -7.51 22.64 -91.71
N ARG A 173 -7.60 21.52 -90.99
CA ARG A 173 -8.83 20.79 -90.78
C ARG A 173 -8.99 20.40 -89.32
N PHE A 174 -8.77 21.36 -88.42
CA PHE A 174 -8.86 21.13 -86.99
C PHE A 174 -9.52 22.32 -86.32
N VAL A 175 -10.44 22.04 -85.39
CA VAL A 175 -11.07 23.09 -84.60
C VAL A 175 -10.07 23.60 -83.56
N THR A 176 -10.12 24.90 -83.29
CA THR A 176 -9.18 25.54 -82.37
C THR A 176 -9.93 26.54 -81.49
N LEU A 177 -9.32 26.86 -80.35
CA LEU A 177 -9.80 27.89 -79.45
C LEU A 177 -8.94 29.14 -79.59
N ARG A 178 -9.59 30.29 -79.79
CA ARG A 178 -8.96 31.59 -79.61
C ARG A 178 -9.78 32.42 -78.63
N ARG A 179 -9.10 32.95 -77.61
CA ARG A 179 -9.75 33.62 -76.49
C ARG A 179 -10.79 32.72 -75.82
N GLU A 180 -10.50 31.42 -75.77
CA GLU A 180 -11.41 30.42 -75.20
C GLU A 180 -12.78 30.46 -75.87
N ARG A 181 -12.79 30.69 -77.18
CA ARG A 181 -13.97 30.51 -78.01
C ARG A 181 -13.62 29.69 -79.24
N TYR A 182 -14.55 28.87 -79.68
CA TYR A 182 -14.29 27.91 -80.75
C TYR A 182 -14.42 28.57 -82.11
N CYS A 183 -13.48 28.26 -83.00
CA CYS A 183 -13.39 28.89 -84.31
C CYS A 183 -12.65 27.95 -85.24
N VAL A 184 -12.51 28.36 -86.51
CA VAL A 184 -12.02 27.48 -87.55
C VAL A 184 -10.94 28.19 -88.37
N PRO A 185 -9.87 27.49 -88.76
CA PRO A 185 -8.85 28.10 -89.64
C PRO A 185 -9.20 28.04 -91.11
N VAL A 186 -9.97 29.02 -91.60
CA VAL A 186 -10.25 29.12 -93.03
C VAL A 186 -8.98 29.51 -93.78
N ARG A 187 -9.01 29.39 -95.10
CA ARG A 187 -7.96 29.94 -95.96
C ARG A 187 -8.29 31.37 -96.34
N ALA A 188 -7.24 32.18 -96.51
CA ALA A 188 -7.42 33.63 -96.64
C ALA A 188 -8.19 33.98 -97.91
N GLY A 189 -7.89 33.31 -99.01
CA GLY A 189 -8.64 33.53 -100.24
C GLY A 189 -10.10 33.11 -100.13
N MET A 190 -10.37 32.02 -99.41
CA MET A 190 -11.70 31.45 -99.31
C MET A 190 -12.47 31.96 -98.11
N ALA A 191 -12.06 33.11 -97.55
CA ALA A 191 -12.68 33.59 -96.32
C ALA A 191 -14.10 34.07 -96.53
N GLN A 192 -14.51 34.33 -97.78
CA GLN A 192 -15.88 34.70 -98.06
C GLN A 192 -16.86 33.54 -97.88
N LYS A 193 -16.36 32.30 -97.86
CA LYS A 193 -17.23 31.14 -97.67
C LYS A 193 -17.69 31.00 -96.22
N VAL A 194 -16.98 31.57 -95.27
CA VAL A 194 -17.30 31.42 -93.85
C VAL A 194 -17.56 32.79 -93.25
N PRO A 195 -18.79 33.30 -93.30
CA PRO A 195 -19.09 34.57 -92.63
C PRO A 195 -19.01 34.41 -91.12
N GLY A 196 -18.27 35.31 -90.47
CA GLY A 196 -18.02 35.19 -89.06
C GLY A 196 -17.31 36.38 -88.46
N ILE A 197 -16.56 36.16 -87.38
CA ILE A 197 -15.81 37.19 -86.69
C ILE A 197 -14.34 36.78 -86.68
N LEU A 198 -13.47 37.70 -87.07
CA LEU A 198 -12.03 37.45 -87.03
C LEU A 198 -11.57 37.43 -85.58
N LEU A 199 -10.96 36.31 -85.17
CA LEU A 199 -10.36 36.19 -83.84
C LEU A 199 -8.84 36.31 -83.88
N ASP A 200 -8.19 35.76 -84.89
CA ASP A 200 -6.74 35.73 -84.95
C ASP A 200 -6.31 35.51 -86.39
N GLU A 201 -5.08 35.95 -86.69
CA GLU A 201 -4.39 35.56 -87.91
C GLU A 201 -2.92 35.33 -87.59
N SER A 202 -2.27 34.53 -88.43
CA SER A 202 -0.89 34.12 -88.20
C SER A 202 0.10 34.85 -89.09
N GLU A 203 -0.36 35.38 -90.22
CA GLU A 203 0.47 35.92 -91.31
C GLU A 203 1.25 34.81 -92.00
N SER A 204 1.10 33.57 -91.52
CA SER A 204 1.85 32.45 -92.07
C SER A 204 1.00 31.20 -92.14
N THR A 207 -3.94 30.91 -90.96
CA THR A 207 -4.44 32.20 -91.41
C THR A 207 -5.93 32.34 -91.13
N LEU A 208 -6.33 33.50 -90.60
CA LEU A 208 -7.73 33.93 -90.59
C LEU A 208 -8.61 32.92 -89.84
N PHE A 209 -8.33 32.81 -88.54
CA PHE A 209 -9.24 32.13 -87.63
C PHE A 209 -10.56 32.88 -87.55
N ILE A 210 -11.65 32.23 -87.96
CA ILE A 210 -12.95 32.86 -88.13
C ILE A 210 -13.95 32.11 -87.27
N GLU A 211 -14.76 32.85 -86.52
CA GLU A 211 -15.81 32.24 -85.71
C GLU A 211 -17.15 32.42 -86.40
N PRO A 212 -17.76 31.35 -86.92
CA PRO A 212 -18.97 31.51 -87.74
C PRO A 212 -20.14 32.03 -86.91
N PHE A 213 -21.08 32.68 -87.62
CA PHE A 213 -22.20 33.32 -86.95
C PHE A 213 -23.08 32.32 -86.22
N SER A 214 -23.12 31.07 -86.70
CA SER A 214 -24.05 30.09 -86.14
C SER A 214 -23.65 29.62 -84.76
N VAL A 215 -22.38 29.77 -84.38
CA VAL A 215 -21.88 29.33 -83.09
C VAL A 215 -21.61 30.51 -82.16
N VAL A 216 -21.94 31.73 -82.59
CA VAL A 216 -21.72 32.89 -81.73
C VAL A 216 -22.58 32.81 -80.49
N LYS A 217 -23.86 32.45 -80.65
CA LYS A 217 -24.74 32.30 -79.49
C LYS A 217 -24.27 31.19 -78.58
N LEU A 218 -23.83 30.06 -79.15
CA LEU A 218 -23.34 28.95 -78.34
C LEU A 218 -22.07 29.32 -77.59
N ASN A 219 -21.15 30.03 -78.26
CA ASN A 219 -19.93 30.48 -77.59
C ASN A 219 -20.24 31.53 -76.53
N ASN A 220 -21.21 32.41 -76.80
CA ASN A 220 -21.63 33.37 -75.78
C ASN A 220 -22.25 32.67 -74.57
N ARG A 221 -23.06 31.63 -74.81
CA ARG A 221 -23.55 30.82 -73.70
C ARG A 221 -22.42 30.08 -72.99
N LEU A 222 -21.48 29.51 -73.77
CA LEU A 222 -20.40 28.75 -73.17
C LEU A 222 -19.48 29.63 -72.32
N GLN A 223 -19.17 30.82 -72.83
CA GLN A 223 -18.40 31.77 -72.04
C GLN A 223 -19.14 32.16 -70.76
N ALA A 224 -20.44 32.41 -70.87
CA ALA A 224 -21.23 32.80 -69.70
C ALA A 224 -21.28 31.68 -68.68
N LEU A 225 -21.45 30.44 -69.13
CA LEU A 225 -21.47 29.30 -68.22
C LEU A 225 -20.11 29.11 -67.54
N ARG A 226 -19.03 29.31 -68.28
CA ARG A 226 -17.69 29.11 -67.70
C ARG A 226 -17.40 30.11 -66.59
N LEU A 227 -17.91 31.34 -66.71
CA LEU A 227 -17.83 32.28 -65.60
C LEU A 227 -18.57 31.76 -64.37
N LYS A 228 -19.78 31.23 -64.58
CA LYS A 228 -20.54 30.69 -63.45
C LYS A 228 -19.88 29.42 -62.90
N GLU A 229 -19.21 28.65 -63.76
CA GLU A 229 -18.44 27.51 -63.27
C GLU A 229 -17.28 27.97 -62.39
N GLU A 230 -16.48 28.92 -62.88
CA GLU A 230 -15.29 29.33 -62.15
C GLU A 230 -15.65 30.03 -60.84
N GLU A 231 -16.72 30.82 -60.85
CA GLU A 231 -17.18 31.47 -59.62
C GLU A 231 -17.59 30.44 -58.57
N GLU A 232 -18.29 29.38 -58.99
CA GLU A 232 -18.66 28.34 -58.05
C GLU A 232 -17.45 27.53 -57.60
N VAL A 233 -16.54 27.22 -58.53
CA VAL A 233 -15.38 26.38 -58.20
C VAL A 233 -14.50 27.08 -57.17
N ASN A 234 -14.21 28.37 -57.40
CA ASN A 234 -13.44 29.13 -56.42
C ASN A 234 -14.18 29.29 -55.10
N ARG A 235 -15.52 29.38 -55.16
CA ARG A 235 -16.30 29.39 -53.93
C ARG A 235 -16.18 28.06 -53.18
N ILE A 236 -16.13 26.95 -53.91
CA ILE A 236 -15.86 25.66 -53.27
C ILE A 236 -14.45 25.62 -52.72
N LEU A 237 -13.46 26.05 -53.50
CA LEU A 237 -12.07 25.96 -53.09
C LEU A 237 -11.79 26.85 -51.88
N ARG A 238 -12.38 28.04 -51.85
CA ARG A 238 -12.25 28.91 -50.68
C ARG A 238 -12.90 28.28 -49.46
N ASP A 239 -14.03 27.61 -49.64
CA ASP A 239 -14.66 26.89 -48.53
C ASP A 239 -13.74 25.77 -48.03
N LEU A 240 -13.12 25.02 -48.94
CA LEU A 240 -12.17 23.99 -48.54
C LEU A 240 -10.97 24.60 -47.85
N SER A 241 -10.48 25.74 -48.34
CA SER A 241 -9.32 26.38 -47.71
C SER A 241 -9.63 26.79 -46.28
N GLU A 242 -10.81 27.35 -46.04
CA GLU A 242 -11.17 27.79 -44.69
C GLU A 242 -11.50 26.63 -43.77
N ARG A 243 -11.87 25.46 -44.32
CA ARG A 243 -11.93 24.25 -43.51
C ARG A 243 -10.56 23.90 -42.93
N LEU A 244 -9.52 23.95 -43.78
CA LEU A 244 -8.16 23.67 -43.30
C LEU A 244 -7.70 24.71 -42.29
N ALA A 245 -8.09 25.97 -42.49
CA ALA A 245 -7.81 26.99 -41.49
C ALA A 245 -8.52 26.71 -40.18
N LYS A 246 -9.79 26.31 -40.24
CA LYS A 246 -10.61 26.17 -39.04
C LYS A 246 -10.48 24.81 -38.37
N ASP A 247 -9.72 23.88 -38.97
CA ASP A 247 -9.38 22.64 -38.31
C ASP A 247 -8.44 22.92 -37.14
N GLU A 248 -8.94 22.75 -35.91
CA GLU A 248 -8.18 23.12 -34.72
C GLU A 248 -7.11 22.10 -34.37
N GLY A 249 -7.21 20.87 -34.88
CA GLY A 249 -6.24 19.85 -34.56
C GLY A 249 -4.96 19.88 -35.37
N VAL A 250 -4.90 20.75 -36.38
CA VAL A 250 -3.72 20.80 -37.26
C VAL A 250 -2.46 21.20 -36.49
N PRO A 251 -2.45 22.28 -35.69
CA PRO A 251 -1.19 22.63 -35.00
C PRO A 251 -0.69 21.56 -34.04
N LYS A 252 -1.59 20.87 -33.35
CA LYS A 252 -1.16 19.78 -32.48
C LYS A 252 -0.66 18.59 -33.29
N THR A 253 -1.29 18.31 -34.43
CA THR A 253 -0.77 17.28 -35.32
C THR A 253 0.60 17.66 -35.87
N LEU A 254 0.79 18.93 -36.25
CA LEU A 254 2.07 19.37 -36.78
C LEU A 254 3.16 19.29 -35.72
N GLU A 255 2.83 19.64 -34.47
CA GLU A 255 3.79 19.49 -33.38
C GLU A 255 4.18 18.03 -33.19
N ALA A 256 3.20 17.11 -33.28
CA ALA A 256 3.52 15.70 -33.19
C ALA A 256 4.36 15.24 -34.38
N LEU A 257 4.05 15.72 -35.58
CA LEU A 257 4.82 15.35 -36.76
C LEU A 257 6.25 15.87 -36.67
N GLY A 258 6.42 17.10 -36.20
CA GLY A 258 7.77 17.63 -36.02
C GLY A 258 8.58 16.85 -35.01
N LEU A 259 7.96 16.49 -33.87
CA LEU A 259 8.67 15.76 -32.84
C LEU A 259 9.05 14.36 -33.32
N LEU A 260 8.14 13.69 -34.03
CA LEU A 260 8.43 12.35 -34.53
C LEU A 260 9.51 12.37 -35.62
N ASP A 261 9.59 13.46 -36.39
CA ASP A 261 10.71 13.63 -37.30
C ASP A 261 12.03 13.78 -36.55
N LEU A 262 12.04 14.58 -35.48
CA LEU A 262 13.27 14.75 -34.70
C LEU A 262 13.71 13.44 -34.07
N VAL A 263 12.77 12.68 -33.52
CA VAL A 263 13.12 11.45 -32.82
C VAL A 263 13.74 10.43 -33.78
N GLN A 264 13.12 10.28 -34.96
CA GLN A 264 13.67 9.37 -35.96
C GLN A 264 15.04 9.84 -36.44
N ALA A 265 15.22 11.15 -36.61
CA ALA A 265 16.53 11.67 -36.97
C ALA A 265 17.55 11.42 -35.87
N GLN A 266 17.14 11.56 -34.60
CA GLN A 266 18.02 11.22 -33.49
C GLN A 266 18.40 9.75 -33.51
N ALA A 267 17.47 8.88 -33.88
CA ALA A 267 17.78 7.46 -34.04
C ALA A 267 18.79 7.25 -35.16
N ALA A 268 18.65 7.98 -36.27
CA ALA A 268 19.58 7.83 -37.38
C ALA A 268 20.97 8.29 -37.00
N LEU A 269 21.07 9.38 -36.23
CA LEU A 269 22.37 9.85 -35.76
C LEU A 269 23.03 8.82 -34.85
N ALA A 270 22.24 8.18 -33.98
CA ALA A 270 22.76 7.10 -33.16
C ALA A 270 23.21 5.92 -34.01
N ARG A 271 22.45 5.59 -35.05
CA ARG A 271 22.81 4.48 -35.93
C ARG A 271 24.11 4.79 -36.66
N ASP A 272 24.24 5.99 -37.22
CA ASP A 272 25.37 6.30 -38.10
C ASP A 272 26.65 6.50 -37.31
N LEU A 273 26.59 7.20 -36.18
CA LEU A 273 27.77 7.59 -35.44
C LEU A 273 28.16 6.59 -34.36
N GLY A 274 27.46 5.47 -34.26
CA GLY A 274 27.76 4.47 -33.26
C GLY A 274 27.52 4.93 -31.84
N LEU A 275 26.38 5.56 -31.60
CA LEU A 275 26.05 6.13 -30.30
C LEU A 275 25.19 5.17 -29.49
N SER A 276 25.34 5.24 -28.18
CA SER A 276 24.56 4.43 -27.26
C SER A 276 23.80 5.33 -26.28
N ARG A 277 22.74 4.78 -25.70
CA ARG A 277 21.89 5.55 -24.80
C ARG A 277 22.58 5.75 -23.47
N PRO A 278 22.79 6.99 -23.02
CA PRO A 278 23.33 7.20 -21.67
C PRO A 278 22.31 6.88 -20.60
N ALA A 279 22.81 6.50 -19.44
CA ALA A 279 22.04 6.50 -18.20
C ALA A 279 22.62 7.52 -17.23
N PHE A 280 21.75 8.12 -16.43
CA PHE A 280 22.12 9.20 -15.53
C PHE A 280 22.22 8.69 -14.09
N GLY A 281 23.15 9.28 -13.36
CA GLY A 281 23.37 8.89 -11.98
C GLY A 281 24.13 9.96 -11.22
N GLU A 282 24.79 9.53 -10.15
CA GLU A 282 25.50 10.43 -9.26
C GLU A 282 26.97 10.59 -9.60
N ARG A 283 27.43 9.94 -10.68
CA ARG A 283 28.85 9.91 -11.00
C ARG A 283 29.02 9.72 -12.50
N TYR A 284 30.23 9.98 -12.98
CA TYR A 284 30.60 9.72 -14.37
C TYR A 284 31.31 8.38 -14.47
N GLU A 285 30.86 7.55 -15.42
CA GLU A 285 31.60 6.35 -15.80
C GLU A 285 31.33 6.09 -17.27
N LEU A 286 32.37 6.19 -18.10
CA LEU A 286 32.27 5.97 -19.53
C LEU A 286 33.15 4.80 -19.93
N TYR A 287 32.59 3.86 -20.68
CA TYR A 287 33.31 2.69 -21.16
C TYR A 287 33.41 2.76 -22.68
N ARG A 288 34.65 2.83 -23.19
CA ARG A 288 34.91 2.94 -24.63
C ARG A 288 34.19 4.15 -25.23
N ALA A 289 34.43 5.31 -24.65
CA ALA A 289 33.96 6.57 -25.20
C ALA A 289 34.92 7.11 -26.26
N PHE A 290 34.38 7.96 -27.14
CA PHE A 290 35.15 8.53 -28.23
C PHE A 290 34.52 9.86 -28.63
N HIS A 291 35.26 10.63 -29.42
CA HIS A 291 34.72 11.86 -30.00
C HIS A 291 33.97 11.53 -31.29
N PRO A 292 32.67 11.83 -31.37
CA PRO A 292 31.89 11.35 -32.52
C PRO A 292 32.24 12.03 -33.83
N LEU A 293 32.87 13.20 -33.79
CA LEU A 293 33.20 13.94 -35.00
C LEU A 293 34.57 13.58 -35.56
N ILE A 294 35.34 12.75 -34.87
CA ILE A 294 36.63 12.29 -35.35
C ILE A 294 36.41 10.97 -36.08
N PRO A 295 36.74 10.86 -37.36
CA PRO A 295 36.68 9.55 -38.03
C PRO A 295 37.68 8.58 -37.45
N ASP A 296 37.27 7.31 -37.39
CA ASP A 296 38.09 6.23 -36.81
C ASP A 296 38.55 6.59 -35.39
N ALA A 297 37.65 7.19 -34.63
CA ALA A 297 38.00 7.65 -33.29
C ALA A 297 38.28 6.47 -32.37
N VAL A 298 39.30 6.62 -31.53
CA VAL A 298 39.81 5.52 -30.70
C VAL A 298 39.17 5.61 -29.32
N ARG A 299 38.80 4.46 -28.78
CA ARG A 299 37.97 4.40 -27.59
C ARG A 299 38.83 4.43 -26.34
N ASN A 300 38.44 5.25 -25.37
CA ASN A 300 39.07 5.27 -24.06
C ASN A 300 38.01 5.22 -22.97
N SER A 301 38.37 4.62 -21.84
CA SER A 301 37.47 4.46 -20.70
C SER A 301 38.03 5.19 -19.49
N PHE A 302 37.15 5.86 -18.76
CA PHE A 302 37.54 6.59 -17.55
C PHE A 302 36.29 6.82 -16.71
N ALA A 303 36.51 7.21 -15.46
CA ALA A 303 35.43 7.42 -14.51
C ALA A 303 35.72 8.66 -13.67
N LEU A 304 34.65 9.31 -13.23
CA LEU A 304 34.73 10.37 -12.23
C LEU A 304 33.62 10.17 -11.21
N ASP A 305 33.99 10.15 -9.93
CA ASP A 305 33.02 10.03 -8.84
C ASP A 305 33.43 10.99 -7.72
N GLU A 306 32.79 10.84 -6.56
CA GLU A 306 33.05 11.76 -5.45
C GLU A 306 34.41 11.51 -4.82
N LYS A 307 34.89 10.26 -4.84
CA LYS A 307 36.20 9.96 -4.28
C LYS A 307 37.31 10.54 -5.14
N ASN A 308 37.22 10.38 -6.46
CA ASN A 308 38.17 10.95 -7.41
C ASN A 308 37.41 11.91 -8.31
N ARG A 309 37.46 13.21 -7.98
CA ARG A 309 36.60 14.18 -8.64
C ARG A 309 37.23 14.73 -9.93
N ILE A 310 38.55 14.95 -9.93
CA ILE A 310 39.23 15.56 -11.06
C ILE A 310 40.25 14.57 -11.60
N LEU A 311 40.26 14.40 -12.93
CA LEU A 311 41.28 13.61 -13.61
C LEU A 311 42.30 14.56 -14.25
N LEU A 312 43.56 14.39 -13.89
CA LEU A 312 44.64 15.24 -14.38
C LEU A 312 45.47 14.44 -15.39
N ILE A 313 45.29 14.75 -16.66
CA ILE A 313 46.04 14.10 -17.73
C ILE A 313 47.34 14.88 -17.90
N SER A 314 48.37 14.46 -17.16
CA SER A 314 49.66 15.11 -17.19
C SER A 314 50.49 14.50 -18.32
N GLY A 315 50.68 15.26 -19.39
CA GLY A 315 51.39 14.77 -20.56
C GLY A 315 52.71 15.48 -20.75
N PRO A 316 53.55 14.94 -21.64
CA PRO A 316 54.03 15.74 -22.77
C PRO A 316 52.97 15.90 -23.84
N ASN A 317 53.01 17.06 -24.50
CA ASN A 317 51.81 17.81 -24.82
C ASN A 317 50.95 17.03 -25.81
N MET A 318 49.71 16.75 -25.40
CA MET A 318 48.66 16.21 -26.25
C MET A 318 49.13 14.98 -27.02
N GLY A 319 48.73 14.86 -28.28
CA GLY A 319 48.39 13.56 -28.83
C GLY A 319 47.06 13.01 -28.41
N GLY A 320 46.07 13.86 -28.16
CA GLY A 320 44.72 13.41 -27.84
C GLY A 320 44.17 13.93 -26.53
N LYS A 321 44.92 14.74 -25.78
CA LYS A 321 44.43 15.23 -24.50
C LYS A 321 43.24 16.18 -24.69
N THR A 322 43.37 17.12 -25.62
CA THR A 322 42.27 18.06 -25.88
C THR A 322 41.07 17.36 -26.50
N ALA A 323 41.29 16.34 -27.32
CA ALA A 323 40.19 15.58 -27.89
C ALA A 323 39.39 14.88 -26.79
N LEU A 324 40.08 14.33 -25.79
CA LEU A 324 39.38 13.66 -24.70
C LEU A 324 38.57 14.62 -23.86
N LEU A 325 39.04 15.86 -23.70
CA LEU A 325 38.22 16.91 -23.08
C LEU A 325 36.96 17.16 -23.88
N LYS A 326 37.09 17.33 -25.19
CA LYS A 326 35.93 17.54 -26.05
C LYS A 326 35.05 16.30 -26.16
N THR A 327 35.60 15.11 -25.90
CA THR A 327 34.79 13.91 -25.85
C THR A 327 33.84 13.93 -24.65
N LEU A 328 34.36 14.25 -23.46
CA LEU A 328 33.53 14.22 -22.27
C LEU A 328 32.51 15.35 -22.28
N GLY A 329 32.91 16.53 -22.74
CA GLY A 329 31.97 17.65 -22.77
C GLY A 329 30.84 17.45 -23.76
N LEU A 330 31.14 16.86 -24.92
CA LEU A 330 30.08 16.55 -25.87
C LEU A 330 29.11 15.51 -25.31
N ALA A 331 29.63 14.47 -24.65
CA ALA A 331 28.78 13.40 -24.17
C ALA A 331 27.77 13.90 -23.15
N VAL A 332 28.22 14.76 -22.22
CA VAL A 332 27.30 15.34 -21.25
C VAL A 332 26.32 16.27 -21.94
N LEU A 333 26.80 17.11 -22.86
CA LEU A 333 25.92 18.04 -23.55
C LEU A 333 24.90 17.32 -24.43
N MET A 334 25.33 16.28 -25.14
CA MET A 334 24.41 15.54 -26.00
C MET A 334 23.41 14.72 -25.18
N ALA A 335 23.84 14.20 -24.03
CA ALA A 335 22.90 13.51 -23.14
C ALA A 335 21.84 14.46 -22.60
N GLN A 336 22.24 15.66 -22.19
CA GLN A 336 21.29 16.61 -21.61
C GLN A 336 20.33 17.16 -22.63
N SER A 337 20.65 17.07 -23.92
CA SER A 337 19.78 17.53 -24.99
C SER A 337 18.96 16.40 -25.61
N GLY A 338 19.03 15.19 -25.04
CA GLY A 338 18.20 14.09 -25.49
C GLY A 338 18.81 13.23 -26.58
N LEU A 339 20.01 13.55 -27.05
CA LEU A 339 20.72 12.68 -27.97
C LEU A 339 21.34 11.51 -27.23
N PHE A 340 21.67 10.46 -27.99
CA PHE A 340 22.59 9.44 -27.50
C PHE A 340 24.02 9.97 -27.51
N VAL A 341 24.92 9.19 -26.91
CA VAL A 341 26.27 9.64 -26.60
C VAL A 341 27.26 8.65 -27.19
N ALA A 342 28.48 9.15 -27.43
CA ALA A 342 29.48 8.39 -28.18
C ALA A 342 30.27 7.53 -27.19
N ALA A 343 29.66 6.41 -26.81
CA ALA A 343 30.32 5.40 -25.99
C ALA A 343 29.60 4.07 -26.21
N GLU A 344 30.19 3.01 -25.66
CA GLU A 344 29.48 1.73 -25.59
C GLU A 344 28.58 1.67 -24.37
N LYS A 345 29.11 2.01 -23.19
CA LYS A 345 28.30 2.28 -22.01
C LYS A 345 28.70 3.62 -21.43
N ALA A 346 27.71 4.44 -21.08
CA ALA A 346 27.95 5.74 -20.47
C ALA A 346 27.05 5.89 -19.26
N LEU A 347 27.64 6.07 -18.08
CA LEU A 347 26.95 6.58 -16.90
C LEU A 347 27.45 7.99 -16.62
N LEU A 348 26.51 8.93 -16.55
CA LEU A 348 26.84 10.35 -16.50
C LEU A 348 26.13 10.99 -15.31
N ALA A 349 26.80 11.94 -14.67
CA ALA A 349 26.13 12.84 -13.75
C ALA A 349 25.36 13.91 -14.51
N TRP A 350 24.69 14.79 -13.77
CA TRP A 350 23.92 15.89 -14.34
C TRP A 350 24.47 17.20 -13.80
N PRO A 351 25.47 17.78 -14.45
CA PRO A 351 26.02 19.06 -13.96
C PRO A 351 25.02 20.20 -14.13
N ASP A 352 25.01 21.11 -13.15
CA ASP A 352 24.23 22.34 -13.28
C ASP A 352 24.76 23.22 -14.39
N ARG A 353 26.08 23.32 -14.53
CA ARG A 353 26.69 24.14 -15.56
C ARG A 353 28.01 23.50 -15.96
N VAL A 354 28.26 23.41 -17.27
CA VAL A 354 29.48 22.85 -17.80
C VAL A 354 30.42 23.98 -18.16
N TYR A 355 31.60 24.01 -17.54
CA TYR A 355 32.63 24.99 -17.83
C TYR A 355 33.74 24.34 -18.64
N ALA A 356 34.09 24.96 -19.76
CA ALA A 356 35.18 24.50 -20.61
C ALA A 356 36.16 25.63 -20.83
N ASP A 357 37.37 25.50 -20.28
CA ASP A 357 38.49 26.36 -20.65
C ASP A 357 39.28 25.65 -21.74
N ILE A 358 38.90 25.92 -22.99
CA ILE A 358 39.56 25.34 -24.16
C ILE A 358 39.85 26.46 -25.16
N GLY A 359 41.05 26.47 -25.71
CA GLY A 359 41.43 27.44 -26.72
C GLY A 359 40.71 27.26 -28.04
N GLU A 366 49.94 29.17 -28.18
CA GLU A 366 50.23 28.83 -26.79
C GLU A 366 51.31 29.74 -26.22
N ASN A 367 50.90 30.94 -25.78
CA ASN A 367 51.83 32.01 -25.45
C ASN A 367 51.28 32.76 -24.25
N LEU A 368 51.85 33.94 -24.00
CA LEU A 368 51.53 34.67 -22.76
C LEU A 368 50.12 35.23 -22.81
N SER A 369 49.66 35.68 -23.98
CA SER A 369 48.34 36.27 -24.09
C SER A 369 47.24 35.23 -24.31
N THR A 370 47.59 34.03 -24.79
CA THR A 370 46.66 32.91 -24.70
C THR A 370 46.53 32.38 -23.28
N PHE A 371 47.60 32.48 -22.49
CA PHE A 371 47.51 32.19 -21.06
C PHE A 371 46.56 33.14 -20.36
N ALA A 372 46.55 34.42 -20.77
CA ALA A 372 45.63 35.38 -20.19
C ALA A 372 44.18 35.02 -20.51
N GLY A 373 43.92 34.56 -21.72
CA GLY A 373 42.58 34.09 -22.05
C GLY A 373 42.16 32.87 -21.24
N HIS A 374 43.11 31.99 -20.93
CA HIS A 374 42.80 30.84 -20.07
C HIS A 374 42.41 31.29 -18.67
N LEU A 375 43.06 32.34 -18.15
CA LEU A 375 42.80 32.76 -16.77
C LEU A 375 41.40 33.33 -16.61
N ARG A 376 40.85 33.95 -17.65
CA ARG A 376 39.50 34.50 -17.57
C ARG A 376 38.48 33.41 -17.34
N ARG A 377 38.53 32.35 -18.14
CA ARG A 377 37.56 31.26 -17.99
C ARG A 377 37.80 30.46 -16.73
N LEU A 378 39.06 30.36 -16.29
CA LEU A 378 39.33 29.84 -14.95
C LEU A 378 38.75 30.74 -13.87
N ARG A 379 38.79 32.07 -14.08
CA ARG A 379 38.31 33.00 -13.06
C ARG A 379 36.80 32.88 -12.86
N GLU A 380 36.05 32.80 -13.96
CA GLU A 380 34.63 32.47 -13.85
C GLU A 380 34.45 31.07 -13.25
N MET A 381 35.34 30.14 -13.59
CA MET A 381 35.28 28.81 -12.99
C MET A 381 35.49 28.85 -11.49
N LEU A 382 36.45 29.65 -11.03
CA LEU A 382 36.70 29.77 -9.59
C LEU A 382 35.51 30.40 -8.88
N GLU A 383 34.91 31.43 -9.46
CA GLU A 383 33.94 32.24 -8.74
C GLU A 383 32.60 31.52 -8.59
N GLU A 384 32.16 30.82 -9.64
CA GLU A 384 30.74 30.52 -9.82
C GLU A 384 30.44 29.04 -10.00
N ALA A 385 31.44 28.20 -10.28
CA ALA A 385 31.23 26.77 -10.32
C ALA A 385 30.94 26.23 -8.92
N THR A 386 30.13 25.19 -8.87
CA THR A 386 29.67 24.59 -7.62
C THR A 386 30.13 23.14 -7.54
N SER A 387 29.75 22.47 -6.46
CA SER A 387 30.04 21.05 -6.31
C SER A 387 29.30 20.20 -7.33
N HIS A 388 28.25 20.73 -7.95
CA HIS A 388 27.52 20.02 -8.98
C HIS A 388 28.04 20.27 -10.39
N SER A 389 29.06 21.12 -10.54
CA SER A 389 29.48 21.58 -11.86
C SER A 389 30.43 20.58 -12.51
N LEU A 390 30.69 20.80 -13.79
CA LEU A 390 31.65 19.99 -14.55
C LEU A 390 32.63 20.93 -15.24
N VAL A 391 33.93 20.72 -15.00
CA VAL A 391 34.97 21.61 -15.47
C VAL A 391 35.84 20.86 -16.47
N LEU A 392 36.19 21.55 -17.56
CA LEU A 392 37.11 21.01 -18.56
C LEU A 392 38.20 22.05 -18.81
N ILE A 393 39.41 21.77 -18.33
CA ILE A 393 40.49 22.75 -18.34
C ILE A 393 41.61 22.20 -19.21
N ASP A 394 42.03 22.99 -20.19
CA ASP A 394 43.01 22.58 -21.18
C ASP A 394 44.28 23.39 -21.01
N GLU A 395 45.43 22.70 -21.09
CA GLU A 395 46.73 23.34 -21.24
C GLU A 395 47.04 24.22 -20.03
N LEU A 396 46.81 23.68 -18.84
CA LEU A 396 46.81 24.48 -17.62
C LEU A 396 48.24 24.87 -17.25
N GLY A 397 48.48 26.17 -17.07
CA GLY A 397 49.79 26.66 -16.73
C GLY A 397 50.73 26.84 -17.90
N SER A 398 50.33 26.44 -19.11
CA SER A 398 51.18 26.62 -20.28
C SER A 398 51.12 28.06 -20.76
N GLY A 399 52.16 28.45 -21.51
CA GLY A 399 52.25 29.78 -22.07
C GLY A 399 52.77 30.84 -21.14
N THR A 400 53.13 30.49 -19.90
CA THR A 400 53.65 31.47 -18.96
C THR A 400 54.94 30.96 -18.32
N ASP A 401 55.42 31.66 -17.30
CA ASP A 401 56.60 31.24 -16.58
C ASP A 401 56.35 29.87 -15.94
N PRO A 402 57.15 28.85 -16.26
CA PRO A 402 56.88 27.52 -15.71
C PRO A 402 56.99 27.42 -14.21
N GLU A 403 57.69 28.36 -13.56
CA GLU A 403 57.85 28.30 -12.11
C GLU A 403 56.62 28.84 -11.40
N GLU A 404 56.28 30.10 -11.63
CA GLU A 404 55.05 30.67 -11.08
C GLU A 404 53.80 30.09 -11.73
N GLY A 405 53.92 29.56 -12.96
CA GLY A 405 52.77 28.95 -13.61
C GLY A 405 52.31 27.69 -12.90
N ALA A 406 53.26 26.84 -12.48
CA ALA A 406 52.89 25.67 -11.68
C ALA A 406 52.37 26.07 -10.31
N ALA A 407 52.96 27.12 -9.72
CA ALA A 407 52.49 27.58 -8.41
C ALA A 407 51.06 28.12 -8.49
N LEU A 408 50.75 28.88 -9.55
CA LEU A 408 49.38 29.33 -9.75
C LEU A 408 48.44 28.16 -10.05
N SER A 409 48.87 27.23 -10.90
CA SER A 409 47.98 26.15 -11.34
C SER A 409 47.64 25.21 -10.20
N GLN A 410 48.61 24.92 -9.33
CA GLN A 410 48.34 24.05 -8.19
C GLN A 410 47.32 24.67 -7.24
N ALA A 411 47.42 25.98 -7.00
CA ALA A 411 46.46 26.65 -6.14
C ALA A 411 45.07 26.65 -6.76
N ILE A 412 44.98 26.85 -8.08
CA ILE A 412 43.68 26.81 -8.74
C ILE A 412 43.09 25.41 -8.68
N LEU A 413 43.91 24.38 -8.87
CA LEU A 413 43.41 23.01 -8.84
C LEU A 413 42.85 22.66 -7.46
N GLU A 414 43.56 23.01 -6.39
CA GLU A 414 43.14 22.65 -5.05
C GLU A 414 42.06 23.58 -4.51
N ALA A 415 41.82 24.72 -5.15
CA ALA A 415 40.58 25.46 -4.92
C ALA A 415 39.40 24.78 -5.59
N LEU A 416 39.61 24.18 -6.77
CA LEU A 416 38.55 23.41 -7.41
C LEU A 416 38.33 22.06 -6.72
N LEU A 417 39.40 21.45 -6.20
CA LEU A 417 39.24 20.29 -5.33
C LEU A 417 38.49 20.66 -4.05
N GLU A 418 38.78 21.83 -3.49
CA GLU A 418 38.05 22.30 -2.32
C GLU A 418 36.59 22.58 -2.63
N ARG A 419 36.27 22.92 -3.88
CA ARG A 419 34.88 23.13 -4.27
C ARG A 419 34.09 21.83 -4.23
N GLY A 420 34.70 20.72 -4.62
CA GLY A 420 33.98 19.50 -4.92
C GLY A 420 33.60 19.31 -6.37
N VAL A 421 34.15 20.09 -7.28
CA VAL A 421 33.76 20.02 -8.69
C VAL A 421 34.40 18.80 -9.33
N LYS A 422 33.84 18.38 -10.48
CA LYS A 422 34.31 17.22 -11.21
C LYS A 422 34.71 17.63 -12.63
N GLY A 423 35.65 16.88 -13.19
CA GLY A 423 35.97 17.02 -14.60
C GLY A 423 37.40 16.58 -14.86
N MET A 424 37.94 17.05 -15.99
CA MET A 424 39.28 16.67 -16.42
C MET A 424 40.12 17.91 -16.65
N VAL A 425 41.40 17.82 -16.30
CA VAL A 425 42.37 18.88 -16.53
C VAL A 425 43.59 18.29 -17.23
N THR A 426 44.10 19.01 -18.23
CA THR A 426 45.31 18.63 -18.93
C THR A 426 46.39 19.67 -18.70
N THR A 427 47.62 19.21 -18.47
CA THR A 427 48.77 20.09 -18.37
C THR A 427 50.02 19.30 -18.76
N HIS A 428 51.11 20.02 -18.99
CA HIS A 428 52.43 19.40 -19.15
C HIS A 428 53.43 19.87 -18.10
N LEU A 429 52.99 20.59 -17.07
CA LEU A 429 53.90 21.10 -16.05
C LEU A 429 54.29 19.97 -15.10
N SER A 430 55.59 19.77 -14.93
CA SER A 430 56.08 18.64 -14.15
C SER A 430 55.64 18.66 -12.69
N PRO A 431 55.67 19.78 -11.95
CA PRO A 431 55.26 19.73 -10.54
C PRO A 431 53.84 19.25 -10.33
N LEU A 432 52.95 19.44 -11.31
CA LEU A 432 51.54 19.11 -11.10
C LEU A 432 51.30 17.61 -11.10
N LYS A 433 52.12 16.85 -11.83
CA LYS A 433 51.93 15.40 -11.86
C LYS A 433 52.32 14.76 -10.52
N ALA A 434 53.30 15.33 -9.81
CA ALA A 434 53.59 14.90 -8.46
C ALA A 434 52.55 15.40 -7.46
N PHE A 435 51.94 16.56 -7.74
CA PHE A 435 50.87 17.04 -6.87
C PHE A 435 49.67 16.10 -6.89
N ALA A 436 49.29 15.61 -8.08
CA ALA A 436 48.10 14.78 -8.19
C ALA A 436 48.30 13.42 -7.50
N GLN A 437 49.51 12.86 -7.59
CA GLN A 437 49.78 11.58 -6.95
C GLN A 437 49.75 11.69 -5.43
N GLY A 438 50.06 12.88 -4.89
CA GLY A 438 50.11 13.05 -3.46
C GLY A 438 48.90 13.76 -2.88
N ARG A 439 47.77 13.65 -3.58
CA ARG A 439 46.58 14.43 -3.25
C ARG A 439 45.35 13.53 -3.38
N GLU A 440 44.40 13.71 -2.45
CA GLU A 440 43.11 13.06 -2.58
C GLU A 440 42.27 13.74 -3.67
N GLY A 441 41.39 12.96 -4.28
CA GLY A 441 40.37 13.50 -5.16
C GLY A 441 40.84 13.85 -6.55
N ILE A 442 42.12 13.65 -6.86
CA ILE A 442 42.66 13.88 -8.19
C ILE A 442 43.61 12.74 -8.53
N GLN A 443 43.42 12.15 -9.71
CA GLN A 443 44.28 11.07 -10.19
C GLN A 443 45.01 11.51 -11.46
N ASN A 444 46.22 11.00 -11.64
CA ASN A 444 46.99 11.28 -12.84
C ASN A 444 46.57 10.37 -13.99
N ALA A 445 46.74 10.87 -15.21
CA ALA A 445 46.63 10.06 -16.41
C ALA A 445 47.58 10.61 -17.46
N SER A 446 47.66 9.91 -18.58
CA SER A 446 48.57 10.29 -19.66
C SER A 446 48.09 9.67 -20.97
N MET A 447 48.76 10.02 -22.05
CA MET A 447 48.51 9.45 -23.37
C MET A 447 49.73 8.64 -23.80
N ARG A 448 49.51 7.39 -24.18
CA ARG A 448 50.60 6.54 -24.65
C ARG A 448 51.08 7.00 -26.01
N PHE A 449 52.39 7.11 -26.17
CA PHE A 449 53.01 7.54 -27.41
C PHE A 449 53.77 6.37 -28.04
N ASP A 450 53.56 6.17 -29.34
CA ASP A 450 54.19 5.08 -30.07
C ASP A 450 55.60 5.50 -30.48
N LEU A 451 56.62 4.94 -29.82
CA LEU A 451 57.99 5.32 -30.14
C LEU A 451 58.42 4.78 -31.50
N GLU A 452 57.98 3.59 -31.86
CA GLU A 452 58.46 2.96 -33.10
C GLU A 452 58.01 3.76 -34.32
N ALA A 453 56.77 4.24 -34.32
CA ALA A 453 56.23 5.00 -35.44
C ALA A 453 56.32 6.51 -35.24
N LEU A 454 56.66 6.97 -34.04
CA LEU A 454 56.70 8.39 -33.71
C LEU A 454 55.36 9.07 -34.03
N ARG A 455 54.28 8.41 -33.65
CA ARG A 455 52.95 9.01 -33.67
C ARG A 455 52.26 8.78 -32.34
N PRO A 456 51.40 9.73 -31.92
CA PRO A 456 50.55 9.47 -30.75
C PRO A 456 49.52 8.38 -31.05
N THR A 457 49.23 7.58 -30.03
CA THR A 457 48.19 6.55 -30.12
C THR A 457 46.82 7.06 -29.68
N TYR A 458 46.74 8.25 -29.10
CA TYR A 458 45.48 8.83 -28.63
C TYR A 458 44.79 7.91 -27.62
N GLU A 459 45.59 7.25 -26.78
CA GLU A 459 45.08 6.25 -25.85
C GLU A 459 45.38 6.70 -24.42
N LEU A 460 44.35 6.68 -23.57
CA LEU A 460 44.49 7.12 -22.19
C LEU A 460 45.12 6.02 -21.35
N VAL A 461 46.09 6.39 -20.53
CA VAL A 461 46.73 5.47 -19.59
C VAL A 461 46.40 5.94 -18.18
N LEU A 462 45.64 5.12 -17.45
CA LEU A 462 45.05 5.53 -16.18
C LEU A 462 46.07 5.27 -15.08
N GLY A 463 46.88 6.30 -14.79
CA GLY A 463 47.61 6.38 -13.54
C GLY A 463 49.09 6.66 -13.73
N VAL A 464 49.68 6.12 -14.78
CA VAL A 464 51.07 6.44 -15.12
C VAL A 464 51.10 7.81 -15.78
N PRO A 465 51.81 8.80 -15.20
CA PRO A 465 51.87 10.15 -15.76
C PRO A 465 52.61 10.22 -17.08
N SER A 468 60.84 10.49 -19.38
CA SER A 468 59.69 10.21 -20.23
C SER A 468 60.15 9.95 -21.67
N TYR A 469 59.58 10.71 -22.60
CA TYR A 469 60.05 10.72 -23.99
C TYR A 469 60.80 12.02 -24.26
N ALA A 470 62.01 11.90 -24.80
CA ALA A 470 62.80 13.02 -25.31
C ALA A 470 64.12 12.50 -25.86
N LEU A 471 65.01 12.08 -24.96
CA LEU A 471 66.18 11.30 -25.36
C LEU A 471 65.75 10.03 -26.08
N ALA A 472 64.66 9.41 -25.65
CA ALA A 472 64.17 8.21 -26.34
C ALA A 472 63.80 8.50 -27.78
N ILE A 473 63.16 9.64 -28.03
CA ILE A 473 62.86 10.05 -29.39
C ILE A 473 64.13 10.45 -30.13
N ALA A 474 65.05 11.12 -29.43
CA ALA A 474 66.30 11.55 -30.07
C ALA A 474 67.15 10.37 -30.49
N ARG A 475 67.14 9.28 -29.70
CA ARG A 475 67.70 8.02 -30.17
C ARG A 475 67.06 7.57 -31.47
N ARG A 476 65.72 7.53 -31.51
CA ARG A 476 65.03 6.90 -32.63
C ARG A 476 65.22 7.70 -33.91
N LEU A 477 65.40 9.01 -33.80
CA LEU A 477 65.76 9.85 -34.94
C LEU A 477 67.26 9.88 -35.22
N ALA A 478 68.07 9.17 -34.43
CA ALA A 478 69.50 9.01 -34.69
C ALA A 478 70.22 10.36 -34.68
N LEU A 479 69.97 11.14 -33.64
CA LEU A 479 70.85 12.23 -33.29
C LEU A 479 72.21 11.69 -32.85
N PRO A 480 73.28 12.47 -33.03
CA PRO A 480 74.62 11.97 -32.69
C PRO A 480 74.71 11.56 -31.23
N GLU A 481 75.38 10.43 -31.00
CA GLU A 481 75.51 9.90 -29.64
C GLU A 481 76.40 10.76 -28.76
N GLU A 482 77.32 11.54 -29.36
CA GLU A 482 78.09 12.49 -28.57
C GLU A 482 77.20 13.57 -27.96
N VAL A 483 76.16 13.99 -28.69
CA VAL A 483 75.18 14.91 -28.11
C VAL A 483 74.41 14.24 -26.98
N LEU A 484 74.05 12.97 -27.15
CA LEU A 484 73.15 12.27 -26.24
C LEU A 484 73.91 11.44 -25.21
N LYS A 485 75.14 11.84 -24.89
CA LYS A 485 75.82 11.38 -23.69
C LYS A 485 75.74 12.38 -22.54
N ARG A 486 76.03 13.64 -22.81
CA ARG A 486 75.78 14.70 -21.84
C ARG A 486 74.29 15.00 -21.77
N ALA A 487 73.53 14.13 -21.14
CA ALA A 487 72.07 14.24 -21.07
C ALA A 487 71.50 13.29 -20.03
N MET B 1 -18.56 33.87 0.58
CA MET B 1 -19.06 32.49 0.60
C MET B 1 -17.92 31.53 0.88
N ARG B 2 -18.11 30.27 0.50
CA ARG B 2 -17.18 29.21 0.89
C ARG B 2 -15.85 29.39 0.17
N ASP B 3 -14.75 29.27 0.93
CA ASP B 3 -13.43 29.47 0.37
C ASP B 3 -13.08 28.33 -0.57
N VAL B 4 -12.64 28.66 -1.79
CA VAL B 4 -12.36 27.64 -2.79
C VAL B 4 -11.14 26.81 -2.42
N LEU B 5 -10.24 27.34 -1.59
CA LEU B 5 -9.15 26.53 -1.07
C LEU B 5 -9.66 25.38 -0.21
N GLU B 6 -10.67 25.65 0.62
CA GLU B 6 -11.14 24.63 1.55
C GLU B 6 -11.90 23.51 0.82
N VAL B 7 -12.72 23.87 -0.16
CA VAL B 7 -13.48 22.86 -0.88
C VAL B 7 -12.58 22.01 -1.76
N LEU B 8 -11.48 22.59 -2.26
CA LEU B 8 -10.56 21.88 -3.13
C LEU B 8 -9.49 21.12 -2.37
N GLU B 9 -9.64 20.97 -1.05
CA GLU B 9 -8.71 20.19 -0.22
C GLU B 9 -7.29 20.73 -0.31
N PHE B 10 -7.16 22.05 -0.45
CA PHE B 10 -5.84 22.69 -0.37
C PHE B 10 -5.13 22.45 0.96
N PRO B 11 -5.78 22.55 2.14
CA PRO B 11 -5.02 22.39 3.39
C PRO B 11 -4.39 21.01 3.56
N ARG B 12 -4.84 20.00 2.81
CA ARG B 12 -4.08 18.75 2.73
C ARG B 12 -2.71 18.98 2.09
N VAL B 13 -2.65 19.84 1.07
CA VAL B 13 -1.38 20.12 0.41
C VAL B 13 -0.42 20.84 1.36
N ARG B 14 -0.96 21.72 2.21
CA ARG B 14 -0.16 22.33 3.27
C ARG B 14 0.40 21.27 4.21
N ALA B 15 -0.41 20.27 4.55
CA ALA B 15 0.05 19.20 5.44
C ALA B 15 1.19 18.42 4.80
N LEU B 16 1.08 18.09 3.51
CA LEU B 16 2.17 17.44 2.81
C LEU B 16 3.38 18.35 2.70
N LEU B 17 3.16 19.64 2.45
CA LEU B 17 4.27 20.59 2.38
C LEU B 17 4.95 20.73 3.73
N ALA B 18 4.17 20.77 4.82
CA ALA B 18 4.75 20.99 6.14
C ALA B 18 5.47 19.75 6.67
N GLU B 19 5.20 18.57 6.10
CA GLU B 19 5.99 17.39 6.42
C GLU B 19 7.45 17.57 6.02
N ARG B 20 7.73 18.39 5.01
CA ARG B 20 9.05 18.48 4.40
C ARG B 20 9.83 19.70 4.88
N ALA B 21 9.32 20.42 5.87
CA ALA B 21 10.03 21.54 6.47
C ALA B 21 11.00 21.05 7.54
N LYS B 22 12.22 21.60 7.51
CA LYS B 22 13.21 21.26 8.53
C LYS B 22 12.93 21.94 9.86
N THR B 23 12.48 23.19 9.82
CA THR B 23 12.35 24.03 11.00
C THR B 23 10.87 24.27 11.32
N PRO B 24 10.56 24.61 12.57
CA PRO B 24 9.21 25.10 12.87
C PRO B 24 8.80 26.30 12.03
N LEU B 25 9.74 27.19 11.71
CA LEU B 25 9.40 28.40 10.97
C LEU B 25 8.90 28.07 9.56
N GLY B 26 9.62 27.19 8.86
CA GLY B 26 9.17 26.75 7.54
C GLY B 26 7.87 25.97 7.59
N ARG B 27 7.65 25.20 8.67
CA ARG B 27 6.38 24.54 8.86
C ARG B 27 5.25 25.56 9.02
N GLU B 28 5.50 26.65 9.73
CA GLU B 28 4.46 27.65 9.97
C GLU B 28 4.04 28.33 8.69
N LEU B 29 5.01 28.70 7.84
CA LEU B 29 4.68 29.34 6.57
C LEU B 29 3.95 28.39 5.64
N ALA B 30 4.33 27.11 5.65
CA ALA B 30 3.65 26.13 4.80
C ALA B 30 2.19 25.97 5.18
N LEU B 31 1.89 25.92 6.49
CA LEU B 31 0.52 25.76 6.93
C LEU B 31 -0.30 27.03 6.76
N ALA B 32 0.35 28.17 6.55
CA ALA B 32 -0.33 29.42 6.25
C ALA B 32 -0.29 29.78 4.78
N LEU B 33 0.19 28.88 3.92
CA LEU B 33 0.48 29.24 2.54
C LEU B 33 -0.81 29.51 1.77
N ALA B 34 -0.86 30.67 1.13
CA ALA B 34 -2.04 31.17 0.44
C ALA B 34 -1.63 31.68 -0.93
N PRO B 35 -2.57 31.76 -1.86
CA PRO B 35 -2.25 32.34 -3.18
C PRO B 35 -1.77 33.78 -3.06
N LEU B 36 -0.87 34.15 -3.95
CA LEU B 36 0.02 35.29 -3.79
C LEU B 36 -0.25 36.31 -4.89
N PRO B 37 0.19 37.55 -4.72
CA PRO B 37 0.33 38.44 -5.87
C PRO B 37 1.32 37.87 -6.88
N ARG B 38 1.04 38.14 -8.16
CA ARG B 38 1.58 37.30 -9.24
C ARG B 38 3.10 37.39 -9.29
N GLU B 39 3.65 38.59 -9.07
CA GLU B 39 5.09 38.78 -9.18
C GLU B 39 5.85 37.94 -8.16
N GLU B 40 5.35 37.91 -6.92
CA GLU B 40 5.98 37.08 -5.90
C GLU B 40 5.68 35.60 -6.09
N ALA B 41 4.54 35.27 -6.71
CA ALA B 41 4.24 33.87 -7.01
C ALA B 41 5.25 33.30 -8.00
N GLU B 42 5.62 34.06 -9.03
CA GLU B 42 6.61 33.59 -9.97
C GLU B 42 8.00 33.54 -9.35
N LYS B 43 8.28 34.41 -8.38
CA LYS B 43 9.55 34.35 -7.67
C LYS B 43 9.69 33.05 -6.89
N ARG B 44 8.60 32.59 -6.28
CA ARG B 44 8.62 31.30 -5.60
C ARG B 44 8.88 30.16 -6.57
N HIS B 45 8.33 30.26 -7.79
CA HIS B 45 8.62 29.26 -8.81
C HIS B 45 10.10 29.26 -9.18
N GLU B 46 10.71 30.43 -9.33
CA GLU B 46 12.15 30.51 -9.58
C GLU B 46 12.94 30.00 -8.39
N LEU B 47 12.52 30.35 -7.16
CA LEU B 47 13.18 29.83 -5.97
C LEU B 47 13.07 28.32 -5.89
N THR B 48 11.88 27.77 -6.20
CA THR B 48 11.69 26.33 -6.14
C THR B 48 12.59 25.62 -7.14
N GLY B 49 12.72 26.15 -8.36
CA GLY B 49 13.59 25.54 -9.34
C GLY B 49 15.05 25.60 -8.94
N GLU B 50 15.49 26.73 -8.39
CA GLU B 50 16.89 26.87 -8.02
C GLU B 50 17.25 25.98 -6.84
N ALA B 51 16.34 25.83 -5.88
CA ALA B 51 16.58 24.94 -4.75
C ALA B 51 16.63 23.48 -5.19
N LEU B 52 15.94 23.12 -6.27
CA LEU B 52 16.11 21.79 -6.85
C LEU B 52 17.53 21.59 -7.37
N SER B 53 18.10 22.61 -8.01
CA SER B 53 19.44 22.46 -8.59
C SER B 53 20.52 22.48 -7.52
N TYR B 54 20.35 23.31 -6.49
CA TYR B 54 21.34 23.48 -5.43
C TYR B 54 20.65 23.26 -4.09
N PRO B 55 20.55 22.02 -3.64
CA PRO B 55 20.07 21.78 -2.28
C PRO B 55 21.04 22.31 -1.23
N TYR B 56 20.47 22.71 -0.08
CA TYR B 56 21.24 23.35 0.97
C TYR B 56 20.72 22.90 2.32
N ALA B 57 21.64 22.77 3.28
CA ALA B 57 21.28 22.48 4.66
C ALA B 57 20.80 23.75 5.36
N LEU B 58 20.13 23.56 6.49
CA LEU B 58 19.49 24.66 7.21
C LEU B 58 19.91 24.65 8.67
N PRO B 59 20.13 25.82 9.26
CA PRO B 59 20.32 25.89 10.71
C PRO B 59 19.04 25.58 11.46
N GLU B 60 19.20 25.29 12.76
CA GLU B 60 18.05 25.07 13.62
C GLU B 60 17.37 26.40 13.93
N ALA B 61 16.42 26.80 13.09
CA ALA B 61 15.81 28.12 13.23
C ALA B 61 14.90 28.18 14.45
N GLY B 62 14.28 27.05 14.82
CA GLY B 62 13.40 27.04 15.96
C GLY B 62 14.12 27.33 17.27
N THR B 63 15.28 26.70 17.48
CA THR B 63 16.03 26.92 18.70
C THR B 63 16.62 28.32 18.76
N LEU B 64 17.05 28.85 17.60
CA LEU B 64 17.49 30.24 17.55
C LEU B 64 16.35 31.20 17.86
N ARG B 65 15.17 30.95 17.29
CA ARG B 65 14.02 31.82 17.56
C ARG B 65 13.62 31.76 19.03
N GLU B 66 13.61 30.56 19.61
CA GLU B 66 13.24 30.43 21.01
C GLU B 66 14.26 31.10 21.93
N ALA B 67 15.55 30.94 21.63
CA ALA B 67 16.57 31.57 22.46
C ALA B 67 16.52 33.09 22.35
N TYR B 68 16.30 33.61 21.13
CA TYR B 68 16.20 35.06 20.96
C TYR B 68 15.00 35.63 21.68
N GLY B 69 13.86 34.93 21.61
CA GLY B 69 12.66 35.42 22.27
C GLY B 69 12.79 35.42 23.79
N ARG B 70 13.37 34.36 24.35
CA ARG B 70 13.56 34.30 25.79
C ARG B 70 14.54 35.38 26.26
N ALA B 71 15.63 35.56 25.53
CA ALA B 71 16.60 36.61 25.88
C ALA B 71 15.97 37.99 25.75
N LEU B 72 15.16 38.20 24.71
CA LEU B 72 14.45 39.47 24.58
C LEU B 72 13.45 39.68 25.70
N ALA B 73 12.90 38.59 26.26
CA ALA B 73 12.03 38.68 27.41
C ALA B 73 12.77 39.02 28.69
N GLY B 74 14.11 39.03 28.67
CA GLY B 74 14.91 39.32 29.84
C GLY B 74 15.51 38.11 30.51
N ALA B 75 15.32 36.92 29.95
CA ALA B 75 15.81 35.70 30.59
C ALA B 75 17.32 35.60 30.45
N ARG B 76 17.94 34.91 31.41
CA ARG B 76 19.36 34.55 31.35
C ARG B 76 19.46 33.14 30.78
N LEU B 77 19.80 33.04 29.50
CA LEU B 77 19.95 31.74 28.86
C LEU B 77 21.14 30.98 29.44
N SER B 78 21.07 29.65 29.34
CA SER B 78 22.17 28.81 29.77
C SER B 78 23.29 28.83 28.73
N GLY B 79 24.36 28.11 29.02
CA GLY B 79 25.45 27.93 28.09
C GLY B 79 25.06 27.26 26.78
N PRO B 80 24.56 26.01 26.86
CA PRO B 80 24.33 25.25 25.62
C PRO B 80 23.37 25.91 24.66
N GLU B 81 22.31 26.57 25.16
CA GLU B 81 21.33 27.15 24.25
C GLU B 81 21.77 28.50 23.71
N LEU B 82 22.63 29.21 24.44
CA LEU B 82 23.42 30.27 23.81
C LEU B 82 24.34 29.72 22.74
N LEU B 83 24.97 28.57 23.00
CA LEU B 83 25.79 27.93 21.98
C LEU B 83 24.97 27.51 20.77
N LYS B 84 23.77 26.96 21.01
CA LYS B 84 22.90 26.56 19.90
C LYS B 84 22.47 27.77 19.08
N ALA B 85 22.10 28.86 19.75
CA ALA B 85 21.70 30.07 19.03
C ALA B 85 22.88 30.65 18.25
N ALA B 86 24.07 30.69 18.87
CA ALA B 86 25.25 31.17 18.18
C ALA B 86 25.62 30.27 17.01
N LYS B 87 25.53 28.95 17.20
CA LYS B 87 25.84 28.02 16.12
C LYS B 87 24.88 28.17 14.95
N ALA B 88 23.60 28.39 15.24
CA ALA B 88 22.61 28.58 14.18
C ALA B 88 22.92 29.83 13.36
N LEU B 89 23.30 30.92 14.03
CA LEU B 89 23.70 32.13 13.31
C LEU B 89 24.95 31.89 12.48
N GLU B 90 25.92 31.15 13.02
CA GLU B 90 27.14 30.87 12.27
C GLU B 90 26.84 30.02 11.04
N GLU B 91 25.97 29.03 11.17
CA GLU B 91 25.52 28.27 10.00
C GLU B 91 24.68 29.13 9.06
N ALA B 92 23.89 30.06 9.60
CA ALA B 92 23.10 30.95 8.75
C ALA B 92 23.99 31.85 7.92
N MET B 93 25.07 32.38 8.51
CA MET B 93 26.04 33.16 7.74
C MET B 93 26.81 32.29 6.75
N ALA B 94 27.09 31.04 7.12
CA ALA B 94 27.72 30.12 6.17
C ALA B 94 26.79 29.84 4.98
N LEU B 95 25.49 29.71 5.24
CA LEU B 95 24.54 29.52 4.15
C LEU B 95 24.48 30.74 3.24
N LYS B 96 24.58 31.93 3.82
CA LYS B 96 24.61 33.15 3.00
C LYS B 96 25.82 33.18 2.08
N GLU B 97 26.99 32.84 2.61
CA GLU B 97 28.19 32.75 1.78
C GLU B 97 28.15 31.57 0.81
N GLU B 98 27.36 30.54 1.12
CA GLU B 98 27.22 29.41 0.20
C GLU B 98 26.33 29.79 -0.99
N LEU B 99 25.25 30.54 -0.75
CA LEU B 99 24.25 30.80 -1.78
C LEU B 99 24.52 32.08 -2.54
N LEU B 100 25.30 33.00 -1.99
CA LEU B 100 25.56 34.27 -2.66
C LEU B 100 26.25 34.11 -4.01
N PRO B 101 27.29 33.29 -4.17
CA PRO B 101 27.91 33.15 -5.50
C PRO B 101 27.02 32.52 -6.55
N LEU B 102 25.88 31.94 -6.17
CA LEU B 102 24.92 31.47 -7.17
C LEU B 102 24.37 32.61 -8.00
N LYS B 103 24.24 33.80 -7.41
CA LYS B 103 23.86 35.02 -8.10
C LYS B 103 22.49 34.87 -8.78
N ASN B 104 21.50 34.52 -7.96
CA ASN B 104 20.16 34.22 -8.45
C ASN B 104 19.17 34.61 -7.35
N ALA B 105 17.94 34.11 -7.47
CA ALA B 105 16.90 34.46 -6.50
C ALA B 105 17.22 33.93 -5.11
N LEU B 106 17.88 32.78 -5.02
CA LEU B 106 18.34 32.29 -3.72
C LEU B 106 19.35 33.23 -3.08
N SER B 107 20.21 33.87 -3.90
CA SER B 107 21.17 34.82 -3.36
C SER B 107 20.47 36.03 -2.75
N GLN B 108 19.40 36.51 -3.38
CA GLN B 108 18.73 37.72 -2.91
C GLN B 108 17.96 37.47 -1.62
N VAL B 109 17.44 36.25 -1.44
CA VAL B 109 16.94 35.85 -0.12
C VAL B 109 18.09 35.74 0.88
N ALA B 110 19.26 35.28 0.42
CA ALA B 110 20.38 35.10 1.33
C ALA B 110 20.90 36.43 1.86
N GLU B 111 20.70 37.53 1.12
CA GLU B 111 21.16 38.83 1.56
C GLU B 111 20.34 39.40 2.73
N GLY B 112 19.23 38.76 3.09
CA GLY B 112 18.56 39.07 4.34
C GLY B 112 19.26 38.54 5.57
N ILE B 113 20.21 37.61 5.40
CA ILE B 113 20.96 37.10 6.54
C ILE B 113 21.93 38.18 7.02
N GLY B 114 21.86 38.49 8.31
CA GLY B 114 22.61 39.59 8.86
C GLY B 114 24.07 39.25 9.11
N ASP B 115 24.81 40.25 9.55
CA ASP B 115 26.19 40.08 10.00
C ASP B 115 26.19 39.96 11.52
N HIS B 116 26.29 38.73 12.02
CA HIS B 116 26.17 38.44 13.44
C HIS B 116 27.52 38.24 14.11
N THR B 117 28.61 38.63 13.45
CA THR B 117 29.94 38.39 14.00
C THR B 117 30.17 39.00 15.38
N PRO B 118 29.70 40.22 15.70
CA PRO B 118 29.94 40.72 17.07
C PRO B 118 29.40 39.80 18.16
N PHE B 119 28.23 39.19 17.94
CA PHE B 119 27.75 38.18 18.88
C PHE B 119 28.59 36.92 18.83
N LEU B 120 28.97 36.48 17.63
CA LEU B 120 29.68 35.21 17.49
C LEU B 120 31.06 35.27 18.16
N GLU B 121 31.78 36.37 17.97
CA GLU B 121 33.08 36.51 18.61
C GLU B 121 32.97 36.64 20.13
N ARG B 122 31.89 37.26 20.61
CA ARG B 122 31.65 37.30 22.06
C ARG B 122 31.40 35.89 22.60
N VAL B 123 30.62 35.09 21.87
CA VAL B 123 30.36 33.71 22.29
C VAL B 123 31.64 32.88 22.21
N ARG B 124 32.39 33.00 21.12
CA ARG B 124 33.51 32.10 20.88
C ARG B 124 34.66 32.34 21.86
N LYS B 125 34.81 33.58 22.34
CA LYS B 125 35.64 33.80 23.52
C LYS B 125 35.09 33.05 24.73
N ALA B 126 33.77 33.10 24.94
CA ALA B 126 33.24 32.91 26.28
C ALA B 126 33.12 31.43 26.64
N LEU B 127 32.51 30.64 25.75
CA LEU B 127 32.05 29.29 26.08
C LEU B 127 32.46 28.31 24.99
N ASP B 128 32.60 27.06 25.39
CA ASP B 128 33.28 26.06 24.57
C ASP B 128 32.26 25.31 23.70
N GLU B 129 32.70 24.20 23.11
CA GLU B 129 31.88 23.48 22.14
C GLU B 129 30.73 22.72 22.79
N GLU B 130 30.69 22.63 24.12
CA GLU B 130 29.56 22.05 24.83
C GLU B 130 28.78 23.08 25.65
N GLY B 131 29.17 24.35 25.59
CA GLY B 131 28.47 25.40 26.30
C GLY B 131 28.94 25.64 27.73
N ALA B 132 30.00 24.97 28.16
CA ALA B 132 30.67 25.36 29.41
C ALA B 132 31.44 26.67 29.22
N VAL B 133 31.32 27.55 30.20
CA VAL B 133 31.97 28.86 30.12
C VAL B 133 33.46 28.70 30.36
N LYS B 134 34.26 29.20 29.43
CA LYS B 134 35.70 29.03 29.51
C LYS B 134 36.29 29.86 30.65
N ASP B 135 37.52 29.52 31.02
CA ASP B 135 38.26 30.34 31.99
C ASP B 135 38.49 31.74 31.45
N GLU B 136 38.80 31.86 30.16
CA GLU B 136 39.21 33.12 29.58
C GLU B 136 38.05 34.07 29.28
N ALA B 137 36.82 33.69 29.67
CA ALA B 137 35.65 34.49 29.32
C ALA B 137 35.71 35.86 29.99
N SER B 138 36.13 35.92 31.24
CA SER B 138 36.49 37.16 31.90
C SER B 138 37.79 36.98 32.66
N PRO B 139 38.58 38.04 32.82
CA PRO B 139 39.77 37.94 33.69
C PRO B 139 39.44 37.62 35.14
N ARG B 140 38.27 38.01 35.63
CA ARG B 140 37.87 37.62 36.98
C ARG B 140 37.64 36.12 37.09
N LEU B 141 36.89 35.55 36.14
CA LEU B 141 36.64 34.12 36.17
C LEU B 141 37.92 33.32 35.98
N ALA B 142 38.86 33.84 35.18
CA ALA B 142 40.14 33.17 34.99
C ALA B 142 40.91 33.07 36.31
N GLN B 143 40.87 34.13 37.12
CA GLN B 143 41.53 34.09 38.42
C GLN B 143 40.82 33.13 39.36
N ILE B 144 39.48 33.10 39.33
CA ILE B 144 38.74 32.16 40.16
C ILE B 144 39.03 30.72 39.75
N ARG B 145 39.12 30.47 38.45
CA ARG B 145 39.39 29.12 37.96
C ARG B 145 40.77 28.64 38.39
N ARG B 146 41.77 29.52 38.33
CA ARG B 146 43.13 29.14 38.71
C ARG B 146 43.36 29.12 40.21
N GLU B 147 42.40 29.61 41.00
CA GLU B 147 42.31 29.18 42.39
C GLU B 147 41.70 27.79 42.52
N LEU B 148 40.74 27.44 41.65
CA LEU B 148 39.96 26.24 41.84
C LEU B 148 40.77 24.99 41.52
N ARG B 149 41.51 25.00 40.41
CA ARG B 149 42.16 23.78 39.94
C ARG B 149 43.22 23.26 40.91
N PRO B 150 44.16 24.07 41.42
CA PRO B 150 45.12 23.51 42.38
C PRO B 150 44.51 23.19 43.73
N LEU B 151 43.54 23.99 44.18
CA LEU B 151 42.89 23.70 45.46
C LEU B 151 42.16 22.37 45.41
N ARG B 152 41.41 22.12 44.32
CA ARG B 152 40.65 20.88 44.20
C ARG B 152 41.59 19.68 44.12
N GLN B 153 42.70 19.82 43.40
CA GLN B 153 43.72 18.77 43.39
C GLN B 153 44.31 18.56 44.78
N GLN B 154 44.56 19.66 45.51
CA GLN B 154 45.26 19.58 46.78
C GLN B 154 44.38 19.07 47.92
N ILE B 155 43.08 18.88 47.68
CA ILE B 155 42.24 18.23 48.68
C ILE B 155 42.66 16.77 48.88
N LEU B 156 43.04 16.11 47.79
CA LEU B 156 43.72 14.82 47.88
C LEU B 156 45.21 15.05 48.09
N ASP B 157 45.78 14.42 49.12
CA ASP B 157 45.73 14.82 50.52
C ASP B 157 44.53 14.26 51.30
N ARG B 158 43.67 13.45 50.69
CA ARG B 158 43.01 12.36 51.40
C ARG B 158 43.73 11.04 51.12
N LEU B 159 44.94 10.92 51.68
CA LEU B 159 45.54 9.63 51.98
C LEU B 159 46.14 9.68 53.37
N TYR B 160 45.74 8.79 54.29
CA TYR B 160 44.58 7.85 54.26
C TYR B 160 44.82 6.69 53.28
N ALA B 161 46.04 6.62 52.76
CA ALA B 161 46.76 5.35 52.60
C ALA B 161 47.24 4.78 53.92
N LEU B 162 47.11 5.52 55.03
CA LEU B 162 47.53 5.05 56.34
C LEU B 162 46.52 4.09 56.97
N MET B 163 45.31 4.01 56.45
CA MET B 163 44.18 3.41 57.15
C MET B 163 43.66 2.22 56.36
N ASP B 164 42.82 1.42 57.02
CA ASP B 164 41.83 0.58 56.34
C ASP B 164 40.52 0.66 57.13
N ARG B 165 39.59 1.49 56.65
CA ARG B 165 38.41 1.84 57.43
C ARG B 165 37.26 2.23 56.52
N ARG B 173 37.35 2.53 48.82
CA ARG B 173 38.64 2.98 48.33
C ARG B 173 38.50 4.27 47.52
N PHE B 174 37.26 4.61 47.17
CA PHE B 174 36.98 5.81 46.42
C PHE B 174 36.76 6.98 47.38
N VAL B 175 36.55 8.17 46.81
CA VAL B 175 36.58 9.40 47.59
C VAL B 175 35.21 10.07 47.69
N THR B 176 34.30 9.80 46.75
CA THR B 176 32.94 10.37 46.63
C THR B 176 32.85 11.87 46.95
N LEU B 177 31.62 12.36 47.11
CA LEU B 177 31.36 13.79 47.20
C LEU B 177 29.93 14.04 47.70
N ARG B 178 29.79 14.82 48.77
CA ARG B 178 28.48 15.10 49.37
C ARG B 178 28.35 16.59 49.62
N ARG B 179 27.25 17.18 49.14
CA ARG B 179 27.06 18.63 49.14
C ARG B 179 28.21 19.36 48.44
N GLU B 180 28.85 18.70 47.48
CA GLU B 180 30.11 19.16 46.89
C GLU B 180 31.14 19.46 47.97
N ARG B 181 31.14 18.65 49.02
CA ARG B 181 32.30 18.45 49.88
C ARG B 181 32.66 16.97 49.92
N TYR B 182 33.95 16.68 50.05
CA TYR B 182 34.52 15.52 49.40
C TYR B 182 34.35 14.25 50.21
N CYS B 183 34.57 14.30 51.51
CA CYS B 183 34.30 13.20 52.43
C CYS B 183 35.18 11.99 52.15
N VAL B 184 35.08 10.96 52.99
CA VAL B 184 35.53 9.61 52.64
C VAL B 184 34.55 8.60 53.19
N PRO B 185 34.39 7.47 52.48
CA PRO B 185 33.57 6.36 53.02
C PRO B 185 34.37 5.54 54.03
N VAL B 186 33.84 5.45 55.25
CA VAL B 186 34.32 4.47 56.21
C VAL B 186 33.16 3.69 56.82
N ILE B 197 37.03 1.82 62.62
CA ILE B 197 35.79 2.41 62.11
C ILE B 197 35.77 3.90 62.43
N LEU B 198 36.83 4.40 63.05
CA LEU B 198 37.10 5.84 63.07
C LEU B 198 38.60 6.07 62.90
N LEU B 199 38.96 6.79 61.84
CA LEU B 199 39.94 7.87 61.89
C LEU B 199 39.35 9.06 61.15
N ASP B 200 38.71 9.94 61.91
CA ASP B 200 37.94 11.06 61.38
C ASP B 200 37.71 12.04 62.52
N GLU B 201 37.35 13.29 62.16
CA GLU B 201 36.14 13.94 62.66
C GLU B 201 35.84 15.25 61.94
N SER B 202 34.56 15.65 61.88
CA SER B 202 33.40 14.79 61.62
C SER B 202 32.42 15.41 60.62
N GLU B 203 31.51 14.59 60.11
CA GLU B 203 30.71 14.87 58.92
C GLU B 203 29.77 13.67 58.78
N SER B 204 28.84 13.61 57.81
CA SER B 204 28.53 14.55 56.73
C SER B 204 27.07 14.34 56.45
N GLY B 205 26.64 14.62 55.22
CA GLY B 205 25.48 13.93 54.69
C GLY B 205 25.73 12.44 54.46
N ALA B 206 26.23 11.77 55.50
CA ALA B 206 26.52 10.34 55.47
C ALA B 206 25.27 9.53 55.21
N THR B 207 25.25 8.83 54.08
CA THR B 207 24.20 7.85 53.80
C THR B 207 24.47 6.57 54.57
N LEU B 208 23.81 5.48 54.22
CA LEU B 208 23.94 4.23 54.97
C LEU B 208 25.25 3.52 54.70
N PHE B 209 26.37 4.24 54.72
CA PHE B 209 27.51 3.93 55.59
C PHE B 209 28.44 5.12 55.81
N ILE B 210 28.31 5.84 56.93
CA ILE B 210 29.38 6.60 57.60
C ILE B 210 30.34 7.28 56.63
N GLU B 211 30.14 8.57 56.36
CA GLU B 211 30.94 9.31 55.37
C GLU B 211 31.44 10.64 55.96
N PRO B 212 32.41 10.60 56.86
CA PRO B 212 32.86 11.82 57.55
C PRO B 212 33.90 12.59 56.74
N PHE B 213 34.41 13.68 57.34
CA PHE B 213 35.10 14.70 56.56
C PHE B 213 36.63 14.56 56.58
N SER B 214 37.24 14.87 57.74
CA SER B 214 38.67 15.05 58.01
C SER B 214 39.01 16.52 58.20
N VAL B 215 39.59 17.15 57.17
CA VAL B 215 40.06 18.53 57.22
C VAL B 215 39.24 19.36 56.24
N VAL B 216 38.77 20.52 56.69
CA VAL B 216 37.52 21.08 56.18
C VAL B 216 37.74 22.53 55.76
N LYS B 217 38.86 23.11 56.17
CA LYS B 217 39.11 24.52 55.92
C LYS B 217 39.22 24.80 54.42
N LEU B 218 39.93 23.94 53.68
CA LEU B 218 40.05 24.09 52.24
C LEU B 218 38.79 23.70 51.49
N ASN B 219 37.95 22.84 52.07
CA ASN B 219 36.62 22.62 51.52
C ASN B 219 35.74 23.85 51.66
N ASN B 220 35.90 24.61 52.75
CA ASN B 220 35.24 25.91 52.85
C ASN B 220 35.72 26.85 51.76
N ARG B 221 37.03 26.86 51.49
CA ARG B 221 37.55 27.67 50.38
C ARG B 221 37.05 27.17 49.03
N LEU B 222 36.91 25.84 48.88
CA LEU B 222 36.38 25.30 47.64
C LEU B 222 34.95 25.76 47.40
N GLN B 223 34.11 25.73 48.44
CA GLN B 223 32.73 26.15 48.28
C GLN B 223 32.61 27.65 48.06
N ALA B 224 33.45 28.43 48.74
CA ALA B 224 33.46 29.88 48.54
C ALA B 224 33.87 30.23 47.12
N LEU B 225 34.85 29.52 46.56
CA LEU B 225 35.27 29.78 45.19
C LEU B 225 34.17 29.43 44.20
N ARG B 226 33.45 28.34 44.44
CA ARG B 226 32.35 27.97 43.54
C ARG B 226 31.25 29.02 43.53
N LEU B 227 30.92 29.56 44.70
CA LEU B 227 29.91 30.62 44.77
C LEU B 227 30.35 31.86 44.02
N LYS B 228 31.61 32.26 44.18
CA LYS B 228 32.15 33.36 43.38
C LYS B 228 32.27 32.97 41.91
N GLU B 229 32.57 31.71 41.62
CA GLU B 229 32.61 31.24 40.23
C GLU B 229 31.25 31.35 39.58
N GLU B 230 30.21 30.81 40.24
CA GLU B 230 28.88 30.79 39.64
C GLU B 230 28.33 32.20 39.47
N GLU B 231 28.57 33.07 40.45
CA GLU B 231 28.06 34.43 40.38
C GLU B 231 28.67 35.19 39.21
N GLU B 232 29.94 34.93 38.89
CA GLU B 232 30.56 35.50 37.71
C GLU B 232 30.05 34.84 36.43
N VAL B 233 29.89 33.51 36.45
CA VAL B 233 29.53 32.79 35.23
C VAL B 233 28.16 33.22 34.73
N ASN B 234 27.18 33.30 35.64
CA ASN B 234 25.86 33.77 35.28
C ASN B 234 25.87 35.23 34.84
N ARG B 235 26.78 36.03 35.41
CA ARG B 235 26.98 37.39 34.90
C ARG B 235 27.49 37.38 33.47
N ILE B 236 28.42 36.49 33.16
CA ILE B 236 28.90 36.35 31.78
C ILE B 236 27.77 35.88 30.87
N LEU B 237 26.98 34.90 31.33
CA LEU B 237 25.86 34.40 30.52
C LEU B 237 24.80 35.48 30.33
N ARG B 238 24.49 36.24 31.38
CA ARG B 238 23.46 37.26 31.28
C ARG B 238 23.89 38.40 30.36
N ASP B 239 25.18 38.74 30.34
CA ASP B 239 25.70 39.61 29.29
C ASP B 239 25.43 39.02 27.91
N LEU B 240 25.81 37.75 27.70
CA LEU B 240 25.67 37.14 26.38
C LEU B 240 24.21 37.04 25.98
N SER B 241 23.32 36.78 26.94
CA SER B 241 21.88 36.78 26.65
C SER B 241 21.42 38.15 26.19
N GLU B 242 21.89 39.22 26.85
CA GLU B 242 21.55 40.57 26.40
C GLU B 242 22.22 40.91 25.07
N ARG B 243 23.42 40.37 24.81
CA ARG B 243 24.05 40.57 23.52
C ARG B 243 23.20 40.01 22.39
N LEU B 244 22.60 38.84 22.60
CA LEU B 244 21.70 38.26 21.60
C LEU B 244 20.47 39.13 21.41
N ALA B 245 19.87 39.61 22.50
CA ALA B 245 18.64 40.39 22.39
C ALA B 245 18.90 41.72 21.69
N LYS B 246 20.01 42.38 22.01
CA LYS B 246 20.33 43.66 21.40
C LYS B 246 20.79 43.52 19.95
N ASP B 247 21.07 42.30 19.49
CA ASP B 247 21.36 42.06 18.08
C ASP B 247 20.13 42.34 17.23
N GLU B 248 20.26 43.30 16.31
CA GLU B 248 19.12 43.78 15.53
C GLU B 248 18.88 42.97 14.26
N GLY B 249 19.76 42.00 13.95
CA GLY B 249 19.68 41.29 12.70
C GLY B 249 19.03 39.93 12.81
N VAL B 250 18.75 39.49 14.04
CA VAL B 250 18.11 38.18 14.24
C VAL B 250 16.75 38.08 13.56
N PRO B 251 15.84 39.05 13.70
CA PRO B 251 14.54 38.91 13.00
C PRO B 251 14.66 38.80 11.50
N LYS B 252 15.60 39.52 10.87
CA LYS B 252 15.81 39.36 9.43
C LYS B 252 16.37 37.97 9.11
N THR B 253 17.33 37.50 9.92
CA THR B 253 17.91 36.18 9.67
C THR B 253 16.86 35.07 9.82
N LEU B 254 16.02 35.17 10.86
CA LEU B 254 15.04 34.12 11.11
C LEU B 254 14.04 34.01 9.97
N GLU B 255 13.53 35.15 9.49
CA GLU B 255 12.51 35.10 8.44
C GLU B 255 13.12 34.73 7.10
N ALA B 256 14.36 35.16 6.84
CA ALA B 256 15.06 34.70 5.65
C ALA B 256 15.30 33.19 5.70
N LEU B 257 15.71 32.68 6.85
CA LEU B 257 15.82 31.23 7.01
C LEU B 257 14.47 30.54 6.90
N GLY B 258 13.40 31.19 7.37
CA GLY B 258 12.07 30.61 7.21
C GLY B 258 11.65 30.52 5.75
N LEU B 259 11.93 31.56 4.97
CA LEU B 259 11.65 31.50 3.54
C LEU B 259 12.47 30.41 2.86
N LEU B 260 13.76 30.31 3.20
CA LEU B 260 14.61 29.29 2.60
C LEU B 260 14.15 27.88 2.98
N ASP B 261 13.67 27.71 4.21
CA ASP B 261 13.09 26.43 4.60
C ASP B 261 11.85 26.10 3.78
N LEU B 262 10.98 27.10 3.57
CA LEU B 262 9.77 26.88 2.76
C LEU B 262 10.14 26.50 1.33
N VAL B 263 11.12 27.19 0.75
CA VAL B 263 11.51 26.91 -0.63
C VAL B 263 12.10 25.50 -0.74
N GLN B 264 12.89 25.10 0.26
CA GLN B 264 13.38 23.73 0.30
C GLN B 264 12.24 22.72 0.33
N ALA B 265 11.21 22.99 1.14
CA ALA B 265 10.11 22.04 1.26
C ALA B 265 9.28 22.00 -0.02
N GLN B 266 9.11 23.14 -0.69
CA GLN B 266 8.41 23.16 -1.97
C GLN B 266 9.16 22.33 -3.02
N ALA B 267 10.50 22.47 -3.05
CA ALA B 267 11.29 21.66 -3.96
C ALA B 267 11.24 20.18 -3.59
N ALA B 268 11.24 19.88 -2.30
CA ALA B 268 11.03 18.50 -1.86
C ALA B 268 9.64 18.01 -2.24
N LEU B 269 8.64 18.87 -2.13
CA LEU B 269 7.29 18.52 -2.59
C LEU B 269 7.28 18.24 -4.09
N ALA B 270 8.05 19.01 -4.86
CA ALA B 270 8.03 18.86 -6.31
C ALA B 270 8.59 17.51 -6.74
N ARG B 271 9.62 17.02 -6.05
CA ARG B 271 10.11 15.67 -6.31
C ARG B 271 9.05 14.64 -5.94
N ASP B 272 8.57 14.67 -4.70
CA ASP B 272 7.87 13.52 -4.14
C ASP B 272 6.50 13.34 -4.78
N LEU B 273 5.84 14.44 -5.14
CA LEU B 273 4.57 14.39 -5.85
C LEU B 273 4.73 14.47 -7.36
N GLY B 274 5.96 14.59 -7.86
CA GLY B 274 6.18 14.66 -9.29
C GLY B 274 5.60 15.89 -9.94
N LEU B 275 5.80 17.06 -9.31
CA LEU B 275 5.25 18.30 -9.80
C LEU B 275 6.18 18.91 -10.86
N SER B 276 5.73 20.01 -11.46
CA SER B 276 6.54 20.71 -12.45
C SER B 276 6.19 22.19 -12.42
N ARG B 277 7.12 23.00 -12.92
CA ARG B 277 6.94 24.45 -12.91
C ARG B 277 5.87 24.84 -13.93
N PRO B 278 4.83 25.58 -13.53
CA PRO B 278 3.88 26.12 -14.49
C PRO B 278 4.44 27.35 -15.20
N ALA B 279 3.74 27.78 -16.24
CA ALA B 279 3.92 29.09 -16.84
C ALA B 279 2.57 29.79 -16.94
N PHE B 280 2.58 31.10 -16.76
CA PHE B 280 1.37 31.90 -16.78
C PHE B 280 1.17 32.56 -18.14
N GLY B 281 -0.09 32.70 -18.53
CA GLY B 281 -0.42 33.25 -19.83
C GLY B 281 -1.87 33.64 -19.91
N GLU B 282 -2.38 33.68 -21.14
CA GLU B 282 -3.73 34.16 -21.42
C GLU B 282 -4.76 33.04 -21.47
N ARG B 283 -4.35 31.80 -21.22
CA ARG B 283 -5.18 30.64 -21.53
C ARG B 283 -4.69 29.46 -20.71
N TYR B 284 -5.46 28.37 -20.77
CA TYR B 284 -5.16 27.14 -20.06
C TYR B 284 -4.79 26.06 -21.05
N GLU B 285 -3.61 25.45 -20.87
CA GLU B 285 -3.23 24.23 -21.58
C GLU B 285 -2.46 23.35 -20.62
N LEU B 286 -3.04 22.20 -20.28
CA LEU B 286 -2.46 21.29 -19.30
C LEU B 286 -2.19 19.95 -19.98
N TYR B 287 -0.94 19.50 -19.93
CA TYR B 287 -0.53 18.24 -20.54
C TYR B 287 -0.26 17.22 -19.43
N ARG B 288 -1.05 16.14 -19.43
CA ARG B 288 -0.92 15.07 -18.44
C ARG B 288 -0.97 15.61 -17.01
N ALA B 289 -2.02 16.36 -16.72
CA ALA B 289 -2.27 16.87 -15.38
C ALA B 289 -3.04 15.83 -14.55
N PHE B 290 -2.82 15.86 -13.24
CA PHE B 290 -3.35 14.86 -12.34
C PHE B 290 -3.69 15.51 -11.00
N HIS B 291 -4.34 14.74 -10.14
CA HIS B 291 -4.68 15.21 -8.81
C HIS B 291 -3.63 14.72 -7.82
N PRO B 292 -2.86 15.62 -7.19
CA PRO B 292 -1.69 15.17 -6.41
C PRO B 292 -2.04 14.39 -5.16
N LEU B 293 -3.27 14.53 -4.65
CA LEU B 293 -3.67 13.84 -3.43
C LEU B 293 -4.11 12.40 -3.68
N ILE B 294 -4.31 12.01 -4.94
CA ILE B 294 -4.62 10.64 -5.29
C ILE B 294 -3.31 9.89 -5.47
N PRO B 295 -3.08 8.78 -4.76
CA PRO B 295 -1.92 7.94 -5.06
C PRO B 295 -2.07 7.26 -6.41
N ASP B 296 -1.01 7.31 -7.22
CA ASP B 296 -0.99 6.77 -8.57
C ASP B 296 -2.15 7.34 -9.40
N ALA B 297 -2.20 8.66 -9.46
CA ALA B 297 -3.32 9.36 -10.08
C ALA B 297 -3.29 9.20 -11.59
N VAL B 298 -4.47 9.18 -12.19
CA VAL B 298 -4.60 9.11 -13.65
C VAL B 298 -4.46 10.51 -14.23
N ARG B 299 -3.75 10.61 -15.34
CA ARG B 299 -3.42 11.89 -15.96
C ARG B 299 -4.29 12.14 -17.18
N ASN B 300 -4.68 13.40 -17.37
CA ASN B 300 -5.49 13.81 -18.51
C ASN B 300 -4.95 15.11 -19.06
N SER B 301 -5.24 15.35 -20.34
CA SER B 301 -4.84 16.57 -21.03
C SER B 301 -6.08 17.30 -21.53
N PHE B 302 -6.12 18.61 -21.30
CA PHE B 302 -7.24 19.44 -21.74
C PHE B 302 -6.79 20.89 -21.82
N ALA B 303 -7.53 21.67 -22.60
CA ALA B 303 -7.17 23.06 -22.85
C ALA B 303 -8.42 23.93 -22.78
N LEU B 304 -8.27 25.13 -22.23
CA LEU B 304 -9.28 26.17 -22.30
C LEU B 304 -8.66 27.47 -22.80
N ASP B 305 -9.37 28.14 -23.69
CA ASP B 305 -8.95 29.46 -24.17
C ASP B 305 -10.20 30.28 -24.48
N GLU B 306 -10.01 31.43 -25.15
CA GLU B 306 -11.14 32.31 -25.44
C GLU B 306 -12.06 31.71 -26.49
N LYS B 307 -11.54 30.85 -27.36
CA LYS B 307 -12.35 30.27 -28.43
C LYS B 307 -13.19 29.10 -27.92
N ASN B 308 -12.56 28.19 -27.17
CA ASN B 308 -13.27 27.16 -26.41
C ASN B 308 -13.11 27.49 -24.93
N ARG B 309 -14.13 28.12 -24.35
CA ARG B 309 -14.03 28.64 -22.98
C ARG B 309 -14.34 27.55 -21.95
N ILE B 310 -15.44 26.84 -22.13
CA ILE B 310 -15.98 25.95 -21.10
C ILE B 310 -15.94 24.52 -21.62
N LEU B 311 -15.38 23.62 -20.82
CA LEU B 311 -15.41 22.19 -21.11
C LEU B 311 -16.55 21.55 -20.33
N LEU B 312 -17.45 20.89 -21.05
CA LEU B 312 -18.62 20.24 -20.46
C LEU B 312 -18.40 18.73 -20.48
N ILE B 313 -18.36 18.13 -19.30
CA ILE B 313 -18.18 16.69 -19.15
C ILE B 313 -19.57 16.08 -18.89
N SER B 314 -20.04 15.28 -19.84
CA SER B 314 -21.47 15.13 -20.08
C SER B 314 -21.93 13.67 -19.94
N GLY B 315 -21.08 12.80 -19.41
CA GLY B 315 -21.35 11.39 -19.39
C GLY B 315 -22.22 10.98 -18.21
N PRO B 316 -22.43 9.69 -18.05
CA PRO B 316 -22.88 9.17 -16.75
C PRO B 316 -21.84 9.44 -15.66
N ASN B 317 -22.34 9.59 -14.43
CA ASN B 317 -21.63 10.39 -13.44
C ASN B 317 -20.31 9.75 -13.04
N MET B 318 -20.35 8.47 -12.67
CA MET B 318 -19.18 7.62 -12.41
C MET B 318 -18.09 8.34 -11.61
N GLY B 319 -16.83 8.00 -11.89
CA GLY B 319 -15.71 8.57 -11.16
C GLY B 319 -14.84 9.41 -12.07
N GLY B 320 -14.23 10.45 -11.49
CA GLY B 320 -13.25 11.27 -12.17
C GLY B 320 -13.76 12.61 -12.62
N LYS B 321 -15.08 12.81 -12.67
CA LYS B 321 -15.63 14.07 -13.17
C LYS B 321 -15.35 15.22 -12.21
N THR B 322 -15.72 15.04 -10.93
CA THR B 322 -15.40 16.06 -9.93
C THR B 322 -13.90 16.13 -9.65
N ALA B 323 -13.19 15.02 -9.84
CA ALA B 323 -11.74 15.03 -9.66
C ALA B 323 -11.06 15.96 -10.65
N LEU B 324 -11.51 15.96 -11.91
CA LEU B 324 -10.93 16.85 -12.90
C LEU B 324 -11.25 18.31 -12.61
N LEU B 325 -12.42 18.59 -12.01
CA LEU B 325 -12.67 19.93 -11.49
C LEU B 325 -11.63 20.31 -10.44
N LYS B 326 -11.36 19.40 -9.50
CA LYS B 326 -10.36 19.67 -8.47
C LYS B 326 -8.96 19.77 -9.09
N THR B 327 -8.66 18.91 -10.06
CA THR B 327 -7.32 18.89 -10.65
C THR B 327 -6.97 20.24 -11.28
N LEU B 328 -7.91 20.82 -12.03
CA LEU B 328 -7.71 22.17 -12.55
C LEU B 328 -7.68 23.20 -11.43
N GLY B 329 -8.52 23.02 -10.41
CA GLY B 329 -8.57 23.98 -9.31
C GLY B 329 -7.29 24.00 -8.50
N LEU B 330 -6.74 22.82 -8.18
CA LEU B 330 -5.46 22.78 -7.50
C LEU B 330 -4.34 23.33 -8.38
N ALA B 331 -4.42 23.09 -9.69
CA ALA B 331 -3.36 23.55 -10.59
C ALA B 331 -3.24 25.07 -10.57
N VAL B 332 -4.38 25.77 -10.63
CA VAL B 332 -4.35 27.23 -10.58
C VAL B 332 -3.95 27.71 -9.20
N LEU B 333 -4.52 27.12 -8.15
CA LEU B 333 -4.35 27.68 -6.81
C LEU B 333 -2.96 27.40 -6.24
N MET B 334 -2.37 26.25 -6.58
CA MET B 334 -0.97 26.02 -6.23
C MET B 334 -0.05 26.98 -6.97
N ALA B 335 -0.31 27.21 -8.25
CA ALA B 335 0.55 28.11 -9.03
C ALA B 335 0.48 29.54 -8.49
N GLN B 336 -0.71 29.98 -8.11
CA GLN B 336 -0.86 31.29 -7.48
C GLN B 336 -0.27 31.33 -6.08
N SER B 337 -0.10 30.18 -5.44
CA SER B 337 0.55 30.11 -4.14
C SER B 337 2.06 29.94 -4.23
N GLY B 338 2.62 29.91 -5.44
CA GLY B 338 4.04 29.71 -5.61
C GLY B 338 4.50 28.27 -5.61
N LEU B 339 3.57 27.32 -5.63
CA LEU B 339 3.92 25.91 -5.74
C LEU B 339 4.03 25.49 -7.19
N PHE B 340 4.85 24.46 -7.43
CA PHE B 340 4.75 23.70 -8.67
C PHE B 340 3.44 22.93 -8.73
N VAL B 341 3.00 22.63 -9.95
CA VAL B 341 1.65 22.13 -10.19
C VAL B 341 1.74 20.68 -10.66
N ALA B 342 0.62 19.97 -10.50
CA ALA B 342 0.59 18.53 -10.75
C ALA B 342 0.29 18.31 -12.23
N ALA B 343 1.34 18.49 -13.05
CA ALA B 343 1.24 18.24 -14.48
C ALA B 343 2.64 18.00 -15.02
N GLU B 344 2.70 17.43 -16.23
CA GLU B 344 3.97 17.29 -16.93
C GLU B 344 4.36 18.59 -17.62
N LYS B 345 3.42 19.24 -18.32
CA LYS B 345 3.58 20.62 -18.76
C LYS B 345 2.26 21.36 -18.56
N ALA B 346 2.34 22.54 -17.96
CA ALA B 346 1.15 23.30 -17.59
C ALA B 346 1.33 24.75 -18.02
N LEU B 347 0.39 25.24 -18.83
CA LEU B 347 0.19 26.66 -19.04
C LEU B 347 -1.15 27.09 -18.44
N LEU B 348 -1.12 28.09 -17.57
CA LEU B 348 -2.28 28.50 -16.80
C LEU B 348 -2.52 29.99 -16.98
N ALA B 349 -3.79 30.39 -16.95
CA ALA B 349 -4.14 31.79 -16.83
C ALA B 349 -4.11 32.23 -15.38
N TRP B 350 -4.35 33.52 -15.15
CA TRP B 350 -4.45 34.09 -13.81
C TRP B 350 -5.84 34.69 -13.65
N PRO B 351 -6.81 33.90 -13.19
CA PRO B 351 -8.17 34.42 -13.02
C PRO B 351 -8.23 35.47 -11.92
N ASP B 352 -9.10 36.46 -12.13
CA ASP B 352 -9.36 37.44 -11.07
C ASP B 352 -10.03 36.81 -9.87
N ARG B 353 -10.85 35.77 -10.08
CA ARG B 353 -11.36 34.97 -8.98
C ARG B 353 -11.65 33.56 -9.49
N VAL B 354 -11.64 32.60 -8.58
CA VAL B 354 -11.99 31.21 -8.86
C VAL B 354 -13.30 30.90 -8.17
N TYR B 355 -14.27 30.41 -8.94
CA TYR B 355 -15.59 30.06 -8.42
C TYR B 355 -15.78 28.55 -8.51
N ALA B 356 -16.13 27.94 -7.38
CA ALA B 356 -16.25 26.48 -7.29
C ALA B 356 -17.64 26.15 -6.77
N ASP B 357 -18.39 25.39 -7.54
CA ASP B 357 -19.67 24.80 -7.11
C ASP B 357 -19.47 23.30 -6.99
N ILE B 358 -19.00 22.87 -5.83
CA ILE B 358 -18.82 21.45 -5.52
C ILE B 358 -19.44 21.18 -4.16
N GLY B 359 -20.31 20.17 -4.10
CA GLY B 359 -20.88 19.75 -2.82
C GLY B 359 -19.95 18.79 -2.10
N ASP B 360 -19.83 18.99 -0.79
CA ASP B 360 -18.94 18.17 0.03
C ASP B 360 -19.65 17.73 1.32
N LEU B 368 -32.38 18.71 0.24
CA LEU B 368 -32.75 19.96 -0.40
C LEU B 368 -31.52 20.82 -0.69
N SER B 369 -30.64 20.93 0.31
CA SER B 369 -29.45 21.77 0.18
C SER B 369 -28.44 21.21 -0.81
N THR B 370 -28.61 19.98 -1.27
CA THR B 370 -27.97 19.54 -2.49
C THR B 370 -28.27 20.48 -3.65
N PHE B 371 -29.55 20.76 -3.89
CA PHE B 371 -29.92 21.65 -4.97
C PHE B 371 -29.75 23.12 -4.59
N ALA B 372 -30.16 23.48 -3.37
CA ALA B 372 -30.07 24.88 -2.96
C ALA B 372 -28.63 25.34 -2.76
N GLY B 373 -27.76 24.44 -2.29
CA GLY B 373 -26.36 24.80 -2.14
C GLY B 373 -25.67 25.08 -3.47
N HIS B 374 -26.02 24.33 -4.51
CA HIS B 374 -25.54 24.64 -5.85
C HIS B 374 -26.08 25.98 -6.32
N LEU B 375 -27.36 26.25 -6.07
CA LEU B 375 -27.97 27.48 -6.60
C LEU B 375 -27.35 28.72 -5.99
N ARG B 376 -27.03 28.66 -4.69
CA ARG B 376 -26.38 29.80 -4.04
C ARG B 376 -25.02 30.09 -4.65
N ARG B 377 -24.24 29.05 -4.92
CA ARG B 377 -22.93 29.25 -5.56
C ARG B 377 -23.08 29.63 -7.03
N LEU B 378 -24.07 29.05 -7.71
CA LEU B 378 -24.35 29.46 -9.09
C LEU B 378 -24.87 30.88 -9.17
N ARG B 379 -25.63 31.32 -8.17
CA ARG B 379 -26.03 32.73 -8.11
C ARG B 379 -24.83 33.65 -8.00
N GLU B 380 -23.83 33.26 -7.19
CA GLU B 380 -22.65 34.08 -7.02
C GLU B 380 -21.86 34.20 -8.32
N MET B 381 -21.77 33.11 -9.08
CA MET B 381 -21.09 33.17 -10.38
C MET B 381 -21.80 34.14 -11.33
N LEU B 382 -23.13 34.09 -11.37
CA LEU B 382 -23.87 34.90 -12.33
C LEU B 382 -23.88 36.37 -11.98
N GLU B 383 -23.48 36.75 -10.76
CA GLU B 383 -23.51 38.13 -10.31
C GLU B 383 -22.15 38.80 -10.25
N GLU B 384 -21.08 38.04 -9.97
CA GLU B 384 -19.77 38.62 -9.71
C GLU B 384 -18.71 38.26 -10.74
N ALA B 385 -18.87 37.15 -11.46
CA ALA B 385 -17.81 36.66 -12.33
C ALA B 385 -17.66 37.56 -13.56
N THR B 386 -16.43 37.62 -14.07
CA THR B 386 -16.09 38.45 -15.21
C THR B 386 -15.53 37.58 -16.33
N SER B 387 -15.05 38.24 -17.40
CA SER B 387 -14.40 37.52 -18.49
C SER B 387 -13.12 36.82 -18.06
N HIS B 388 -12.48 37.30 -17.00
CA HIS B 388 -11.24 36.70 -16.52
C HIS B 388 -11.48 35.57 -15.51
N SER B 389 -12.71 35.33 -15.10
CA SER B 389 -12.98 34.42 -14.00
C SER B 389 -12.85 32.96 -14.45
N LEU B 390 -12.64 32.09 -13.47
CA LEU B 390 -12.67 30.65 -13.68
C LEU B 390 -13.76 30.04 -12.82
N VAL B 391 -14.65 29.27 -13.44
CA VAL B 391 -15.72 28.58 -12.74
C VAL B 391 -15.43 27.09 -12.71
N LEU B 392 -15.88 26.43 -11.64
CA LEU B 392 -15.84 24.97 -11.54
C LEU B 392 -17.19 24.51 -11.02
N ILE B 393 -17.95 23.82 -11.87
CA ILE B 393 -19.34 23.47 -11.59
C ILE B 393 -19.47 21.95 -11.60
N ASP B 394 -20.05 21.41 -10.53
CA ASP B 394 -20.23 19.97 -10.38
C ASP B 394 -21.72 19.65 -10.34
N GLU B 395 -22.12 18.67 -11.15
CA GLU B 395 -23.49 18.15 -11.16
C GLU B 395 -24.50 19.26 -11.45
N LEU B 396 -24.29 19.92 -12.58
CA LEU B 396 -25.13 21.05 -12.98
C LEU B 396 -26.53 20.53 -13.35
N GLY B 397 -27.53 20.92 -12.56
CA GLY B 397 -28.89 20.50 -12.80
C GLY B 397 -29.28 19.18 -12.17
N SER B 398 -28.34 18.48 -11.54
CA SER B 398 -28.69 17.30 -10.76
C SER B 398 -29.43 17.69 -9.48
N GLY B 399 -30.35 16.83 -9.06
CA GLY B 399 -31.07 17.01 -7.82
C GLY B 399 -32.45 17.61 -7.93
N THR B 400 -33.02 17.66 -9.13
CA THR B 400 -34.38 18.15 -9.31
C THR B 400 -34.97 17.48 -10.55
N ASP B 401 -36.08 18.02 -11.05
CA ASP B 401 -36.68 17.51 -12.27
C ASP B 401 -35.70 17.61 -13.43
N PRO B 402 -35.40 16.50 -14.13
CA PRO B 402 -34.43 16.57 -15.24
C PRO B 402 -34.83 17.54 -16.34
N GLU B 403 -36.12 17.63 -16.66
CA GLU B 403 -36.55 18.48 -17.77
C GLU B 403 -36.41 19.95 -17.42
N GLU B 404 -36.90 20.35 -16.24
CA GLU B 404 -36.74 21.74 -15.83
C GLU B 404 -35.33 22.05 -15.35
N GLY B 405 -34.62 21.05 -14.81
CA GLY B 405 -33.25 21.27 -14.41
C GLY B 405 -32.29 21.40 -15.58
N ALA B 406 -32.64 20.81 -16.72
CA ALA B 406 -31.85 21.00 -17.93
C ALA B 406 -32.06 22.39 -18.53
N ALA B 407 -33.30 22.88 -18.52
CA ALA B 407 -33.58 24.22 -19.03
C ALA B 407 -32.88 25.28 -18.19
N LEU B 408 -32.96 25.16 -16.86
CA LEU B 408 -32.26 26.09 -15.99
C LEU B 408 -30.75 26.02 -16.20
N SER B 409 -30.20 24.81 -16.32
CA SER B 409 -28.77 24.66 -16.52
C SER B 409 -28.31 25.26 -17.84
N GLN B 410 -29.09 25.06 -18.90
CA GLN B 410 -28.74 25.63 -20.20
C GLN B 410 -28.74 27.15 -20.15
N ALA B 411 -29.73 27.75 -19.48
CA ALA B 411 -29.77 29.20 -19.36
C ALA B 411 -28.59 29.73 -18.57
N ILE B 412 -28.18 29.01 -17.52
CA ILE B 412 -26.97 29.37 -16.79
C ILE B 412 -25.75 29.23 -17.70
N LEU B 413 -25.69 28.17 -18.50
CA LEU B 413 -24.57 27.99 -19.41
C LEU B 413 -24.55 29.09 -20.47
N GLU B 414 -25.72 29.50 -20.96
CA GLU B 414 -25.77 30.62 -21.90
C GLU B 414 -25.27 31.91 -21.26
N ALA B 415 -25.62 32.14 -19.99
CA ALA B 415 -25.16 33.33 -19.29
C ALA B 415 -23.64 33.35 -19.14
N LEU B 416 -23.05 32.20 -18.82
CA LEU B 416 -21.61 32.14 -18.60
C LEU B 416 -20.84 32.24 -19.91
N LEU B 417 -21.41 31.73 -21.02
CA LEU B 417 -20.76 31.87 -22.32
C LEU B 417 -20.82 33.30 -22.82
N GLU B 418 -21.91 34.01 -22.53
CA GLU B 418 -21.94 35.46 -22.75
C GLU B 418 -20.92 36.17 -21.86
N ARG B 419 -20.75 35.69 -20.63
CA ARG B 419 -19.86 36.36 -19.68
C ARG B 419 -18.39 36.23 -20.07
N GLY B 420 -18.06 35.31 -20.97
CA GLY B 420 -16.67 35.06 -21.33
C GLY B 420 -15.89 34.21 -20.35
N VAL B 421 -16.57 33.53 -19.43
CA VAL B 421 -15.88 32.75 -18.41
C VAL B 421 -15.33 31.47 -19.02
N LYS B 422 -14.11 31.12 -18.61
CA LYS B 422 -13.56 29.79 -18.84
C LYS B 422 -13.75 28.93 -17.61
N GLY B 423 -13.99 27.63 -17.82
CA GLY B 423 -14.19 26.74 -16.71
C GLY B 423 -14.53 25.34 -17.18
N MET B 424 -14.90 24.50 -16.21
CA MET B 424 -15.29 23.13 -16.46
C MET B 424 -16.61 22.83 -15.75
N VAL B 425 -17.49 22.09 -16.43
CA VAL B 425 -18.79 21.70 -15.89
C VAL B 425 -18.94 20.19 -16.05
N THR B 426 -19.45 19.54 -15.00
CA THR B 426 -19.81 18.14 -15.04
C THR B 426 -21.33 18.00 -14.96
N THR B 427 -21.88 17.15 -15.82
CA THR B 427 -23.33 16.98 -15.92
C THR B 427 -23.62 15.57 -16.42
N HIS B 428 -24.77 15.03 -16.00
CA HIS B 428 -25.31 13.81 -16.57
C HIS B 428 -26.63 14.02 -17.31
N LEU B 429 -27.01 15.28 -17.56
CA LEU B 429 -28.27 15.56 -18.25
C LEU B 429 -28.07 15.45 -19.75
N SER B 430 -28.85 14.58 -20.39
CA SER B 430 -28.70 14.33 -21.82
C SER B 430 -28.93 15.55 -22.69
N PRO B 431 -29.96 16.39 -22.48
CA PRO B 431 -30.13 17.54 -23.37
C PRO B 431 -28.94 18.48 -23.41
N LEU B 432 -28.16 18.56 -22.33
CA LEU B 432 -27.10 19.54 -22.23
C LEU B 432 -25.86 19.19 -23.06
N LYS B 433 -25.66 17.90 -23.38
CA LYS B 433 -24.63 17.55 -24.35
C LYS B 433 -25.08 17.73 -25.79
N ALA B 434 -26.38 17.70 -26.06
CA ALA B 434 -26.88 18.24 -27.32
C ALA B 434 -26.73 19.75 -27.40
N PHE B 435 -26.89 20.45 -26.27
CA PHE B 435 -26.73 21.90 -26.26
C PHE B 435 -25.30 22.31 -26.61
N ALA B 436 -24.32 21.60 -26.05
CA ALA B 436 -22.92 21.98 -26.28
C ALA B 436 -22.50 21.70 -27.72
N GLN B 437 -23.04 20.65 -28.33
CA GLN B 437 -22.72 20.34 -29.72
C GLN B 437 -23.24 21.44 -30.64
N GLY B 438 -22.38 21.92 -31.53
CA GLY B 438 -22.74 22.95 -32.46
C GLY B 438 -22.81 24.35 -31.90
N ARG B 439 -22.63 24.52 -30.60
CA ARG B 439 -22.74 25.81 -29.94
C ARG B 439 -21.35 26.37 -29.68
N GLU B 440 -21.13 27.62 -30.04
CA GLU B 440 -19.82 28.23 -29.90
C GLU B 440 -19.44 28.36 -28.44
N GLY B 441 -18.19 28.07 -28.13
CA GLY B 441 -17.58 28.44 -26.87
C GLY B 441 -17.59 27.36 -25.80
N ILE B 442 -18.34 26.28 -26.02
CA ILE B 442 -18.42 25.19 -25.06
C ILE B 442 -18.19 23.87 -25.80
N GLN B 443 -17.42 22.97 -25.18
CA GLN B 443 -16.91 21.77 -25.83
C GLN B 443 -17.29 20.56 -25.01
N ASN B 444 -17.68 19.48 -25.72
CA ASN B 444 -18.22 18.29 -25.07
C ASN B 444 -17.08 17.34 -24.69
N ALA B 445 -17.31 16.57 -23.63
CA ALA B 445 -16.34 15.59 -23.18
C ALA B 445 -17.05 14.57 -22.29
N SER B 446 -16.35 13.49 -21.99
CA SER B 446 -16.90 12.39 -21.20
C SER B 446 -15.76 11.62 -20.57
N MET B 447 -16.11 10.52 -19.89
CA MET B 447 -15.18 9.77 -19.06
C MET B 447 -15.20 8.30 -19.44
N ARG B 448 -14.01 7.70 -19.52
CA ARG B 448 -13.88 6.28 -19.82
C ARG B 448 -14.14 5.43 -18.59
N PHE B 449 -14.90 4.36 -18.77
CA PHE B 449 -15.25 3.44 -17.70
C PHE B 449 -14.75 2.04 -18.07
N ASP B 450 -13.99 1.43 -17.16
CA ASP B 450 -13.43 0.10 -17.41
C ASP B 450 -14.55 -0.95 -17.33
N LEU B 451 -14.94 -1.48 -18.49
CA LEU B 451 -15.97 -2.52 -18.53
C LEU B 451 -15.44 -3.88 -18.12
N GLU B 452 -14.13 -4.06 -18.03
CA GLU B 452 -13.57 -5.31 -17.50
C GLU B 452 -13.86 -5.45 -16.02
N ALA B 453 -13.39 -4.51 -15.21
CA ALA B 453 -13.48 -4.58 -13.76
C ALA B 453 -14.66 -3.81 -13.19
N LEU B 454 -15.45 -3.14 -14.04
CA LEU B 454 -16.58 -2.32 -13.61
C LEU B 454 -16.14 -1.28 -12.59
N ARG B 455 -15.16 -0.47 -12.99
CA ARG B 455 -14.51 0.49 -12.11
C ARG B 455 -14.04 1.67 -12.95
N PRO B 456 -14.27 2.91 -12.49
CA PRO B 456 -13.93 4.06 -13.31
C PRO B 456 -12.43 4.16 -13.57
N THR B 457 -12.08 4.60 -14.77
CA THR B 457 -10.68 4.75 -15.16
C THR B 457 -10.11 6.14 -14.86
N TYR B 458 -10.96 7.10 -14.49
CA TYR B 458 -10.54 8.48 -14.27
C TYR B 458 -9.89 9.07 -15.53
N GLU B 459 -10.38 8.66 -16.70
CA GLU B 459 -9.80 9.06 -17.98
C GLU B 459 -10.78 9.95 -18.73
N LEU B 460 -10.26 11.02 -19.32
CA LEU B 460 -11.06 12.04 -19.99
C LEU B 460 -11.08 11.75 -21.48
N VAL B 461 -12.28 11.80 -22.08
CA VAL B 461 -12.46 11.61 -23.51
C VAL B 461 -12.86 12.95 -24.10
N LEU B 462 -11.98 13.53 -24.92
CA LEU B 462 -12.21 14.86 -25.48
C LEU B 462 -12.93 14.73 -26.81
N GLY B 463 -13.98 15.55 -26.99
CA GLY B 463 -14.63 15.71 -28.26
C GLY B 463 -15.78 14.75 -28.51
N VAL B 464 -15.76 13.59 -27.88
CA VAL B 464 -16.84 12.61 -27.99
C VAL B 464 -17.81 12.85 -26.83
N PRO B 465 -19.08 13.14 -27.10
CA PRO B 465 -20.06 13.22 -26.01
C PRO B 465 -20.31 11.89 -25.34
N GLY B 466 -21.19 11.89 -24.34
CA GLY B 466 -21.30 10.76 -23.44
C GLY B 466 -21.89 9.56 -24.15
N ARG B 467 -21.13 8.46 -24.20
CA ARG B 467 -21.68 7.15 -24.51
C ARG B 467 -22.16 6.45 -23.23
N SER B 468 -23.16 5.59 -23.39
CA SER B 468 -23.86 4.99 -22.27
C SER B 468 -23.32 3.59 -22.00
N TYR B 469 -23.01 3.30 -20.75
CA TYR B 469 -22.47 2.01 -20.36
C TYR B 469 -23.52 1.04 -19.84
N ALA B 470 -24.79 1.43 -19.85
CA ALA B 470 -25.72 0.97 -18.82
C ALA B 470 -25.97 -0.53 -18.93
N LEU B 471 -26.49 -0.97 -20.08
CA LEU B 471 -26.79 -2.39 -20.28
C LEU B 471 -25.58 -3.18 -20.78
N ALA B 472 -24.48 -2.52 -21.13
CA ALA B 472 -23.20 -3.20 -21.22
C ALA B 472 -22.74 -3.71 -19.86
N ILE B 473 -22.94 -2.91 -18.80
CA ILE B 473 -22.66 -3.39 -17.45
C ILE B 473 -23.61 -4.52 -17.07
N ALA B 474 -24.88 -4.41 -17.49
CA ALA B 474 -25.86 -5.44 -17.18
C ALA B 474 -25.50 -6.77 -17.83
N ARG B 475 -25.04 -6.73 -19.08
CA ARG B 475 -24.50 -7.93 -19.71
C ARG B 475 -23.22 -8.40 -19.04
N ARG B 476 -22.39 -7.47 -18.57
CA ARG B 476 -21.21 -7.86 -17.80
C ARG B 476 -21.60 -8.55 -16.49
N LEU B 477 -22.63 -8.03 -15.82
CA LEU B 477 -23.01 -8.54 -14.51
C LEU B 477 -23.91 -9.77 -14.59
N ALA B 478 -24.09 -10.34 -15.78
CA ALA B 478 -24.86 -11.58 -15.98
C ALA B 478 -26.29 -11.44 -15.44
N LEU B 479 -26.86 -10.24 -15.56
CA LEU B 479 -28.31 -10.11 -15.59
C LEU B 479 -28.89 -11.00 -16.68
N PRO B 480 -30.08 -11.55 -16.46
CA PRO B 480 -30.66 -12.44 -17.47
C PRO B 480 -30.88 -11.71 -18.78
N GLU B 481 -30.89 -12.47 -19.87
CA GLU B 481 -31.35 -11.95 -21.15
C GLU B 481 -32.86 -11.78 -21.07
N GLU B 482 -33.49 -11.45 -22.19
CA GLU B 482 -34.95 -11.39 -22.33
C GLU B 482 -35.56 -10.45 -21.30
N VAL B 483 -34.70 -9.74 -20.56
CA VAL B 483 -34.99 -8.42 -20.02
C VAL B 483 -34.06 -7.37 -20.61
N LEU B 484 -32.78 -7.71 -20.81
CA LEU B 484 -31.88 -6.88 -21.60
C LEU B 484 -32.32 -6.75 -23.05
N LYS B 485 -33.13 -7.69 -23.54
CA LYS B 485 -33.64 -7.63 -24.91
C LYS B 485 -34.81 -6.68 -25.07
N ARG B 486 -35.07 -5.83 -24.07
CA ARG B 486 -36.11 -4.81 -24.18
C ARG B 486 -35.66 -3.50 -23.56
N MET C 1 13.08 -57.57 24.96
CA MET C 1 13.88 -56.46 25.43
C MET C 1 14.03 -55.39 24.35
N ARG C 2 13.27 -54.31 24.47
CA ARG C 2 13.24 -53.28 23.46
C ARG C 2 14.11 -52.09 23.87
N ASP C 3 14.09 -51.04 23.06
CA ASP C 3 15.17 -50.07 23.01
C ASP C 3 14.94 -48.97 24.03
N VAL C 4 16.05 -48.39 24.51
CA VAL C 4 15.96 -47.41 25.59
C VAL C 4 15.42 -46.07 25.10
N LEU C 5 15.48 -45.80 23.79
CA LEU C 5 14.84 -44.61 23.24
C LEU C 5 13.33 -44.69 23.36
N GLU C 6 12.75 -45.89 23.25
CA GLU C 6 11.32 -46.05 23.49
C GLU C 6 10.95 -45.68 24.92
N VAL C 7 11.80 -46.06 25.88
CA VAL C 7 11.47 -45.86 27.29
C VAL C 7 11.49 -44.38 27.63
N LEU C 8 12.45 -43.64 27.07
CA LEU C 8 12.60 -42.22 27.38
C LEU C 8 11.71 -41.32 26.53
N GLU C 9 10.77 -41.90 25.78
CA GLU C 9 9.85 -41.15 24.93
C GLU C 9 10.61 -40.28 23.92
N PHE C 10 11.72 -40.82 23.41
CA PHE C 10 12.42 -40.17 22.31
C PHE C 10 11.58 -39.99 21.05
N PRO C 11 10.79 -40.98 20.60
CA PRO C 11 10.00 -40.75 19.37
C PRO C 11 9.00 -39.60 19.47
N ARG C 12 8.59 -39.22 20.68
CA ARG C 12 7.88 -37.95 20.85
C ARG C 12 8.73 -36.77 20.42
N VAL C 13 10.03 -36.78 20.78
CA VAL C 13 10.92 -35.70 20.38
C VAL C 13 11.13 -35.70 18.87
N ARG C 14 11.17 -36.90 18.27
CA ARG C 14 11.21 -36.97 16.81
C ARG C 14 9.97 -36.34 16.17
N ALA C 15 8.79 -36.62 16.74
CA ALA C 15 7.56 -36.11 16.17
C ALA C 15 7.48 -34.59 16.29
N LEU C 16 7.92 -34.05 17.42
CA LEU C 16 7.94 -32.59 17.60
C LEU C 16 8.92 -31.94 16.63
N LEU C 17 10.07 -32.57 16.41
CA LEU C 17 11.04 -32.04 15.45
C LEU C 17 10.47 -32.04 14.03
N ALA C 18 9.78 -33.12 13.65
CA ALA C 18 9.21 -33.21 12.32
C ALA C 18 8.04 -32.24 12.13
N GLU C 19 7.37 -31.85 13.22
CA GLU C 19 6.30 -30.86 13.12
C GLU C 19 6.80 -29.51 12.64
N ARG C 20 8.09 -29.21 12.86
CA ARG C 20 8.66 -27.91 12.53
C ARG C 20 9.52 -27.94 11.27
N ALA C 21 9.52 -29.06 10.54
CA ALA C 21 10.17 -29.12 9.25
C ALA C 21 9.29 -28.50 8.17
N LYS C 22 9.93 -27.82 7.22
CA LYS C 22 9.18 -27.15 6.16
C LYS C 22 8.83 -28.09 5.01
N THR C 23 9.62 -29.14 4.80
CA THR C 23 9.54 -30.00 3.64
C THR C 23 9.43 -31.44 4.11
N PRO C 24 8.90 -32.33 3.26
CA PRO C 24 8.97 -33.76 3.58
C PRO C 24 10.39 -34.28 3.74
N LEU C 25 11.35 -33.69 3.04
CA LEU C 25 12.75 -34.13 3.17
C LEU C 25 13.24 -33.96 4.60
N GLY C 26 13.07 -32.77 5.17
CA GLY C 26 13.49 -32.54 6.54
C GLY C 26 12.63 -33.27 7.55
N ARG C 27 11.36 -33.54 7.21
CA ARG C 27 10.55 -34.41 8.04
C ARG C 27 11.10 -35.82 8.09
N GLU C 28 11.57 -36.34 6.94
CA GLU C 28 12.10 -37.70 6.90
C GLU C 28 13.35 -37.84 7.76
N LEU C 29 14.23 -36.84 7.73
CA LEU C 29 15.42 -36.87 8.57
C LEU C 29 15.07 -36.80 10.05
N ALA C 30 14.03 -36.04 10.40
CA ALA C 30 13.64 -35.92 11.80
C ALA C 30 13.15 -37.25 12.36
N LEU C 31 12.36 -37.98 11.59
CA LEU C 31 11.74 -39.21 12.09
C LEU C 31 12.70 -40.38 12.12
N ALA C 32 13.85 -40.28 11.46
CA ALA C 32 14.90 -41.30 11.55
C ALA C 32 16.08 -40.86 12.41
N LEU C 33 15.93 -39.78 13.19
CA LEU C 33 17.06 -39.20 13.90
C LEU C 33 17.51 -40.14 15.03
N ALA C 34 18.82 -40.36 15.11
CA ALA C 34 19.42 -41.29 16.04
C ALA C 34 20.64 -40.63 16.65
N PRO C 35 21.13 -41.15 17.78
CA PRO C 35 22.44 -40.70 18.28
C PRO C 35 23.54 -40.95 17.26
N LEU C 36 24.48 -40.02 17.20
CA LEU C 36 25.38 -39.87 16.06
C LEU C 36 26.82 -40.04 16.52
N PRO C 37 27.76 -40.25 15.59
CA PRO C 37 29.17 -39.97 15.91
C PRO C 37 29.36 -38.58 16.49
N ARG C 38 30.30 -38.47 17.43
CA ARG C 38 30.42 -37.25 18.23
C ARG C 38 30.82 -36.06 17.37
N GLU C 39 31.69 -36.29 16.38
CA GLU C 39 32.03 -35.23 15.43
C GLU C 39 30.81 -34.79 14.62
N GLU C 40 29.97 -35.76 14.22
CA GLU C 40 28.73 -35.43 13.54
C GLU C 40 27.80 -34.63 14.45
N ALA C 41 27.72 -35.01 15.72
CA ALA C 41 26.78 -34.36 16.63
C ALA C 41 27.17 -32.91 16.90
N GLU C 42 28.47 -32.65 17.12
CA GLU C 42 28.92 -31.28 17.35
C GLU C 42 28.76 -30.41 16.10
N LYS C 43 28.91 -31.01 14.91
CA LYS C 43 28.60 -30.29 13.68
C LYS C 43 27.12 -29.91 13.63
N ARG C 44 26.24 -30.82 14.05
CA ARG C 44 24.81 -30.50 14.13
C ARG C 44 24.56 -29.41 15.16
N HIS C 45 25.28 -29.44 16.28
CA HIS C 45 25.14 -28.38 17.28
C HIS C 45 25.57 -27.03 16.71
N GLU C 46 26.69 -26.99 15.99
CA GLU C 46 27.16 -25.73 15.43
C GLU C 46 26.29 -25.27 14.28
N LEU C 47 25.75 -26.20 13.49
CA LEU C 47 24.75 -25.85 12.49
C LEU C 47 23.52 -25.23 13.15
N THR C 48 23.04 -25.85 14.23
CA THR C 48 21.80 -25.38 14.86
C THR C 48 21.99 -24.01 15.50
N GLY C 49 23.16 -23.76 16.08
CA GLY C 49 23.45 -22.43 16.61
C GLY C 49 23.48 -21.36 15.52
N GLU C 50 24.05 -21.70 14.36
CA GLU C 50 24.11 -20.72 13.27
C GLU C 50 22.76 -20.52 12.62
N ALA C 51 21.93 -21.57 12.56
CA ALA C 51 20.57 -21.41 12.06
C ALA C 51 19.72 -20.55 13.00
N LEU C 52 19.98 -20.61 14.30
CA LEU C 52 19.39 -19.64 15.23
C LEU C 52 19.85 -18.23 14.91
N SER C 53 21.13 -18.06 14.59
CA SER C 53 21.67 -16.71 14.42
C SER C 53 21.12 -16.04 13.17
N TYR C 54 20.94 -16.80 12.09
CA TYR C 54 20.46 -16.27 10.82
C TYR C 54 19.33 -17.16 10.30
N PRO C 55 18.08 -16.80 10.53
CA PRO C 55 16.97 -17.53 9.91
C PRO C 55 16.99 -17.40 8.40
N TYR C 56 16.50 -18.44 7.73
CA TYR C 56 16.45 -18.46 6.27
C TYR C 56 15.22 -19.24 5.83
N ALA C 57 14.71 -18.88 4.66
CA ALA C 57 13.61 -19.61 4.05
C ALA C 57 14.12 -20.89 3.39
N LEU C 58 13.18 -21.77 3.04
CA LEU C 58 13.49 -22.96 2.26
C LEU C 58 12.58 -23.03 1.06
N PRO C 59 13.08 -23.53 -0.08
CA PRO C 59 12.19 -23.93 -1.17
C PRO C 59 11.31 -25.09 -0.76
N GLU C 60 10.32 -25.40 -1.60
CA GLU C 60 9.69 -26.72 -1.59
C GLU C 60 10.36 -27.65 -2.59
N ALA C 61 11.62 -27.94 -2.30
CA ALA C 61 12.11 -29.32 -2.32
C ALA C 61 11.08 -30.27 -1.74
N GLY C 62 10.70 -31.28 -2.53
CA GLY C 62 9.61 -32.17 -2.19
C GLY C 62 8.46 -32.11 -3.17
N THR C 63 8.12 -30.90 -3.62
CA THR C 63 7.64 -30.74 -4.99
C THR C 63 8.76 -30.86 -6.00
N LEU C 64 9.95 -30.37 -5.66
CA LEU C 64 11.12 -30.56 -6.51
C LEU C 64 11.49 -32.04 -6.61
N ARG C 65 11.55 -32.73 -5.47
CA ARG C 65 12.00 -34.13 -5.47
C ARG C 65 11.03 -35.01 -6.25
N GLU C 66 9.73 -34.83 -6.03
CA GLU C 66 8.75 -35.74 -6.62
C GLU C 66 8.60 -35.48 -8.12
N ALA C 67 8.71 -34.21 -8.55
CA ALA C 67 8.79 -33.91 -9.98
C ALA C 67 10.08 -34.45 -10.59
N TYR C 68 11.21 -34.32 -9.88
CA TYR C 68 12.48 -34.81 -10.41
C TYR C 68 12.47 -36.32 -10.55
N GLY C 69 11.91 -37.03 -9.56
CA GLY C 69 11.83 -38.48 -9.66
C GLY C 69 10.93 -38.94 -10.79
N ARG C 70 9.83 -38.23 -11.03
CA ARG C 70 8.97 -38.56 -12.16
C ARG C 70 9.66 -38.29 -13.48
N ALA C 71 10.46 -37.22 -13.56
CA ALA C 71 11.21 -36.94 -14.78
C ALA C 71 12.24 -38.02 -15.06
N LEU C 72 12.86 -38.56 -14.01
CA LEU C 72 13.75 -39.71 -14.18
C LEU C 72 12.98 -40.92 -14.70
N ALA C 73 11.76 -41.12 -14.20
CA ALA C 73 10.94 -42.25 -14.64
C ALA C 73 10.48 -42.13 -16.08
N GLY C 74 10.58 -40.94 -16.69
CA GLY C 74 10.27 -40.75 -18.09
C GLY C 74 8.90 -40.15 -18.35
N ALA C 75 8.17 -39.76 -17.32
CA ALA C 75 6.89 -39.08 -17.51
C ALA C 75 7.11 -37.67 -18.07
N ARG C 76 6.13 -37.20 -18.84
CA ARG C 76 6.09 -35.81 -19.25
C ARG C 76 5.49 -34.97 -18.13
N LEU C 77 6.28 -34.05 -17.58
CA LEU C 77 5.79 -33.21 -16.50
C LEU C 77 4.86 -32.13 -17.03
N SER C 78 3.97 -31.66 -16.16
CA SER C 78 3.05 -30.60 -16.51
C SER C 78 3.79 -29.27 -16.64
N GLY C 79 3.10 -28.28 -17.22
CA GLY C 79 3.61 -26.93 -17.30
C GLY C 79 3.93 -26.33 -15.94
N PRO C 80 2.90 -26.09 -15.13
CA PRO C 80 3.16 -25.50 -13.80
C PRO C 80 4.05 -26.35 -12.91
N GLU C 81 4.02 -27.68 -13.07
CA GLU C 81 4.90 -28.54 -12.27
C GLU C 81 6.36 -28.27 -12.59
N LEU C 82 6.69 -28.11 -13.87
CA LEU C 82 8.04 -27.71 -14.25
C LEU C 82 8.39 -26.34 -13.67
N LEU C 83 7.45 -25.40 -13.72
CA LEU C 83 7.70 -24.07 -13.16
C LEU C 83 7.93 -24.14 -11.67
N LYS C 84 7.14 -24.97 -10.97
CA LYS C 84 7.30 -25.10 -9.52
C LYS C 84 8.65 -25.73 -9.17
N ALA C 85 9.08 -26.74 -9.93
CA ALA C 85 10.40 -27.30 -9.73
C ALA C 85 11.51 -26.34 -10.11
N ALA C 86 11.28 -25.50 -11.13
CA ALA C 86 12.24 -24.44 -11.45
C ALA C 86 12.34 -23.43 -10.33
N LYS C 87 11.22 -23.06 -9.72
CA LYS C 87 11.25 -22.09 -8.63
C LYS C 87 11.93 -22.66 -7.39
N ALA C 88 11.85 -23.97 -7.17
CA ALA C 88 12.61 -24.60 -6.10
C ALA C 88 14.11 -24.46 -6.35
N LEU C 89 14.56 -24.71 -7.59
CA LEU C 89 15.97 -24.56 -7.91
C LEU C 89 16.39 -23.10 -7.89
N GLU C 90 15.52 -22.20 -8.37
CA GLU C 90 15.86 -20.78 -8.38
C GLU C 90 16.04 -20.23 -6.98
N GLU C 91 15.16 -20.64 -6.05
CA GLU C 91 15.30 -20.21 -4.66
C GLU C 91 16.44 -20.92 -3.97
N ALA C 92 16.76 -22.15 -4.40
CA ALA C 92 17.91 -22.86 -3.82
C ALA C 92 19.22 -22.15 -4.13
N MET C 93 19.38 -21.67 -5.37
CA MET C 93 20.58 -20.91 -5.72
C MET C 93 20.62 -19.55 -5.01
N ALA C 94 19.46 -18.92 -4.83
CA ALA C 94 19.39 -17.71 -4.02
C ALA C 94 19.76 -18.00 -2.57
N LEU C 95 19.30 -19.12 -2.03
CA LEU C 95 19.68 -19.52 -0.67
C LEU C 95 21.18 -19.77 -0.58
N LYS C 96 21.77 -20.37 -1.62
CA LYS C 96 23.21 -20.59 -1.63
C LYS C 96 23.97 -19.27 -1.58
N GLU C 97 23.62 -18.33 -2.46
CA GLU C 97 24.28 -17.03 -2.46
C GLU C 97 24.00 -16.26 -1.18
N GLU C 98 22.87 -16.53 -0.52
CA GLU C 98 22.58 -15.89 0.76
C GLU C 98 23.51 -16.39 1.86
N LEU C 99 23.77 -17.70 1.90
CA LEU C 99 24.46 -18.30 3.02
C LEU C 99 25.97 -18.35 2.85
N LEU C 100 26.46 -18.34 1.60
CA LEU C 100 27.89 -18.55 1.36
C LEU C 100 28.78 -17.49 2.01
N PRO C 101 28.49 -16.18 1.93
CA PRO C 101 29.39 -15.21 2.56
C PRO C 101 29.50 -15.34 4.07
N LEU C 102 28.56 -16.05 4.71
CA LEU C 102 28.68 -16.29 6.15
C LEU C 102 29.92 -17.09 6.50
N LYS C 103 30.35 -17.99 5.60
CA LYS C 103 31.65 -18.67 5.71
C LYS C 103 31.72 -19.48 7.00
N ASN C 104 30.75 -20.36 7.18
CA ASN C 104 30.58 -21.11 8.42
C ASN C 104 30.04 -22.50 8.06
N ALA C 105 29.54 -23.22 9.07
CA ALA C 105 29.04 -24.57 8.82
C ALA C 105 27.85 -24.57 7.87
N LEU C 106 27.00 -23.53 7.93
CA LEU C 106 25.91 -23.40 6.98
C LEU C 106 26.43 -23.23 5.55
N SER C 107 27.46 -22.40 5.37
CA SER C 107 28.02 -22.21 4.04
C SER C 107 28.71 -23.46 3.51
N GLN C 108 29.28 -24.26 4.41
CA GLN C 108 29.90 -25.52 4.00
C GLN C 108 28.85 -26.49 3.45
N VAL C 109 27.66 -26.50 4.06
CA VAL C 109 26.56 -27.31 3.53
C VAL C 109 26.10 -26.78 2.18
N ALA C 110 26.00 -25.46 2.04
CA ALA C 110 25.35 -24.87 0.88
C ALA C 110 26.19 -24.97 -0.39
N GLU C 111 27.44 -25.42 -0.29
CA GLU C 111 28.24 -25.67 -1.48
C GLU C 111 27.63 -26.76 -2.35
N GLY C 112 26.91 -27.71 -1.75
CA GLY C 112 26.31 -28.78 -2.51
C GLY C 112 25.12 -28.38 -3.36
N ILE C 113 24.59 -27.17 -3.15
CA ILE C 113 23.58 -26.64 -4.06
C ILE C 113 24.20 -26.40 -5.44
N GLY C 114 23.58 -26.98 -6.45
CA GLY C 114 24.15 -26.96 -7.79
C GLY C 114 23.85 -25.66 -8.52
N ASP C 115 24.45 -25.55 -9.71
CA ASP C 115 24.16 -24.45 -10.63
C ASP C 115 23.13 -24.94 -11.65
N HIS C 116 21.92 -24.41 -11.55
CA HIS C 116 20.80 -24.84 -12.39
C HIS C 116 20.45 -23.81 -13.46
N THR C 117 21.38 -22.89 -13.76
CA THR C 117 21.11 -21.83 -14.72
C THR C 117 20.73 -22.35 -16.10
N PRO C 118 21.44 -23.33 -16.69
CA PRO C 118 21.00 -23.81 -18.01
C PRO C 118 19.60 -24.40 -18.02
N PHE C 119 19.19 -25.07 -16.94
CA PHE C 119 17.82 -25.55 -16.85
C PHE C 119 16.85 -24.39 -16.69
N LEU C 120 17.18 -23.42 -15.85
CA LEU C 120 16.27 -22.30 -15.62
C LEU C 120 16.11 -21.45 -16.88
N GLU C 121 17.23 -21.12 -17.54
CA GLU C 121 17.17 -20.29 -18.74
C GLU C 121 16.38 -20.97 -19.85
N ARG C 122 16.40 -22.31 -19.89
CA ARG C 122 15.42 -23.04 -20.70
C ARG C 122 13.99 -22.78 -20.20
N VAL C 123 13.79 -22.79 -18.88
CA VAL C 123 12.43 -22.75 -18.34
C VAL C 123 11.82 -21.37 -18.52
N ARG C 124 12.56 -20.32 -18.14
CA ARG C 124 11.98 -18.98 -18.17
C ARG C 124 11.69 -18.54 -19.60
N LYS C 125 12.45 -19.06 -20.57
CA LYS C 125 12.13 -18.82 -21.97
C LYS C 125 10.82 -19.47 -22.37
N ALA C 126 10.53 -20.66 -21.83
CA ALA C 126 9.54 -21.52 -22.44
C ALA C 126 8.12 -21.14 -22.01
N LEU C 127 7.92 -20.93 -20.71
CA LEU C 127 6.59 -20.92 -20.13
C LEU C 127 6.49 -19.84 -19.07
N ASP C 128 5.26 -19.42 -18.80
CA ASP C 128 4.98 -18.17 -18.11
C ASP C 128 4.83 -18.42 -16.61
N GLU C 129 4.33 -17.43 -15.88
CA GLU C 129 4.11 -17.54 -14.45
C GLU C 129 3.01 -18.53 -14.10
N GLU C 130 2.19 -18.95 -15.06
CA GLU C 130 1.05 -19.81 -14.79
C GLU C 130 1.22 -21.21 -15.36
N GLY C 131 2.33 -21.49 -16.02
CA GLY C 131 2.58 -22.80 -16.59
C GLY C 131 2.12 -22.99 -18.01
N ALA C 132 1.80 -21.91 -18.73
CA ALA C 132 1.40 -21.98 -20.12
C ALA C 132 2.60 -21.74 -21.03
N VAL C 133 2.68 -22.52 -22.11
CA VAL C 133 3.85 -22.49 -22.98
C VAL C 133 3.72 -21.31 -23.94
N LYS C 134 4.74 -20.45 -23.95
CA LYS C 134 4.70 -19.24 -24.76
C LYS C 134 4.84 -19.58 -26.24
N ASP C 135 4.48 -18.60 -27.08
CA ASP C 135 4.61 -18.78 -28.52
C ASP C 135 6.07 -18.95 -28.93
N GLU C 136 6.97 -18.19 -28.31
CA GLU C 136 8.36 -18.12 -28.73
C GLU C 136 9.19 -19.29 -28.19
N ALA C 137 8.55 -20.25 -27.52
CA ALA C 137 9.29 -21.38 -26.97
C ALA C 137 9.94 -22.22 -28.07
N SER C 138 9.23 -22.44 -29.17
CA SER C 138 9.81 -22.97 -30.39
C SER C 138 9.31 -22.18 -31.58
N PRO C 139 10.11 -22.07 -32.64
CA PRO C 139 9.62 -21.41 -33.86
C PRO C 139 8.40 -22.07 -34.48
N ARG C 140 8.29 -23.40 -34.38
CA ARG C 140 7.09 -24.07 -34.89
C ARG C 140 5.85 -23.64 -34.13
N LEU C 141 5.93 -23.58 -32.81
CA LEU C 141 4.77 -23.21 -32.00
C LEU C 141 4.37 -21.76 -32.26
N ALA C 142 5.35 -20.88 -32.47
CA ALA C 142 5.05 -19.50 -32.85
C ALA C 142 4.29 -19.43 -34.16
N GLN C 143 4.69 -20.25 -35.13
CA GLN C 143 3.96 -20.29 -36.40
C GLN C 143 2.55 -20.82 -36.22
N ILE C 144 2.38 -21.86 -35.40
CA ILE C 144 1.06 -22.43 -35.16
C ILE C 144 0.16 -21.41 -34.47
N ARG C 145 0.70 -20.70 -33.47
CA ARG C 145 -0.08 -19.68 -32.77
C ARG C 145 -0.45 -18.52 -33.69
N ARG C 146 0.45 -18.17 -34.61
CA ARG C 146 0.15 -17.08 -35.54
C ARG C 146 -1.00 -17.42 -36.51
N GLU C 147 -1.30 -18.70 -36.68
CA GLU C 147 -2.46 -19.11 -37.46
C GLU C 147 -3.71 -19.35 -36.61
N LEU C 148 -3.54 -19.68 -35.32
CA LEU C 148 -4.69 -19.90 -34.46
C LEU C 148 -5.46 -18.62 -34.21
N ARG C 149 -4.76 -17.53 -33.87
CA ARG C 149 -5.43 -16.33 -33.39
C ARG C 149 -6.34 -15.69 -34.43
N PRO C 150 -5.91 -15.46 -35.68
CA PRO C 150 -6.86 -14.89 -36.65
C PRO C 150 -7.96 -15.85 -37.03
N LEU C 151 -7.66 -17.14 -37.17
CA LEU C 151 -8.67 -18.10 -37.59
C LEU C 151 -9.76 -18.25 -36.54
N ARG C 152 -9.38 -18.29 -35.26
CA ARG C 152 -10.38 -18.39 -34.20
C ARG C 152 -11.24 -17.13 -34.12
N GLN C 153 -10.62 -15.96 -34.28
CA GLN C 153 -11.40 -14.72 -34.36
C GLN C 153 -12.27 -14.68 -35.61
N GLN C 154 -11.79 -15.26 -36.72
CA GLN C 154 -12.49 -15.14 -37.99
C GLN C 154 -13.78 -15.94 -38.02
N ILE C 155 -14.06 -16.75 -36.99
CA ILE C 155 -15.28 -17.55 -37.00
C ILE C 155 -16.41 -16.67 -36.50
N LEU C 156 -16.96 -15.85 -37.40
CA LEU C 156 -18.28 -15.26 -37.28
C LEU C 156 -19.12 -15.75 -38.46
N ASP C 157 -20.33 -16.27 -38.21
CA ASP C 157 -20.90 -16.77 -36.93
C ASP C 157 -21.24 -15.64 -35.95
N ARG C 158 -21.26 -14.41 -36.47
CA ARG C 158 -22.43 -13.55 -36.41
C ARG C 158 -23.21 -13.70 -37.71
N LEU C 159 -23.95 -14.81 -37.80
CA LEU C 159 -24.88 -15.03 -38.89
C LEU C 159 -26.29 -14.54 -38.57
N TYR C 160 -26.42 -13.56 -37.68
CA TYR C 160 -27.72 -13.00 -37.30
C TYR C 160 -27.69 -11.51 -37.57
N ALA C 161 -28.59 -11.00 -38.44
CA ALA C 161 -29.59 -11.71 -39.27
C ALA C 161 -30.57 -12.57 -38.48
N LEU C 162 -30.57 -13.88 -38.79
CA LEU C 162 -31.71 -14.72 -38.47
C LEU C 162 -31.73 -15.04 -36.97
N MET C 163 -32.72 -15.80 -36.56
CA MET C 163 -32.67 -16.52 -35.29
C MET C 163 -33.59 -17.74 -35.33
N GLN C 171 -33.01 -17.99 -30.83
CA GLN C 171 -31.84 -18.73 -30.39
C GLN C 171 -31.53 -18.42 -28.92
N ASP C 172 -30.25 -18.50 -28.54
CA ASP C 172 -29.84 -18.16 -27.18
C ASP C 172 -28.57 -17.33 -27.16
N ARG C 173 -28.46 -16.36 -28.07
CA ARG C 173 -27.80 -15.10 -27.75
C ARG C 173 -26.29 -15.24 -27.54
N PHE C 174 -25.75 -16.45 -27.66
CA PHE C 174 -24.41 -16.77 -27.18
C PHE C 174 -23.82 -17.89 -28.03
N VAL C 175 -22.60 -17.70 -28.50
CA VAL C 175 -21.87 -18.73 -29.21
C VAL C 175 -21.21 -19.68 -28.22
N THR C 176 -21.26 -20.97 -28.51
CA THR C 176 -20.79 -22.00 -27.60
C THR C 176 -19.84 -22.95 -28.32
N LEU C 177 -19.25 -23.86 -27.55
CA LEU C 177 -18.32 -24.87 -28.07
C LEU C 177 -18.85 -26.25 -27.72
N ARG C 178 -18.86 -27.14 -28.71
CA ARG C 178 -19.04 -28.57 -28.48
C ARG C 178 -17.91 -29.33 -29.15
N ARG C 179 -17.19 -30.13 -28.35
CA ARG C 179 -15.95 -30.79 -28.79
C ARG C 179 -14.95 -29.79 -29.36
N GLU C 180 -14.87 -28.61 -28.73
CA GLU C 180 -14.01 -27.52 -29.17
C GLU C 180 -14.26 -27.15 -30.63
N ARG C 181 -15.51 -27.31 -31.09
CA ARG C 181 -15.94 -26.81 -32.39
C ARG C 181 -17.03 -25.77 -32.18
N TYR C 182 -16.83 -24.59 -32.76
CA TYR C 182 -17.74 -23.48 -32.51
C TYR C 182 -19.08 -23.71 -33.19
N CYS C 183 -20.16 -23.50 -32.45
CA CYS C 183 -21.50 -23.84 -32.88
C CYS C 183 -22.49 -22.91 -32.20
N VAL C 184 -23.73 -22.94 -32.67
CA VAL C 184 -24.69 -21.87 -32.40
C VAL C 184 -26.01 -22.46 -31.94
N PRO C 185 -26.61 -21.94 -30.86
CA PRO C 185 -27.79 -22.57 -30.22
C PRO C 185 -29.13 -22.12 -30.82
N VAL C 186 -29.47 -22.69 -31.98
CA VAL C 186 -30.74 -22.36 -32.61
C VAL C 186 -31.87 -23.03 -31.84
N ARG C 187 -32.95 -22.28 -31.62
CA ARG C 187 -34.15 -22.84 -30.98
C ARG C 187 -34.79 -23.87 -31.89
N ALA C 188 -35.34 -24.92 -31.28
CA ALA C 188 -35.87 -26.05 -32.03
C ALA C 188 -37.11 -25.63 -32.83
N GLY C 189 -37.33 -26.33 -33.94
CA GLY C 189 -38.35 -25.95 -34.89
C GLY C 189 -37.94 -24.88 -35.87
N MET C 190 -36.78 -24.26 -35.69
CA MET C 190 -36.14 -23.44 -36.72
C MET C 190 -34.89 -24.13 -37.25
N ALA C 191 -34.99 -25.44 -37.50
CA ALA C 191 -33.85 -26.22 -37.95
C ALA C 191 -33.51 -25.96 -39.42
N GLN C 192 -34.50 -25.61 -40.23
CA GLN C 192 -34.24 -24.88 -41.46
C GLN C 192 -33.87 -23.44 -41.14
N LYS C 193 -33.32 -22.74 -42.13
CA LYS C 193 -33.13 -21.29 -42.01
C LYS C 193 -32.15 -20.91 -40.89
N VAL C 194 -30.84 -21.01 -41.14
CA VAL C 194 -29.85 -21.88 -40.47
C VAL C 194 -30.08 -23.35 -40.79
N PRO C 195 -29.76 -23.81 -42.02
CA PRO C 195 -29.37 -25.21 -42.22
C PRO C 195 -27.97 -25.52 -41.69
N GLY C 196 -27.49 -26.73 -41.97
CA GLY C 196 -26.21 -27.18 -41.43
C GLY C 196 -26.31 -28.28 -40.40
N ILE C 197 -27.25 -29.21 -40.59
CA ILE C 197 -27.89 -29.91 -39.48
C ILE C 197 -26.91 -30.88 -38.83
N LEU C 198 -25.68 -30.92 -39.34
CA LEU C 198 -24.53 -31.35 -38.54
C LEU C 198 -24.53 -30.66 -37.18
N LEU C 199 -24.64 -31.45 -36.12
CA LEU C 199 -24.88 -30.93 -34.78
C LEU C 199 -24.32 -31.89 -33.75
N ASP C 200 -24.12 -31.37 -32.54
CA ASP C 200 -24.23 -32.15 -31.31
C ASP C 200 -25.48 -31.73 -30.53
N GLU C 201 -26.20 -32.73 -30.01
CA GLU C 201 -27.58 -32.52 -29.57
C GLU C 201 -27.59 -31.75 -28.26
N SER C 202 -28.80 -31.52 -27.73
CA SER C 202 -28.97 -30.89 -26.43
C SER C 202 -30.34 -31.29 -25.88
N GLU C 203 -30.76 -30.62 -24.81
CA GLU C 203 -31.87 -31.06 -24.00
C GLU C 203 -33.12 -30.28 -24.36
N SER C 204 -34.24 -31.00 -24.51
CA SER C 204 -35.58 -30.41 -24.56
C SER C 204 -35.66 -29.47 -25.75
N GLY C 205 -35.97 -28.18 -25.56
CA GLY C 205 -36.28 -27.30 -26.67
C GLY C 205 -35.08 -26.53 -27.18
N ALA C 206 -34.15 -26.20 -26.28
CA ALA C 206 -33.14 -25.20 -26.60
C ALA C 206 -32.22 -25.68 -27.72
N THR C 207 -31.65 -26.87 -27.55
CA THR C 207 -31.14 -27.73 -28.64
C THR C 207 -30.10 -26.93 -29.42
N LEU C 208 -30.20 -26.83 -30.75
CA LEU C 208 -29.60 -27.85 -31.61
C LEU C 208 -28.08 -27.80 -31.61
N PHE C 209 -27.51 -26.61 -31.34
CA PHE C 209 -26.06 -26.41 -31.36
C PHE C 209 -25.46 -26.77 -32.73
N ILE C 210 -25.88 -26.01 -33.73
CA ILE C 210 -25.60 -26.32 -35.13
C ILE C 210 -24.23 -25.75 -35.50
N GLU C 211 -23.45 -26.54 -36.25
CA GLU C 211 -22.47 -25.97 -37.17
C GLU C 211 -23.13 -25.73 -38.52
N PRO C 212 -23.26 -24.48 -38.96
CA PRO C 212 -23.73 -24.23 -40.34
C PRO C 212 -22.72 -24.76 -41.35
N PHE C 213 -23.24 -25.05 -42.55
CA PHE C 213 -22.38 -25.46 -43.65
C PHE C 213 -21.69 -24.25 -44.26
N SER C 214 -21.08 -23.43 -43.42
CA SER C 214 -20.01 -22.51 -43.80
C SER C 214 -18.78 -22.65 -42.92
N VAL C 215 -18.95 -22.96 -41.64
CA VAL C 215 -17.86 -22.92 -40.67
C VAL C 215 -17.32 -24.32 -40.38
N VAL C 216 -17.76 -25.33 -41.14
CA VAL C 216 -17.16 -26.66 -41.01
C VAL C 216 -15.72 -26.65 -41.51
N LYS C 217 -15.46 -25.94 -42.60
CA LYS C 217 -14.12 -25.95 -43.20
C LYS C 217 -13.09 -25.34 -42.26
N LEU C 218 -13.43 -24.23 -41.61
CA LEU C 218 -12.55 -23.56 -40.67
C LEU C 218 -12.87 -23.90 -39.22
N ASN C 219 -13.69 -24.94 -38.98
CA ASN C 219 -13.54 -25.76 -37.79
C ASN C 219 -12.67 -26.99 -38.00
N ASN C 220 -12.41 -27.38 -39.25
CA ASN C 220 -11.55 -28.54 -39.49
C ASN C 220 -10.08 -28.19 -39.29
N ARG C 221 -9.58 -27.25 -40.07
CA ARG C 221 -8.54 -26.34 -39.58
C ARG C 221 -9.08 -25.50 -38.43
N LEU C 222 -8.17 -25.15 -37.51
CA LEU C 222 -8.39 -24.76 -36.12
C LEU C 222 -8.72 -25.97 -35.23
N GLN C 223 -8.93 -27.16 -35.79
CA GLN C 223 -8.88 -28.41 -35.05
C GLN C 223 -7.66 -29.24 -35.37
N ALA C 224 -7.28 -29.32 -36.65
CA ALA C 224 -5.95 -29.82 -37.00
C ALA C 224 -4.86 -28.96 -36.40
N LEU C 225 -5.05 -27.65 -36.37
CA LEU C 225 -4.06 -26.76 -35.75
C LEU C 225 -3.93 -27.05 -34.26
N ARG C 226 -5.05 -27.28 -33.57
CA ARG C 226 -4.98 -27.57 -32.14
C ARG C 226 -4.35 -28.94 -31.87
N LEU C 227 -4.42 -29.86 -32.84
CA LEU C 227 -3.65 -31.09 -32.74
C LEU C 227 -2.16 -30.84 -32.92
N LYS C 228 -1.80 -30.03 -33.93
CA LYS C 228 -0.39 -29.70 -34.14
C LYS C 228 0.15 -28.86 -32.98
N GLU C 229 -0.68 -27.99 -32.41
CA GLU C 229 -0.28 -27.25 -31.22
C GLU C 229 -0.01 -28.18 -30.06
N GLU C 230 -0.87 -29.18 -29.84
CA GLU C 230 -0.74 -30.05 -28.68
C GLU C 230 0.55 -30.86 -28.73
N GLU C 231 0.90 -31.39 -29.90
CA GLU C 231 2.13 -32.16 -30.03
C GLU C 231 3.35 -31.29 -29.79
N GLU C 232 3.37 -30.08 -30.35
CA GLU C 232 4.54 -29.22 -30.23
C GLU C 232 4.68 -28.65 -28.82
N VAL C 233 3.55 -28.36 -28.16
CA VAL C 233 3.60 -28.01 -26.74
C VAL C 233 4.14 -29.17 -25.91
N ASN C 234 3.65 -30.38 -26.18
CA ASN C 234 4.06 -31.54 -25.39
C ASN C 234 5.53 -31.90 -25.62
N ARG C 235 6.03 -31.69 -26.83
CA ARG C 235 7.45 -31.92 -27.09
C ARG C 235 8.32 -30.96 -26.29
N ILE C 236 7.91 -29.69 -26.21
CA ILE C 236 8.62 -28.72 -25.38
C ILE C 236 8.55 -29.12 -23.92
N LEU C 237 7.36 -29.53 -23.46
CA LEU C 237 7.20 -29.93 -22.07
C LEU C 237 8.05 -31.14 -21.72
N ARG C 238 8.09 -32.14 -22.62
CA ARG C 238 8.92 -33.31 -22.38
C ARG C 238 10.40 -32.96 -22.39
N ASP C 239 10.81 -32.08 -23.30
CA ASP C 239 12.22 -31.70 -23.37
C ASP C 239 12.67 -31.00 -22.09
N LEU C 240 11.84 -30.10 -21.57
CA LEU C 240 12.14 -29.47 -20.28
C LEU C 240 12.09 -30.48 -19.14
N SER C 241 11.19 -31.47 -19.22
CA SER C 241 11.18 -32.54 -18.23
C SER C 241 12.47 -33.33 -18.23
N GLU C 242 12.98 -33.67 -19.43
CA GLU C 242 14.18 -34.47 -19.51
C GLU C 242 15.42 -33.69 -19.10
N ARG C 243 15.45 -32.38 -19.38
CA ARG C 243 16.57 -31.55 -18.94
C ARG C 243 16.65 -31.46 -17.43
N LEU C 244 15.50 -31.45 -16.74
CA LEU C 244 15.51 -31.61 -15.29
C LEU C 244 16.07 -32.96 -14.89
N ALA C 245 15.69 -34.03 -15.60
CA ALA C 245 16.24 -35.34 -15.31
C ALA C 245 17.73 -35.39 -15.57
N LYS C 246 18.18 -34.81 -16.68
CA LYS C 246 19.60 -34.79 -17.02
C LYS C 246 20.41 -33.84 -16.14
N ASP C 247 19.75 -33.01 -15.33
CA ASP C 247 20.46 -32.12 -14.41
C ASP C 247 21.06 -32.95 -13.28
N GLU C 248 22.38 -33.06 -13.26
CA GLU C 248 23.07 -33.92 -12.32
C GLU C 248 23.23 -33.29 -10.94
N GLY C 249 23.02 -31.98 -10.81
CA GLY C 249 23.13 -31.32 -9.52
C GLY C 249 21.88 -31.35 -8.68
N VAL C 250 20.75 -31.81 -9.23
CA VAL C 250 19.51 -31.85 -8.46
C VAL C 250 19.59 -32.79 -7.26
N PRO C 251 20.05 -34.05 -7.40
CA PRO C 251 20.15 -34.90 -6.20
C PRO C 251 21.10 -34.36 -5.14
N LYS C 252 22.17 -33.69 -5.55
CA LYS C 252 23.06 -33.07 -4.57
C LYS C 252 22.42 -31.84 -3.93
N THR C 253 21.68 -31.07 -4.72
CA THR C 253 20.96 -29.91 -4.16
C THR C 253 19.88 -30.35 -3.19
N LEU C 254 19.13 -31.40 -3.53
CA LEU C 254 18.10 -31.91 -2.62
C LEU C 254 18.71 -32.39 -1.31
N GLU C 255 19.88 -33.03 -1.38
CA GLU C 255 20.59 -33.43 -0.17
C GLU C 255 20.95 -32.22 0.68
N ALA C 256 21.45 -31.15 0.03
CA ALA C 256 21.82 -29.95 0.79
C ALA C 256 20.60 -29.27 1.38
N LEU C 257 19.50 -29.18 0.61
CA LEU C 257 18.30 -28.53 1.10
C LEU C 257 17.69 -29.31 2.27
N GLY C 258 17.69 -30.64 2.18
CA GLY C 258 17.06 -31.44 3.22
C GLY C 258 17.77 -31.33 4.56
N LEU C 259 19.10 -31.26 4.54
CA LEU C 259 19.85 -31.01 5.76
C LEU C 259 19.54 -29.63 6.33
N LEU C 260 19.44 -28.62 5.47
CA LEU C 260 19.11 -27.28 5.95
C LEU C 260 17.70 -27.21 6.51
N ASP C 261 16.79 -28.05 6.02
CA ASP C 261 15.48 -28.17 6.65
C ASP C 261 15.59 -28.79 8.04
N LEU C 262 16.41 -29.82 8.19
CA LEU C 262 16.60 -30.43 9.51
C LEU C 262 17.24 -29.45 10.48
N VAL C 263 18.25 -28.70 10.03
CA VAL C 263 18.92 -27.75 10.91
C VAL C 263 17.97 -26.63 11.30
N GLN C 264 17.11 -26.19 10.38
CA GLN C 264 16.10 -25.20 10.70
C GLN C 264 15.15 -25.72 11.78
N ALA C 265 14.71 -26.97 11.66
CA ALA C 265 13.75 -27.51 12.62
C ALA C 265 14.38 -27.66 14.00
N GLN C 266 15.66 -28.03 14.06
CA GLN C 266 16.36 -28.07 15.34
C GLN C 266 16.45 -26.69 15.96
N ALA C 267 16.71 -25.66 15.14
CA ALA C 267 16.65 -24.29 15.64
C ALA C 267 15.24 -23.92 16.09
N ALA C 268 14.22 -24.36 15.34
CA ALA C 268 12.85 -24.15 15.76
C ALA C 268 12.53 -24.92 17.03
N LEU C 269 13.07 -26.14 17.16
CA LEU C 269 12.85 -26.92 18.37
C LEU C 269 13.47 -26.23 19.59
N ALA C 270 14.68 -25.68 19.43
CA ALA C 270 15.39 -25.09 20.56
C ALA C 270 14.73 -23.79 21.01
N ARG C 271 14.22 -23.00 20.06
CA ARG C 271 13.47 -21.80 20.43
C ARG C 271 12.23 -22.16 21.23
N ASP C 272 11.49 -23.18 20.79
CA ASP C 272 10.15 -23.41 21.31
C ASP C 272 10.13 -24.23 22.59
N LEU C 273 11.12 -25.09 22.79
CA LEU C 273 11.21 -25.91 23.99
C LEU C 273 12.21 -25.36 25.01
N GLY C 274 12.81 -24.21 24.75
CA GLY C 274 13.77 -23.63 25.67
C GLY C 274 15.03 -24.46 25.83
N LEU C 275 15.59 -24.92 24.72
CA LEU C 275 16.77 -25.79 24.73
C LEU C 275 18.04 -24.96 24.51
N SER C 276 19.15 -25.47 25.03
CA SER C 276 20.43 -24.80 24.92
C SER C 276 21.48 -25.77 24.41
N ARG C 277 22.54 -25.21 23.82
CA ARG C 277 23.58 -26.02 23.21
C ARG C 277 24.42 -26.69 24.29
N PRO C 278 24.51 -28.02 24.31
CA PRO C 278 25.33 -28.69 25.33
C PRO C 278 26.82 -28.60 25.00
N ALA C 279 27.62 -28.79 26.05
CA ALA C 279 29.06 -28.96 25.91
C ALA C 279 29.46 -30.36 26.35
N PHE C 280 30.35 -30.98 25.59
CA PHE C 280 30.80 -32.34 25.86
C PHE C 280 32.13 -32.32 26.59
N GLY C 281 32.28 -33.24 27.54
CA GLY C 281 33.49 -33.31 28.34
C GLY C 281 33.58 -34.64 29.06
N GLU C 282 34.25 -34.63 30.21
CA GLU C 282 34.55 -35.84 30.96
C GLU C 282 33.55 -36.13 32.07
N ARG C 283 32.55 -35.28 32.25
CA ARG C 283 31.70 -35.35 33.43
C ARG C 283 30.37 -34.68 33.11
N TYR C 284 29.41 -34.84 34.02
CA TYR C 284 28.07 -34.30 33.87
C TYR C 284 27.89 -33.13 34.82
N GLU C 285 27.37 -32.02 34.29
CA GLU C 285 26.95 -30.90 35.13
C GLU C 285 25.72 -30.25 34.50
N LEU C 286 24.62 -30.25 35.23
CA LEU C 286 23.36 -29.69 34.76
C LEU C 286 22.98 -28.51 35.66
N TYR C 287 22.65 -27.38 35.03
CA TYR C 287 22.10 -26.24 35.73
C TYR C 287 20.71 -25.94 35.18
N ARG C 288 19.69 -26.01 36.05
CA ARG C 288 18.31 -25.73 35.70
C ARG C 288 17.85 -26.61 34.54
N ALA C 289 17.87 -27.92 34.77
CA ALA C 289 17.47 -28.91 33.79
C ALA C 289 16.03 -29.35 34.02
N PHE C 290 15.36 -29.71 32.93
CA PHE C 290 13.94 -30.02 32.97
C PHE C 290 13.64 -31.07 31.90
N HIS C 291 12.48 -31.70 32.04
CA HIS C 291 12.02 -32.67 31.05
C HIS C 291 11.26 -31.93 29.94
N PRO C 292 11.72 -31.96 28.70
CA PRO C 292 11.13 -31.08 27.68
C PRO C 292 9.69 -31.42 27.33
N LEU C 293 9.25 -32.64 27.60
CA LEU C 293 7.90 -33.07 27.27
C LEU C 293 6.89 -32.79 28.37
N ILE C 294 7.34 -32.29 29.52
CA ILE C 294 6.46 -31.93 30.64
C ILE C 294 6.14 -30.45 30.53
N PRO C 295 4.88 -30.05 30.37
CA PRO C 295 4.54 -28.63 30.41
C PRO C 295 4.78 -28.04 31.79
N ASP C 296 5.26 -26.80 31.80
CA ASP C 296 5.60 -26.08 33.04
C ASP C 296 6.56 -26.89 33.91
N ALA C 297 7.55 -27.51 33.26
CA ALA C 297 8.41 -28.46 33.94
C ALA C 297 9.30 -27.74 34.95
N VAL C 298 9.64 -28.45 36.02
CA VAL C 298 10.37 -27.89 37.15
C VAL C 298 11.87 -28.05 36.91
N ARG C 299 12.62 -26.98 37.14
CA ARG C 299 14.06 -27.01 36.94
C ARG C 299 14.77 -27.59 38.16
N ASN C 300 15.79 -28.40 37.90
CA ASN C 300 16.69 -28.87 38.95
C ASN C 300 18.11 -28.93 38.41
N SER C 301 19.07 -28.89 39.34
CA SER C 301 20.48 -28.93 39.01
C SER C 301 21.13 -30.12 39.71
N PHE C 302 21.99 -30.84 38.98
CA PHE C 302 22.73 -31.95 39.54
C PHE C 302 23.99 -32.17 38.70
N ALA C 303 24.98 -32.82 39.32
CA ALA C 303 26.27 -33.05 38.68
C ALA C 303 26.77 -34.43 39.05
N LEU C 304 27.34 -35.13 38.07
CA LEU C 304 28.02 -36.40 38.28
C LEU C 304 29.43 -36.31 37.75
N ASP C 305 30.39 -36.75 38.55
CA ASP C 305 31.79 -36.80 38.13
C ASP C 305 32.38 -38.12 38.60
N GLU C 306 33.71 -38.24 38.51
CA GLU C 306 34.36 -39.46 38.96
C GLU C 306 34.42 -39.54 40.49
N LYS C 307 34.48 -38.38 41.16
CA LYS C 307 34.40 -38.36 42.61
C LYS C 307 33.02 -38.80 43.09
N ASN C 308 31.96 -38.30 42.48
CA ASN C 308 30.59 -38.62 42.84
C ASN C 308 29.90 -39.20 41.61
N ARG C 309 30.02 -40.51 41.45
CA ARG C 309 29.54 -41.16 40.23
C ARG C 309 28.02 -41.27 40.20
N ILE C 310 27.40 -41.62 41.32
CA ILE C 310 26.01 -42.05 41.36
C ILE C 310 25.26 -41.15 42.33
N LEU C 311 24.13 -40.62 41.90
CA LEU C 311 23.24 -39.81 42.73
C LEU C 311 22.04 -40.67 43.12
N LEU C 312 21.90 -40.95 44.41
CA LEU C 312 20.80 -41.75 44.93
C LEU C 312 19.70 -40.82 45.42
N ILE C 313 18.52 -40.92 44.82
CA ILE C 313 17.35 -40.15 45.24
C ILE C 313 16.49 -41.07 46.10
N SER C 314 16.61 -40.94 47.42
CA SER C 314 16.01 -41.86 48.37
C SER C 314 14.88 -41.15 49.10
N GLY C 315 13.66 -41.64 48.90
CA GLY C 315 12.50 -40.98 49.45
C GLY C 315 11.20 -41.59 48.93
N PRO C 316 10.16 -41.59 49.77
CA PRO C 316 8.88 -42.17 49.36
C PRO C 316 8.24 -41.49 48.17
N ASN C 317 8.69 -40.29 47.81
CA ASN C 317 7.87 -39.35 47.05
C ASN C 317 7.60 -39.89 45.63
N MET C 318 6.58 -39.31 44.99
CA MET C 318 6.54 -39.34 43.53
C MET C 318 7.40 -38.23 42.94
N GLY C 319 7.04 -36.98 43.21
CA GLY C 319 7.93 -35.87 42.95
C GLY C 319 8.08 -35.58 41.47
N GLY C 320 8.54 -36.57 40.71
CA GLY C 320 9.52 -36.31 39.68
C GLY C 320 10.79 -37.11 39.85
N LYS C 321 10.78 -38.11 40.74
CA LYS C 321 11.94 -38.98 40.88
C LYS C 321 12.25 -39.72 39.58
N THR C 322 11.20 -40.27 38.94
CA THR C 322 11.41 -40.90 37.64
C THR C 322 11.66 -39.87 36.55
N ALA C 323 10.91 -38.76 36.55
CA ALA C 323 11.05 -37.77 35.49
C ALA C 323 12.43 -37.15 35.46
N LEU C 324 13.11 -37.11 36.61
CA LEU C 324 14.53 -36.75 36.62
C LEU C 324 15.37 -37.76 35.85
N LEU C 325 15.10 -39.06 36.06
CA LEU C 325 15.84 -40.08 35.32
C LEU C 325 15.65 -39.92 33.82
N LYS C 326 14.41 -39.66 33.40
CA LYS C 326 14.16 -39.33 31.99
C LYS C 326 14.82 -38.02 31.61
N THR C 327 14.82 -37.04 32.52
CA THR C 327 15.37 -35.72 32.19
C THR C 327 16.84 -35.82 31.82
N LEU C 328 17.62 -36.55 32.62
CA LEU C 328 19.05 -36.69 32.33
C LEU C 328 19.29 -37.55 31.09
N GLY C 329 18.62 -38.70 31.01
CA GLY C 329 18.89 -39.63 29.93
C GLY C 329 18.47 -39.09 28.58
N LEU C 330 17.30 -38.46 28.51
CA LEU C 330 16.87 -37.82 27.26
C LEU C 330 17.80 -36.68 26.87
N ALA C 331 18.34 -35.95 27.85
CA ALA C 331 19.30 -34.90 27.54
C ALA C 331 20.56 -35.46 26.89
N VAL C 332 21.05 -36.60 27.39
CA VAL C 332 22.20 -37.24 26.78
C VAL C 332 21.88 -37.69 25.36
N LEU C 333 20.72 -38.33 25.17
CA LEU C 333 20.39 -38.88 23.86
C LEU C 333 20.13 -37.77 22.83
N MET C 334 19.51 -36.67 23.27
CA MET C 334 19.36 -35.52 22.39
C MET C 334 20.70 -34.89 22.06
N ALA C 335 21.59 -34.79 23.04
CA ALA C 335 22.92 -34.25 22.79
C ALA C 335 23.70 -35.11 21.80
N GLN C 336 23.64 -36.43 21.98
CA GLN C 336 24.30 -37.34 21.05
C GLN C 336 23.65 -37.37 19.68
N SER C 337 22.44 -36.83 19.54
CA SER C 337 21.77 -36.74 18.24
C SER C 337 22.01 -35.41 17.54
N GLY C 338 22.81 -34.52 18.13
CA GLY C 338 22.95 -33.18 17.58
C GLY C 338 21.82 -32.23 17.89
N LEU C 339 20.97 -32.57 18.85
CA LEU C 339 19.94 -31.66 19.33
C LEU C 339 20.43 -30.90 20.55
N PHE C 340 19.90 -29.69 20.72
CA PHE C 340 20.07 -28.97 21.98
C PHE C 340 19.32 -29.67 23.11
N VAL C 341 19.76 -29.40 24.33
CA VAL C 341 19.30 -30.13 25.51
C VAL C 341 18.50 -29.18 26.39
N ALA C 342 17.70 -29.78 27.28
CA ALA C 342 16.74 -29.02 28.08
C ALA C 342 17.42 -28.61 29.39
N ALA C 343 18.24 -27.57 29.30
CA ALA C 343 18.89 -26.98 30.46
C ALA C 343 19.31 -25.57 30.10
N GLU C 344 19.64 -24.79 31.14
CA GLU C 344 20.27 -23.49 30.91
C GLU C 344 21.75 -23.63 30.62
N LYS C 345 22.48 -24.38 31.46
CA LYS C 345 23.82 -24.81 31.15
C LYS C 345 23.93 -26.31 31.35
N ALA C 346 24.58 -26.98 30.39
CA ALA C 346 24.70 -28.43 30.41
C ALA C 346 26.11 -28.80 29.93
N LEU C 347 26.93 -29.29 30.85
CA LEU C 347 28.10 -30.10 30.51
C LEU C 347 27.73 -31.57 30.62
N LEU C 348 27.99 -32.31 29.55
CA LEU C 348 27.67 -33.73 29.48
C LEU C 348 28.91 -34.52 29.10
N ALA C 349 29.01 -35.73 29.65
CA ALA C 349 29.96 -36.71 29.15
C ALA C 349 29.39 -37.43 27.94
N TRP C 350 30.19 -38.33 27.35
CA TRP C 350 29.79 -39.11 26.18
C TRP C 350 29.85 -40.58 26.56
N PRO C 351 28.77 -41.14 27.08
CA PRO C 351 28.77 -42.56 27.44
C PRO C 351 28.86 -43.46 26.22
N ASP C 352 29.51 -44.61 26.39
CA ASP C 352 29.43 -45.67 25.40
C ASP C 352 28.02 -46.24 25.29
N ARG C 353 27.34 -46.40 26.43
CA ARG C 353 26.00 -46.95 26.46
C ARG C 353 25.19 -46.23 27.53
N VAL C 354 23.88 -46.12 27.30
CA VAL C 354 22.94 -45.66 28.30
C VAL C 354 22.01 -46.83 28.65
N TYR C 355 21.94 -47.17 29.94
CA TYR C 355 21.09 -48.25 30.42
C TYR C 355 19.94 -47.65 31.21
N ALA C 356 18.71 -47.94 30.77
CA ALA C 356 17.51 -47.46 31.43
C ALA C 356 16.77 -48.65 32.03
N ASP C 357 16.67 -48.67 33.37
CA ASP C 357 15.76 -49.55 34.08
C ASP C 357 14.56 -48.73 34.54
N ILE C 358 13.60 -48.56 33.63
CA ILE C 358 12.36 -47.86 33.90
C ILE C 358 11.20 -48.76 33.51
N GLY C 359 10.16 -48.79 34.34
CA GLY C 359 8.89 -49.41 34.02
C GLY C 359 7.87 -48.42 33.49
N ASP C 360 6.60 -48.76 33.69
CA ASP C 360 5.51 -47.82 33.41
C ASP C 360 4.25 -48.19 34.19
N GLU C 366 4.00 -52.04 41.71
CA GLU C 366 5.31 -52.65 41.90
C GLU C 366 5.14 -53.91 42.71
N ASN C 367 5.56 -55.03 42.15
CA ASN C 367 5.48 -56.30 42.87
C ASN C 367 6.13 -57.37 42.00
N LEU C 368 6.10 -58.61 42.50
CA LEU C 368 7.14 -59.61 42.25
C LEU C 368 7.48 -59.74 40.77
N SER C 369 6.45 -59.68 39.93
CA SER C 369 6.66 -59.71 38.49
C SER C 369 7.52 -58.54 38.04
N THR C 370 7.22 -57.33 38.50
CA THR C 370 7.97 -56.16 38.08
C THR C 370 9.33 -56.07 38.77
N PHE C 371 9.46 -56.63 39.98
CA PHE C 371 10.77 -56.73 40.60
C PHE C 371 11.71 -57.63 39.81
N ALA C 372 11.19 -58.77 39.34
CA ALA C 372 11.97 -59.62 38.44
C ALA C 372 12.28 -58.92 37.12
N GLY C 373 11.35 -58.10 36.63
CA GLY C 373 11.63 -57.32 35.43
C GLY C 373 12.74 -56.31 35.62
N HIS C 374 12.82 -55.71 36.81
CA HIS C 374 13.92 -54.80 37.10
C HIS C 374 15.26 -55.53 37.11
N LEU C 375 15.30 -56.72 37.71
CA LEU C 375 16.56 -57.45 37.79
C LEU C 375 17.05 -57.91 36.42
N ARG C 376 16.11 -58.23 35.51
CA ARG C 376 16.50 -58.63 34.17
C ARG C 376 17.16 -57.49 33.40
N ARG C 377 16.74 -56.25 33.64
CA ARG C 377 17.47 -55.09 33.15
C ARG C 377 18.75 -54.84 33.94
N LEU C 378 18.70 -55.00 35.27
CA LEU C 378 19.88 -54.79 36.09
C LEU C 378 20.96 -55.84 35.82
N ARG C 379 20.58 -57.01 35.30
CA ARG C 379 21.58 -57.98 34.87
C ARG C 379 22.43 -57.43 33.74
N GLU C 380 21.82 -56.72 32.80
CA GLU C 380 22.55 -56.18 31.67
C GLU C 380 23.61 -55.17 32.12
N MET C 381 23.27 -54.34 33.11
CA MET C 381 24.25 -53.43 33.69
C MET C 381 25.37 -54.19 34.37
N LEU C 382 25.03 -55.24 35.12
CA LEU C 382 26.05 -55.99 35.85
C LEU C 382 26.95 -56.81 34.92
N GLU C 383 26.52 -57.05 33.69
CA GLU C 383 27.32 -57.80 32.71
C GLU C 383 28.06 -56.89 31.75
N GLU C 384 27.36 -55.93 31.13
CA GLU C 384 27.85 -55.27 29.93
C GLU C 384 28.44 -53.89 30.20
N ALA C 385 28.08 -53.27 31.31
CA ALA C 385 28.39 -51.86 31.51
C ALA C 385 29.89 -51.68 31.82
N THR C 386 30.45 -50.58 31.33
CA THR C 386 31.84 -50.22 31.55
C THR C 386 31.91 -48.93 32.38
N SER C 387 33.14 -48.51 32.67
CA SER C 387 33.34 -47.31 33.48
C SER C 387 32.87 -46.04 32.78
N HIS C 388 32.68 -46.08 31.46
CA HIS C 388 32.16 -44.96 30.71
C HIS C 388 30.64 -44.94 30.63
N SER C 389 29.97 -45.93 31.21
CA SER C 389 28.53 -46.10 30.97
C SER C 389 27.73 -45.15 31.83
N LEU C 390 26.57 -44.75 31.31
CA LEU C 390 25.56 -44.04 32.08
C LEU C 390 24.42 -45.00 32.40
N VAL C 391 24.11 -45.14 33.69
CA VAL C 391 23.06 -46.05 34.15
C VAL C 391 21.92 -45.22 34.74
N LEU C 392 20.69 -45.62 34.43
CA LEU C 392 19.50 -44.99 35.00
C LEU C 392 18.61 -46.09 35.56
N ILE C 393 18.43 -46.10 36.88
CA ILE C 393 17.72 -47.16 37.58
C ILE C 393 16.55 -46.53 38.33
N ASP C 394 15.36 -47.10 38.15
CA ASP C 394 14.16 -46.65 38.85
C ASP C 394 13.71 -47.73 39.82
N GLU C 395 13.25 -47.30 41.00
CA GLU C 395 12.50 -48.15 41.92
C GLU C 395 13.34 -49.34 42.39
N LEU C 396 14.55 -49.04 42.85
CA LEU C 396 15.51 -50.09 43.18
C LEU C 396 15.10 -50.76 44.48
N GLY C 397 14.95 -52.09 44.45
CA GLY C 397 14.63 -52.86 45.63
C GLY C 397 13.17 -52.83 46.04
N SER C 398 12.31 -52.15 45.28
CA SER C 398 10.90 -52.05 45.63
C SER C 398 10.11 -53.18 44.99
N GLY C 399 9.09 -53.64 45.70
CA GLY C 399 8.33 -54.80 45.29
C GLY C 399 8.77 -56.12 45.88
N THR C 400 9.61 -56.10 46.91
CA THR C 400 10.12 -57.33 47.52
C THR C 400 10.33 -57.06 49.01
N ASP C 401 11.09 -57.94 49.66
CA ASP C 401 11.39 -57.76 51.07
C ASP C 401 12.17 -56.47 51.28
N PRO C 402 11.71 -55.57 52.16
CA PRO C 402 12.55 -54.40 52.51
C PRO C 402 13.88 -54.77 53.15
N GLU C 403 13.96 -55.91 53.85
CA GLU C 403 15.24 -56.37 54.37
C GLU C 403 16.11 -56.95 53.26
N GLU C 404 15.65 -58.02 52.61
CA GLU C 404 16.50 -58.75 51.68
C GLU C 404 16.66 -57.99 50.36
N GLY C 405 15.66 -57.19 49.99
CA GLY C 405 15.82 -56.33 48.82
C GLY C 405 16.87 -55.26 49.00
N ALA C 406 16.95 -54.69 50.21
CA ALA C 406 17.99 -53.69 50.48
C ALA C 406 19.38 -54.30 50.44
N ALA C 407 19.53 -55.52 50.98
CA ALA C 407 20.81 -56.20 50.90
C ALA C 407 21.20 -56.52 49.46
N LEU C 408 20.23 -56.99 48.67
CA LEU C 408 20.49 -57.18 47.24
C LEU C 408 20.77 -55.86 46.54
N SER C 409 20.00 -54.82 46.85
CA SER C 409 20.16 -53.54 46.16
C SER C 409 21.51 -52.89 46.51
N GLN C 410 21.90 -52.95 47.78
CA GLN C 410 23.21 -52.42 48.17
C GLN C 410 24.32 -53.19 47.50
N ALA C 411 24.17 -54.52 47.36
CA ALA C 411 25.17 -55.31 46.66
C ALA C 411 25.32 -54.89 45.21
N ILE C 412 24.20 -54.62 44.53
CA ILE C 412 24.27 -54.16 43.15
C ILE C 412 24.94 -52.79 43.07
N LEU C 413 24.60 -51.89 44.00
CA LEU C 413 25.18 -50.56 43.99
C LEU C 413 26.68 -50.61 44.23
N GLU C 414 27.13 -51.49 45.13
CA GLU C 414 28.57 -51.67 45.34
C GLU C 414 29.24 -52.18 44.07
N ALA C 415 28.59 -53.09 43.36
CA ALA C 415 29.15 -53.57 42.09
C ALA C 415 29.26 -52.45 41.07
N LEU C 416 28.24 -51.58 41.00
CA LEU C 416 28.27 -50.48 40.05
C LEU C 416 29.27 -49.41 40.45
N LEU C 417 29.51 -49.23 41.75
CA LEU C 417 30.52 -48.27 42.20
C LEU C 417 31.93 -48.77 41.91
N GLU C 418 32.16 -50.07 42.05
CA GLU C 418 33.44 -50.65 41.63
C GLU C 418 33.63 -50.52 40.12
N ARG C 419 32.55 -50.69 39.35
CA ARG C 419 32.64 -50.59 37.90
C ARG C 419 33.03 -49.20 37.43
N GLY C 420 32.78 -48.17 38.25
CA GLY C 420 33.04 -46.81 37.85
C GLY C 420 31.95 -46.17 37.02
N VAL C 421 30.78 -46.77 36.93
CA VAL C 421 29.70 -46.19 36.13
C VAL C 421 29.20 -44.91 36.81
N LYS C 422 28.72 -43.98 35.99
CA LYS C 422 27.98 -42.82 36.46
C LYS C 422 26.50 -43.00 36.17
N GLY C 423 25.68 -42.38 37.00
CA GLY C 423 24.26 -42.30 36.72
C GLY C 423 23.46 -42.02 37.98
N MET C 424 22.18 -42.38 37.93
CA MET C 424 21.20 -41.88 38.87
C MET C 424 20.24 -43.01 39.24
N VAL C 425 19.96 -43.14 40.54
CA VAL C 425 19.20 -44.27 41.09
C VAL C 425 18.12 -43.72 42.00
N THR C 426 16.94 -44.33 41.94
CA THR C 426 15.84 -44.00 42.85
C THR C 426 15.50 -45.21 43.70
N THR C 427 15.11 -44.94 44.95
CA THR C 427 14.60 -45.97 45.85
C THR C 427 13.81 -45.28 46.96
N HIS C 428 13.11 -46.10 47.74
CA HIS C 428 12.56 -45.66 49.02
C HIS C 428 13.06 -46.49 50.20
N LEU C 429 14.07 -47.33 50.00
CA LEU C 429 14.48 -48.28 51.03
C LEU C 429 15.43 -47.62 52.01
N SER C 430 15.10 -47.70 53.30
CA SER C 430 15.81 -46.93 54.31
C SER C 430 17.29 -47.29 54.43
N PRO C 431 17.71 -48.56 54.42
CA PRO C 431 19.15 -48.84 54.57
C PRO C 431 20.01 -48.19 53.49
N LEU C 432 19.46 -47.94 52.30
CA LEU C 432 20.28 -47.47 51.19
C LEU C 432 20.75 -46.03 51.42
N LYS C 433 19.90 -45.19 52.01
CA LYS C 433 20.32 -43.81 52.31
C LYS C 433 21.28 -43.77 53.49
N ALA C 434 21.20 -44.74 54.40
CA ALA C 434 22.30 -44.96 55.35
C ALA C 434 23.54 -45.47 54.65
N PHE C 435 23.39 -46.29 53.60
CA PHE C 435 24.54 -46.79 52.87
C PHE C 435 25.26 -45.67 52.11
N ALA C 436 24.49 -44.75 51.53
CA ALA C 436 25.08 -43.74 50.66
C ALA C 436 25.99 -42.80 51.45
N GLN C 437 25.59 -42.44 52.66
CA GLN C 437 26.52 -41.84 53.61
C GLN C 437 27.64 -42.82 53.94
N GLY C 438 28.88 -42.31 53.90
CA GLY C 438 30.02 -43.11 54.28
C GLY C 438 30.48 -44.13 53.24
N ARG C 439 29.97 -44.04 52.01
CA ARG C 439 30.50 -44.79 50.88
C ARG C 439 30.93 -43.83 49.78
N GLU C 440 32.11 -44.07 49.22
CA GLU C 440 32.63 -43.20 48.17
C GLU C 440 31.75 -43.28 46.92
N GLY C 441 31.66 -42.16 46.21
CA GLY C 441 31.16 -42.17 44.85
C GLY C 441 29.65 -42.26 44.73
N ILE C 442 28.92 -42.27 45.84
CA ILE C 442 27.46 -42.24 45.81
C ILE C 442 26.99 -41.23 46.86
N GLN C 443 25.99 -40.43 46.48
CA GLN C 443 25.56 -39.30 47.28
C GLN C 443 24.04 -39.30 47.37
N ASN C 444 23.52 -38.95 48.54
CA ASN C 444 22.08 -38.97 48.77
C ASN C 444 21.42 -37.76 48.13
N ALA C 445 20.17 -37.95 47.73
CA ALA C 445 19.29 -36.84 47.37
C ALA C 445 17.85 -37.24 47.67
N SER C 446 16.95 -36.28 47.55
CA SER C 446 15.57 -36.47 47.96
C SER C 446 14.70 -35.41 47.27
N MET C 447 13.39 -35.60 47.39
CA MET C 447 12.40 -34.69 46.82
C MET C 447 11.71 -33.92 47.93
N ARG C 448 11.64 -32.59 47.78
CA ARG C 448 10.87 -31.78 48.71
C ARG C 448 9.37 -32.02 48.50
N PHE C 449 8.63 -32.01 49.61
CA PHE C 449 7.18 -32.18 49.58
C PHE C 449 6.51 -30.99 50.24
N ASP C 450 5.45 -30.49 49.61
CA ASP C 450 4.69 -29.35 50.13
C ASP C 450 3.61 -29.90 51.06
N LEU C 451 3.84 -29.78 52.37
CA LEU C 451 2.89 -30.31 53.34
C LEU C 451 1.57 -29.56 53.31
N GLU C 452 1.64 -28.22 53.16
CA GLU C 452 0.45 -27.40 53.30
C GLU C 452 -0.49 -27.54 52.11
N ALA C 453 0.01 -27.94 50.95
CA ALA C 453 -0.83 -28.18 49.77
C ALA C 453 -1.02 -29.65 49.45
N LEU C 454 -0.33 -30.55 50.15
CA LEU C 454 -0.41 -32.00 49.89
C LEU C 454 -0.09 -32.30 48.43
N ARG C 455 0.93 -31.63 47.89
CA ARG C 455 1.47 -31.96 46.59
C ARG C 455 2.98 -32.08 46.64
N PRO C 456 3.57 -32.93 45.81
CA PRO C 456 5.02 -32.85 45.55
C PRO C 456 5.37 -31.61 44.73
N THR C 457 6.57 -31.07 44.99
CA THR C 457 6.79 -29.66 44.69
C THR C 457 6.96 -29.37 43.19
N TYR C 458 8.13 -29.70 42.62
CA TYR C 458 8.53 -31.05 42.24
C TYR C 458 10.00 -31.31 42.56
N GLU C 459 10.67 -30.42 43.28
CA GLU C 459 12.08 -30.14 43.08
C GLU C 459 12.95 -31.09 43.89
N LEU C 460 14.21 -31.21 43.48
CA LEU C 460 15.14 -32.13 44.13
C LEU C 460 15.95 -31.40 45.20
N VAL C 461 16.16 -32.07 46.33
CA VAL C 461 16.98 -31.56 47.42
C VAL C 461 18.28 -32.35 47.44
N LEU C 462 19.39 -31.65 47.20
CA LEU C 462 20.70 -32.28 47.22
C LEU C 462 21.17 -32.50 48.65
N GLY C 463 21.59 -33.73 48.95
CA GLY C 463 22.45 -34.01 50.08
C GLY C 463 21.71 -34.33 51.37
N VAL C 464 20.54 -33.74 51.57
CA VAL C 464 19.74 -34.01 52.77
C VAL C 464 19.07 -35.37 52.62
N PRO C 465 19.22 -36.28 53.58
CA PRO C 465 18.49 -37.55 53.53
C PRO C 465 16.99 -37.32 53.57
N GLY C 466 16.26 -38.15 52.82
CA GLY C 466 14.82 -38.02 52.71
C GLY C 466 14.08 -38.56 53.91
CA SER C 468 9.97 -38.92 56.37
C SER C 468 8.83 -38.03 56.85
N TYR C 469 7.69 -38.10 56.17
CA TYR C 469 6.61 -37.15 56.34
C TYR C 469 5.39 -37.76 57.02
N ALA C 470 5.48 -39.00 57.49
CA ALA C 470 4.29 -39.85 57.57
C ALA C 470 3.30 -39.30 58.61
N LEU C 471 3.79 -39.02 59.82
CA LEU C 471 2.90 -38.52 60.87
C LEU C 471 2.48 -37.08 60.62
N ALA C 472 3.30 -36.32 59.88
CA ALA C 472 2.90 -34.98 59.49
C ALA C 472 1.69 -35.00 58.56
N ILE C 473 1.64 -35.98 57.66
CA ILE C 473 0.47 -36.13 56.79
C ILE C 473 -0.77 -36.44 57.62
N ALA C 474 -0.64 -37.36 58.59
CA ALA C 474 -1.79 -37.76 59.39
C ALA C 474 -2.30 -36.62 60.25
N ARG C 475 -1.40 -35.83 60.84
CA ARG C 475 -1.82 -34.62 61.54
C ARG C 475 -2.41 -33.59 60.59
N ARG C 476 -1.88 -33.50 59.36
CA ARG C 476 -2.46 -32.60 58.37
C ARG C 476 -3.89 -32.98 58.04
N LEU C 477 -4.17 -34.28 57.95
CA LEU C 477 -5.46 -34.79 57.51
C LEU C 477 -6.44 -35.00 58.66
N ALA C 478 -6.08 -34.59 59.88
CA ALA C 478 -6.98 -34.61 61.03
C ALA C 478 -7.41 -36.02 61.40
N LEU C 479 -6.46 -36.96 61.32
CA LEU C 479 -6.64 -38.26 61.95
C LEU C 479 -6.68 -38.10 63.47
N PRO C 480 -7.42 -38.97 64.17
CA PRO C 480 -7.59 -38.80 65.61
C PRO C 480 -6.26 -38.85 66.35
N GLU C 481 -6.15 -38.00 67.38
CA GLU C 481 -4.90 -37.91 68.13
C GLU C 481 -4.71 -39.11 69.06
N GLU C 482 -5.79 -39.74 69.51
CA GLU C 482 -5.66 -40.96 70.29
C GLU C 482 -5.14 -42.13 69.46
N VAL C 483 -5.31 -42.09 68.14
CA VAL C 483 -4.67 -43.08 67.29
C VAL C 483 -3.16 -42.89 67.26
N LEU C 484 -2.70 -41.64 67.19
CA LEU C 484 -1.36 -41.33 66.69
C LEU C 484 -0.33 -41.81 67.71
N LYS C 485 0.34 -42.91 67.39
CA LYS C 485 1.38 -43.50 68.23
C LYS C 485 0.84 -43.81 69.64
N ARG C 486 -0.11 -44.72 69.68
CA ARG C 486 -0.26 -45.61 70.83
C ARG C 486 0.61 -46.86 70.69
N ARG D 2 -24.55 -8.33 2.48
CA ARG D 2 -25.51 -8.58 1.41
C ARG D 2 -26.91 -8.77 1.97
N ASP D 3 -27.00 -9.00 3.28
CA ASP D 3 -28.20 -9.56 3.88
C ASP D 3 -29.28 -8.49 4.01
N VAL D 4 -30.53 -8.90 3.80
CA VAL D 4 -31.63 -7.94 3.75
C VAL D 4 -31.86 -7.32 5.12
N LEU D 5 -31.70 -8.12 6.18
CA LEU D 5 -31.87 -7.58 7.53
C LEU D 5 -30.85 -6.50 7.84
N GLU D 6 -29.60 -6.69 7.41
CA GLU D 6 -28.57 -5.67 7.60
C GLU D 6 -28.93 -4.38 6.85
N VAL D 7 -29.45 -4.51 5.63
CA VAL D 7 -29.78 -3.34 4.83
C VAL D 7 -30.87 -2.51 5.51
N LEU D 8 -31.89 -3.18 6.05
CA LEU D 8 -33.03 -2.51 6.66
C LEU D 8 -32.82 -2.19 8.12
N GLU D 9 -31.56 -2.25 8.60
CA GLU D 9 -31.21 -1.84 9.97
C GLU D 9 -31.96 -2.65 11.02
N PHE D 10 -32.19 -3.93 10.73
CA PHE D 10 -32.81 -4.82 11.71
C PHE D 10 -31.99 -4.99 12.98
N PRO D 11 -30.67 -5.18 12.95
CA PRO D 11 -29.92 -5.29 14.22
C PRO D 11 -29.98 -4.04 15.09
N ARG D 12 -30.32 -2.88 14.51
CA ARG D 12 -30.68 -1.73 15.34
C ARG D 12 -31.92 -2.01 16.17
N VAL D 13 -32.92 -2.67 15.59
CA VAL D 13 -34.13 -2.98 16.33
C VAL D 13 -33.85 -4.02 17.41
N ARG D 14 -32.96 -4.98 17.12
CA ARG D 14 -32.57 -5.95 18.13
C ARG D 14 -31.91 -5.29 19.33
N ALA D 15 -31.05 -4.31 19.08
CA ALA D 15 -30.37 -3.62 20.18
C ALA D 15 -31.36 -2.88 21.05
N LEU D 16 -32.37 -2.23 20.44
CA LEU D 16 -33.45 -1.63 21.21
C LEU D 16 -34.22 -2.69 21.98
N LEU D 17 -34.51 -3.83 21.35
CA LEU D 17 -35.24 -4.90 22.02
C LEU D 17 -34.42 -5.49 23.17
N ALA D 18 -33.12 -5.69 22.95
CA ALA D 18 -32.28 -6.35 23.95
C ALA D 18 -32.02 -5.46 25.16
N GLU D 19 -32.11 -4.15 25.01
CA GLU D 19 -32.04 -3.26 26.17
C GLU D 19 -33.15 -3.54 27.16
N ARG D 20 -34.34 -3.90 26.67
CA ARG D 20 -35.52 -4.05 27.51
C ARG D 20 -35.72 -5.46 28.02
N ALA D 21 -34.80 -6.38 27.71
CA ALA D 21 -34.78 -7.69 28.36
C ALA D 21 -34.19 -7.59 29.76
N LYS D 22 -34.75 -8.38 30.68
CA LYS D 22 -34.23 -8.41 32.05
C LYS D 22 -33.05 -9.36 32.16
N THR D 23 -33.25 -10.64 31.87
CA THR D 23 -32.19 -11.63 31.92
C THR D 23 -31.36 -11.59 30.64
N PRO D 24 -30.13 -12.10 30.69
CA PRO D 24 -29.41 -12.38 29.45
C PRO D 24 -30.07 -13.42 28.57
N LEU D 25 -30.94 -14.28 29.13
CA LEU D 25 -31.71 -15.19 28.30
C LEU D 25 -32.62 -14.44 27.34
N GLY D 26 -33.29 -13.39 27.83
CA GLY D 26 -34.04 -12.52 26.92
C GLY D 26 -33.14 -11.76 25.98
N ARG D 27 -31.96 -11.34 26.44
CA ARG D 27 -31.07 -10.56 25.59
C ARG D 27 -30.59 -11.36 24.39
N GLU D 28 -30.27 -12.63 24.60
CA GLU D 28 -29.82 -13.48 23.49
C GLU D 28 -30.94 -13.68 22.47
N LEU D 29 -32.16 -13.91 22.93
CA LEU D 29 -33.28 -14.09 22.01
C LEU D 29 -33.56 -12.83 21.21
N ALA D 30 -33.46 -11.66 21.85
CA ALA D 30 -33.62 -10.40 21.13
C ALA D 30 -32.53 -10.21 20.09
N LEU D 31 -31.28 -10.52 20.45
CA LEU D 31 -30.17 -10.35 19.51
C LEU D 31 -30.16 -11.40 18.41
N ALA D 32 -30.82 -12.54 18.63
CA ALA D 32 -30.92 -13.59 17.62
C ALA D 32 -32.25 -13.58 16.90
N LEU D 33 -33.02 -12.51 17.01
CA LEU D 33 -34.40 -12.53 16.54
C LEU D 33 -34.43 -12.52 15.01
N ALA D 34 -35.23 -13.42 14.45
CA ALA D 34 -35.31 -13.65 13.01
C ALA D 34 -36.78 -13.77 12.65
N PRO D 35 -37.12 -13.57 11.37
CA PRO D 35 -38.47 -13.89 10.92
C PRO D 35 -38.82 -15.35 11.17
N LEU D 36 -40.01 -15.58 11.70
CA LEU D 36 -40.48 -16.87 12.17
C LEU D 36 -41.45 -17.48 11.16
N PRO D 37 -41.74 -18.77 11.29
CA PRO D 37 -42.90 -19.33 10.58
C PRO D 37 -44.21 -18.71 11.07
N ARG D 38 -45.23 -18.80 10.21
CA ARG D 38 -46.39 -17.92 10.33
C ARG D 38 -47.17 -18.20 11.59
N GLU D 39 -47.27 -19.48 11.98
CA GLU D 39 -48.03 -19.83 13.18
C GLU D 39 -47.39 -19.24 14.44
N GLU D 40 -46.07 -19.33 14.55
CA GLU D 40 -45.40 -18.91 15.77
C GLU D 40 -45.27 -17.39 15.87
N ALA D 41 -45.18 -16.70 14.73
CA ALA D 41 -45.15 -15.25 14.75
C ALA D 41 -46.46 -14.66 15.27
N GLU D 42 -47.58 -15.28 14.91
CA GLU D 42 -48.87 -14.87 15.47
C GLU D 42 -48.95 -15.18 16.96
N LYS D 43 -48.38 -16.29 17.39
CA LYS D 43 -48.32 -16.59 18.83
C LYS D 43 -47.49 -15.56 19.57
N ARG D 44 -46.39 -15.11 18.96
CA ARG D 44 -45.60 -14.03 19.55
C ARG D 44 -46.42 -12.73 19.65
N HIS D 45 -47.22 -12.45 18.61
CA HIS D 45 -48.10 -11.29 18.68
C HIS D 45 -49.13 -11.43 19.80
N GLU D 46 -49.71 -12.62 19.94
CA GLU D 46 -50.68 -12.84 21.01
C GLU D 46 -50.03 -12.74 22.38
N LEU D 47 -48.81 -13.28 22.53
CA LEU D 47 -48.08 -13.14 23.78
C LEU D 47 -47.76 -11.68 24.07
N THR D 48 -47.34 -10.93 23.05
CA THR D 48 -46.96 -9.53 23.26
C THR D 48 -48.15 -8.69 23.73
N GLY D 49 -49.32 -8.92 23.14
CA GLY D 49 -50.50 -8.17 23.55
C GLY D 49 -50.93 -8.47 24.97
N GLU D 50 -50.83 -9.74 25.38
CA GLU D 50 -51.17 -10.10 26.75
C GLU D 50 -50.17 -9.51 27.74
N ALA D 51 -48.88 -9.50 27.39
CA ALA D 51 -47.87 -9.00 28.31
C ALA D 51 -47.97 -7.50 28.50
N LEU D 52 -48.51 -6.78 27.52
CA LEU D 52 -48.92 -5.40 27.75
C LEU D 52 -49.96 -5.32 28.86
N SER D 53 -50.99 -6.15 28.79
CA SER D 53 -52.14 -5.99 29.67
C SER D 53 -51.82 -6.43 31.09
N TYR D 54 -51.01 -7.49 31.24
CA TYR D 54 -50.74 -8.13 32.52
C TYR D 54 -49.22 -8.19 32.70
N PRO D 55 -48.61 -7.11 33.19
CA PRO D 55 -47.17 -7.14 33.49
C PRO D 55 -46.87 -8.13 34.61
N TYR D 56 -45.73 -8.80 34.47
CA TYR D 56 -45.29 -9.82 35.43
C TYR D 56 -43.83 -9.59 35.78
N ALA D 57 -43.47 -9.98 37.00
CA ALA D 57 -42.09 -9.95 37.44
C ALA D 57 -41.33 -11.19 36.96
N LEU D 58 -40.02 -11.04 36.83
CA LEU D 58 -39.17 -12.08 36.27
C LEU D 58 -38.04 -12.40 37.24
N PRO D 59 -37.84 -13.67 37.58
CA PRO D 59 -36.68 -14.05 38.40
C PRO D 59 -35.38 -13.95 37.61
N GLU D 60 -34.28 -14.01 38.35
CA GLU D 60 -32.94 -13.93 37.77
C GLU D 60 -32.62 -15.26 37.11
N ALA D 61 -33.07 -15.41 35.86
CA ALA D 61 -32.85 -16.66 35.13
C ALA D 61 -31.43 -16.74 34.56
N GLY D 62 -30.79 -15.60 34.32
CA GLY D 62 -29.40 -15.61 33.90
C GLY D 62 -28.47 -16.12 34.98
N THR D 63 -28.70 -15.69 36.23
CA THR D 63 -27.97 -16.28 37.36
C THR D 63 -28.31 -17.76 37.52
N LEU D 64 -29.59 -18.12 37.31
CA LEU D 64 -29.98 -19.52 37.39
C LEU D 64 -29.28 -20.35 36.33
N ARG D 65 -29.15 -19.83 35.11
CA ARG D 65 -28.52 -20.58 34.04
C ARG D 65 -27.01 -20.71 34.25
N GLU D 66 -26.37 -19.67 34.78
CA GLU D 66 -24.95 -19.74 35.09
C GLU D 66 -24.68 -20.77 36.18
N ALA D 67 -25.54 -20.84 37.20
CA ALA D 67 -25.45 -21.91 38.18
C ALA D 67 -25.64 -23.28 37.52
N TYR D 68 -26.61 -23.38 36.61
CA TYR D 68 -26.97 -24.69 36.06
C TYR D 68 -25.90 -25.21 35.11
N GLY D 69 -25.29 -24.32 34.32
CA GLY D 69 -24.23 -24.74 33.44
C GLY D 69 -22.99 -25.20 34.18
N ARG D 70 -22.62 -24.48 35.25
CA ARG D 70 -21.49 -24.90 36.06
C ARG D 70 -21.80 -26.17 36.85
N ALA D 71 -23.05 -26.33 37.30
CA ALA D 71 -23.44 -27.56 37.97
C ALA D 71 -23.36 -28.76 37.02
N LEU D 72 -23.77 -28.57 35.76
CA LEU D 72 -23.53 -29.59 34.75
C LEU D 72 -22.05 -29.79 34.49
N ALA D 73 -21.26 -28.70 34.54
CA ALA D 73 -19.84 -28.80 34.27
C ALA D 73 -19.09 -29.60 35.34
N GLY D 74 -19.68 -29.78 36.53
CA GLY D 74 -19.08 -30.56 37.58
C GLY D 74 -18.45 -29.73 38.69
N ALA D 75 -18.22 -28.44 38.48
CA ALA D 75 -17.79 -27.57 39.56
C ALA D 75 -18.90 -27.43 40.60
N ARG D 76 -18.50 -27.48 41.87
CA ARG D 76 -19.47 -27.32 42.96
C ARG D 76 -19.73 -25.84 43.21
N LEU D 77 -21.00 -25.49 43.34
CA LEU D 77 -21.40 -24.09 43.41
C LEU D 77 -21.34 -23.60 44.85
N SER D 78 -21.33 -22.29 45.00
CA SER D 78 -21.10 -21.66 46.29
C SER D 78 -22.42 -21.48 47.03
N GLY D 79 -22.31 -21.24 48.34
CA GLY D 79 -23.46 -21.17 49.21
C GLY D 79 -24.50 -20.15 48.79
N PRO D 80 -24.09 -18.90 48.61
CA PRO D 80 -25.00 -17.92 48.00
C PRO D 80 -25.47 -18.31 46.60
N GLU D 81 -24.64 -19.01 45.83
CA GLU D 81 -25.01 -19.30 44.44
C GLU D 81 -26.15 -20.31 44.36
N LEU D 82 -26.12 -21.32 45.23
CA LEU D 82 -27.29 -22.20 45.38
C LEU D 82 -28.51 -21.40 45.82
N LEU D 83 -28.33 -20.49 46.78
CA LEU D 83 -29.47 -19.75 47.33
C LEU D 83 -30.14 -18.90 46.26
N LYS D 84 -29.35 -18.19 45.44
CA LYS D 84 -29.92 -17.35 44.41
C LYS D 84 -30.53 -18.19 43.29
N ALA D 85 -29.89 -19.31 42.95
CA ALA D 85 -30.46 -20.22 41.96
C ALA D 85 -31.77 -20.82 42.44
N ALA D 86 -31.82 -21.24 43.70
CA ALA D 86 -33.08 -21.74 44.27
C ALA D 86 -34.12 -20.64 44.35
N LYS D 87 -33.70 -19.41 44.69
CA LYS D 87 -34.64 -18.31 44.80
C LYS D 87 -35.27 -17.97 43.45
N ALA D 88 -34.47 -18.05 42.38
CA ALA D 88 -35.03 -17.88 41.04
C ALA D 88 -36.03 -18.98 40.70
N LEU D 89 -35.73 -20.22 41.09
CA LEU D 89 -36.66 -21.32 40.83
C LEU D 89 -37.95 -21.14 41.61
N GLU D 90 -37.86 -20.71 42.87
CA GLU D 90 -39.06 -20.48 43.66
C GLU D 90 -39.90 -19.36 43.07
N GLU D 91 -39.26 -18.27 42.62
CA GLU D 91 -39.99 -17.18 42.00
C GLU D 91 -40.59 -17.58 40.67
N ALA D 92 -39.91 -18.46 39.92
CA ALA D 92 -40.49 -18.98 38.69
C ALA D 92 -41.76 -19.78 38.95
N MET D 93 -41.76 -20.60 40.00
CA MET D 93 -42.99 -21.29 40.38
C MET D 93 -44.08 -20.33 40.83
N ALA D 94 -43.70 -19.30 41.59
CA ALA D 94 -44.67 -18.27 41.98
C ALA D 94 -45.15 -17.48 40.78
N LEU D 95 -44.29 -17.26 39.79
CA LEU D 95 -44.75 -16.70 38.52
C LEU D 95 -45.71 -17.63 37.81
N LYS D 96 -45.46 -18.94 37.86
CA LYS D 96 -46.32 -19.90 37.18
C LYS D 96 -47.73 -19.88 37.74
N GLU D 97 -47.86 -19.94 39.07
CA GLU D 97 -49.17 -19.93 39.70
C GLU D 97 -49.87 -18.59 39.54
N GLU D 98 -49.12 -17.51 39.30
CA GLU D 98 -49.73 -16.24 38.95
C GLU D 98 -50.38 -16.30 37.57
N LEU D 99 -49.77 -17.01 36.63
CA LEU D 99 -50.17 -16.93 35.23
C LEU D 99 -51.20 -17.98 34.84
N LEU D 100 -51.20 -19.14 35.52
CA LEU D 100 -52.03 -20.26 35.09
C LEU D 100 -53.52 -19.95 35.10
N PRO D 101 -54.10 -19.35 36.15
CA PRO D 101 -55.55 -19.10 36.13
C PRO D 101 -56.00 -18.14 35.04
N LEU D 102 -55.08 -17.39 34.41
CA LEU D 102 -55.45 -16.55 33.28
C LEU D 102 -55.98 -17.40 32.12
N LYS D 103 -55.43 -18.59 31.93
CA LYS D 103 -55.84 -19.53 30.87
C LYS D 103 -55.76 -18.87 29.50
N ASN D 104 -54.56 -18.41 29.17
CA ASN D 104 -54.31 -17.67 27.93
C ASN D 104 -52.96 -18.13 27.38
N ALA D 105 -52.43 -17.36 26.41
CA ALA D 105 -51.17 -17.75 25.80
C ALA D 105 -50.03 -17.71 26.81
N LEU D 106 -50.07 -16.77 27.75
CA LEU D 106 -49.03 -16.68 28.77
C LEU D 106 -49.03 -17.93 29.66
N SER D 107 -50.21 -18.43 30.01
CA SER D 107 -50.29 -19.62 30.85
C SER D 107 -49.83 -20.88 30.13
N GLN D 108 -49.89 -20.90 28.80
CA GLN D 108 -49.31 -22.03 28.05
C GLN D 108 -47.79 -22.00 28.09
N VAL D 109 -47.20 -20.80 28.07
CA VAL D 109 -45.76 -20.69 28.25
C VAL D 109 -45.37 -21.11 29.66
N ALA D 110 -46.18 -20.75 30.66
CA ALA D 110 -45.88 -21.09 32.05
C ALA D 110 -46.03 -22.58 32.34
N GLU D 111 -46.58 -23.35 31.41
CA GLU D 111 -46.62 -24.80 31.57
C GLU D 111 -45.23 -25.41 31.65
N GLY D 112 -44.23 -24.76 31.05
CA GLY D 112 -42.88 -25.28 31.08
C GLY D 112 -42.20 -25.16 32.42
N ILE D 113 -42.71 -24.30 33.30
CA ILE D 113 -42.10 -24.11 34.61
C ILE D 113 -42.35 -25.35 35.46
N GLY D 114 -41.27 -25.99 35.93
CA GLY D 114 -41.33 -27.32 36.47
C GLY D 114 -41.66 -27.32 37.95
N ASP D 115 -41.62 -28.52 38.53
CA ASP D 115 -41.84 -28.70 39.96
C ASP D 115 -40.47 -28.86 40.63
N HIS D 116 -39.94 -27.75 41.15
CA HIS D 116 -38.63 -27.73 41.78
C HIS D 116 -38.70 -27.79 43.28
N THR D 117 -39.85 -28.17 43.84
CA THR D 117 -39.99 -28.24 45.30
C THR D 117 -38.99 -29.16 45.98
N PRO D 118 -38.63 -30.35 45.45
CA PRO D 118 -37.58 -31.14 46.11
C PRO D 118 -36.27 -30.38 46.27
N PHE D 119 -35.76 -29.79 45.19
CA PHE D 119 -34.49 -29.06 45.27
C PHE D 119 -34.61 -27.86 46.21
N LEU D 120 -35.77 -27.22 46.26
CA LEU D 120 -35.98 -26.13 47.20
C LEU D 120 -35.92 -26.62 48.64
N GLU D 121 -36.38 -27.84 48.91
CA GLU D 121 -36.37 -28.35 50.28
C GLU D 121 -34.95 -28.50 50.81
N ARG D 122 -34.07 -29.14 50.03
CA ARG D 122 -32.74 -29.44 50.52
C ARG D 122 -31.89 -28.19 50.65
N VAL D 123 -32.12 -27.19 49.79
CA VAL D 123 -31.37 -25.94 49.89
C VAL D 123 -31.75 -25.19 51.17
N ARG D 124 -33.05 -25.06 51.43
CA ARG D 124 -33.48 -24.25 52.57
C ARG D 124 -33.27 -24.96 53.89
N LYS D 125 -33.13 -26.29 53.88
CA LYS D 125 -32.65 -27.00 55.06
C LYS D 125 -31.16 -26.76 55.29
N ALA D 126 -30.36 -26.84 54.22
CA ALA D 126 -28.91 -26.82 54.39
C ALA D 126 -28.40 -25.39 54.56
N LEU D 127 -28.83 -24.49 53.69
CA LEU D 127 -28.35 -23.11 53.70
C LEU D 127 -29.28 -22.24 54.52
N ASP D 128 -28.77 -21.06 54.91
CA ASP D 128 -29.61 -19.93 55.24
C ASP D 128 -29.60 -18.93 54.09
N GLU D 129 -30.29 -17.81 54.29
CA GLU D 129 -30.17 -16.65 53.43
C GLU D 129 -29.10 -15.71 53.96
N GLU D 130 -28.28 -15.19 53.05
CA GLU D 130 -26.83 -15.01 53.13
C GLU D 130 -26.04 -16.30 52.85
N GLY D 131 -26.70 -17.43 52.60
CA GLY D 131 -26.03 -18.54 51.92
C GLY D 131 -24.90 -19.16 52.71
N ALA D 132 -25.08 -19.33 54.02
CA ALA D 132 -24.11 -20.00 54.88
C ALA D 132 -24.68 -21.33 55.35
N VAL D 133 -23.85 -22.36 55.35
CA VAL D 133 -24.32 -23.72 55.57
C VAL D 133 -24.65 -23.90 57.05
N LYS D 134 -25.89 -24.25 57.34
CA LYS D 134 -26.34 -24.36 58.72
C LYS D 134 -25.71 -25.59 59.39
N ASP D 135 -25.73 -25.57 60.72
CA ASP D 135 -25.32 -26.75 61.48
C ASP D 135 -26.24 -27.94 61.25
N GLU D 136 -27.49 -27.70 60.86
CA GLU D 136 -28.46 -28.78 60.66
C GLU D 136 -28.33 -29.44 59.29
N ALA D 137 -27.38 -29.00 58.46
CA ALA D 137 -27.28 -29.52 57.10
C ALA D 137 -26.90 -30.99 57.09
N SER D 138 -26.15 -31.45 58.09
CA SER D 138 -25.79 -32.86 58.20
C SER D 138 -25.43 -33.14 59.66
N PRO D 139 -25.69 -34.36 60.15
CA PRO D 139 -25.17 -34.74 61.47
C PRO D 139 -23.66 -34.71 61.56
N ARG D 140 -22.95 -34.92 60.45
CA ARG D 140 -21.50 -34.71 60.44
C ARG D 140 -21.15 -33.29 60.84
N LEU D 141 -21.76 -32.31 60.16
CA LEU D 141 -21.38 -30.91 60.40
C LEU D 141 -21.81 -30.45 61.79
N ALA D 142 -22.96 -30.92 62.26
CA ALA D 142 -23.49 -30.47 63.54
C ALA D 142 -22.54 -30.82 64.68
N GLN D 143 -22.01 -32.04 64.68
CA GLN D 143 -21.09 -32.44 65.74
C GLN D 143 -19.73 -31.74 65.61
N ILE D 144 -19.30 -31.48 64.37
CA ILE D 144 -18.09 -30.67 64.18
C ILE D 144 -18.32 -29.25 64.69
N ARG D 145 -19.48 -28.67 64.39
CA ARG D 145 -19.84 -27.39 65.00
C ARG D 145 -20.01 -27.52 66.51
N ARG D 146 -20.50 -28.67 66.99
CA ARG D 146 -20.65 -28.87 68.43
C ARG D 146 -19.31 -28.84 69.14
N GLU D 147 -18.23 -29.22 68.46
CA GLU D 147 -16.89 -29.22 69.05
C GLU D 147 -16.09 -27.98 68.72
N LEU D 148 -16.38 -27.32 67.61
CA LEU D 148 -15.68 -26.08 67.27
C LEU D 148 -15.99 -24.97 68.28
N ARG D 149 -17.27 -24.80 68.63
CA ARG D 149 -17.68 -23.55 69.29
C ARG D 149 -17.18 -23.47 70.72
N PRO D 150 -17.31 -24.50 71.57
CA PRO D 150 -16.60 -24.45 72.86
C PRO D 150 -15.09 -24.37 72.72
N LEU D 151 -14.51 -25.05 71.73
CA LEU D 151 -13.06 -25.12 71.63
C LEU D 151 -12.47 -23.77 71.24
N ARG D 152 -13.04 -23.13 70.22
CA ARG D 152 -12.58 -21.79 69.84
C ARG D 152 -12.75 -20.81 70.99
N GLN D 153 -13.91 -20.85 71.66
CA GLN D 153 -14.11 -20.00 72.82
C GLN D 153 -13.10 -20.30 73.91
N GLN D 154 -12.86 -21.58 74.19
CA GLN D 154 -12.06 -21.95 75.35
C GLN D 154 -10.62 -21.47 75.23
N ILE D 155 -10.10 -21.40 74.00
CA ILE D 155 -8.75 -20.88 73.78
C ILE D 155 -8.72 -19.36 73.64
N LEU D 156 -9.86 -18.72 73.37
CA LEU D 156 -9.92 -17.26 73.47
C LEU D 156 -9.73 -16.81 74.90
N ASP D 157 -10.25 -17.55 75.88
CA ASP D 157 -10.03 -17.25 77.29
C ASP D 157 -8.98 -18.15 77.93
N ARG D 158 -8.31 -19.01 77.15
CA ARG D 158 -7.03 -19.60 77.56
C ARG D 158 -5.83 -18.82 77.06
N LEU D 159 -6.03 -17.86 76.16
CA LEU D 159 -5.37 -16.56 76.26
C LEU D 159 -6.10 -15.75 77.32
N TYR D 160 -5.84 -14.45 77.40
CA TYR D 160 -6.07 -13.65 78.60
C TYR D 160 -5.20 -14.11 79.77
N ALA D 161 -4.22 -14.97 79.51
CA ALA D 161 -2.91 -14.95 80.13
C ALA D 161 -2.00 -13.86 79.57
N LEU D 162 -2.60 -12.83 78.97
CA LEU D 162 -1.92 -11.57 78.66
C LEU D 162 -1.79 -10.71 79.91
N MET D 163 -1.97 -11.34 81.07
CA MET D 163 -1.51 -10.83 82.35
C MET D 163 -0.41 -11.73 82.88
N ASP D 164 0.73 -11.14 83.28
CA ASP D 164 1.81 -10.79 82.34
C ASP D 164 1.48 -9.60 81.45
N ARG D 165 0.96 -8.52 82.05
CA ARG D 165 0.28 -7.45 81.34
C ARG D 165 1.25 -6.42 80.77
N HIS D 166 2.50 -6.81 80.55
CA HIS D 166 3.59 -5.90 80.24
C HIS D 166 3.82 -4.92 81.38
N PHE D 174 -7.07 -7.67 73.07
CA PHE D 174 -6.22 -6.98 72.12
C PHE D 174 -6.42 -7.54 70.70
N VAL D 175 -5.81 -8.69 70.45
CA VAL D 175 -5.23 -9.03 69.15
C VAL D 175 -5.53 -10.49 68.82
N THR D 176 -4.87 -11.01 67.79
CA THR D 176 -5.36 -11.20 66.43
C THR D 176 -5.27 -12.68 66.07
N LEU D 177 -5.48 -12.98 64.78
CA LEU D 177 -5.72 -14.34 64.31
C LEU D 177 -4.58 -14.87 63.46
N ARG D 178 -4.21 -14.17 62.38
CA ARG D 178 -2.89 -14.30 61.74
C ARG D 178 -2.65 -15.74 61.26
N ARG D 179 -3.42 -16.10 60.22
CA ARG D 179 -3.42 -17.45 59.62
C ARG D 179 -4.13 -18.45 60.52
N GLU D 180 -5.20 -18.00 61.17
CA GLU D 180 -6.24 -18.87 61.71
C GLU D 180 -5.71 -19.78 62.81
N ARG D 181 -4.62 -19.37 63.48
CA ARG D 181 -4.27 -19.86 64.80
C ARG D 181 -4.01 -18.66 65.70
N TYR D 182 -4.82 -18.52 66.74
CA TYR D 182 -4.95 -17.25 67.45
C TYR D 182 -3.63 -16.87 68.14
N CYS D 183 -3.40 -15.57 68.28
CA CYS D 183 -2.13 -15.08 68.77
C CYS D 183 -2.31 -13.67 69.33
N VAL D 184 -1.23 -13.14 69.91
CA VAL D 184 -1.29 -11.97 70.78
C VAL D 184 -0.03 -11.13 70.57
N PRO D 185 -0.13 -9.82 70.81
CA PRO D 185 0.97 -8.94 70.42
C PRO D 185 2.01 -8.79 71.53
N VAL D 186 3.29 -8.92 71.17
CA VAL D 186 4.38 -8.90 72.15
C VAL D 186 5.40 -7.86 71.70
N ARG D 187 6.14 -7.32 72.68
CA ARG D 187 7.26 -6.44 72.42
C ARG D 187 8.60 -7.15 72.65
N ALA D 188 8.80 -7.70 73.85
CA ALA D 188 9.99 -8.47 74.17
C ALA D 188 9.57 -9.78 74.81
N GLY D 189 10.26 -10.86 74.44
CA GLY D 189 9.66 -12.18 74.46
C GLY D 189 9.51 -12.67 75.89
N MET D 190 8.27 -12.85 76.33
CA MET D 190 7.93 -13.79 77.40
C MET D 190 6.87 -14.74 76.86
N ALA D 191 7.30 -15.90 76.38
CA ALA D 191 6.44 -16.77 75.58
C ALA D 191 6.99 -18.19 75.53
N GLY D 196 5.51 -22.65 73.57
CA GLY D 196 4.37 -22.85 74.44
C GLY D 196 3.05 -22.81 73.71
N ILE D 197 2.23 -21.80 74.02
CA ILE D 197 1.11 -21.37 73.18
C ILE D 197 1.25 -19.87 72.98
N LEU D 198 1.90 -19.47 71.89
CA LEU D 198 2.37 -18.10 71.73
C LEU D 198 2.23 -17.71 70.27
N LEU D 199 2.82 -16.56 69.90
CA LEU D 199 2.05 -15.37 69.55
C LEU D 199 2.91 -14.42 68.73
N ASP D 200 2.42 -13.19 68.57
CA ASP D 200 2.80 -12.29 67.49
C ASP D 200 3.94 -11.38 67.93
N GLU D 201 4.24 -10.35 67.14
CA GLU D 201 5.17 -9.29 67.53
C GLU D 201 4.49 -7.93 67.33
N SER D 202 5.20 -6.86 67.70
CA SER D 202 4.92 -5.53 67.13
C SER D 202 6.21 -4.71 67.17
N GLU D 203 6.88 -4.59 66.02
CA GLU D 203 7.88 -3.54 65.83
C GLU D 203 8.01 -3.23 64.35
N SER D 204 7.39 -2.12 63.92
CA SER D 204 7.39 -1.72 62.51
C SER D 204 6.87 -2.84 61.62
N GLY D 205 5.86 -3.55 62.09
CA GLY D 205 5.36 -4.70 61.37
C GLY D 205 5.37 -5.99 62.17
N ALA D 206 6.13 -6.99 61.70
CA ALA D 206 6.21 -8.27 62.39
C ALA D 206 5.00 -9.15 62.11
N THR D 207 5.09 -10.42 62.48
CA THR D 207 4.13 -11.45 62.10
C THR D 207 4.55 -12.73 62.82
N LEU D 208 3.62 -13.68 62.91
CA LEU D 208 3.67 -14.78 63.86
C LEU D 208 5.00 -15.52 63.79
N PHE D 209 5.67 -15.64 64.92
CA PHE D 209 6.68 -16.66 65.17
C PHE D 209 6.12 -17.70 66.14
N ILE D 210 6.99 -18.62 66.57
CA ILE D 210 6.65 -19.81 67.36
C ILE D 210 5.30 -20.41 66.96
N ASN D 219 -0.44 -27.09 71.84
CA ASN D 219 -1.21 -26.19 70.99
C ASN D 219 -2.55 -26.80 70.62
N ASN D 220 -3.45 -25.96 70.11
CA ASN D 220 -4.85 -26.31 69.97
C ASN D 220 -5.23 -26.24 68.50
N ARG D 221 -5.65 -27.38 67.95
CA ARG D 221 -6.12 -27.47 66.58
C ARG D 221 -7.42 -28.27 66.57
N LEU D 222 -8.58 -27.62 66.52
CA LEU D 222 -8.78 -26.16 66.45
C LEU D 222 -8.43 -25.60 65.07
N GLN D 223 -7.79 -26.45 64.29
CA GLN D 223 -7.57 -26.28 62.86
C GLN D 223 -7.75 -27.57 62.08
N ALA D 224 -7.58 -28.73 62.72
CA ALA D 224 -8.11 -29.98 62.20
C ALA D 224 -9.64 -29.97 62.16
N LEU D 225 -10.27 -29.56 63.26
CA LEU D 225 -11.72 -29.38 63.25
C LEU D 225 -12.15 -28.37 62.20
N ARG D 226 -11.27 -27.43 61.85
CA ARG D 226 -11.58 -26.46 60.80
C ARG D 226 -11.51 -27.09 59.42
N LEU D 227 -10.75 -28.18 59.26
CA LEU D 227 -10.56 -28.82 57.97
C LEU D 227 -11.47 -30.04 57.77
N LYS D 228 -11.88 -30.71 58.84
CA LYS D 228 -13.01 -31.63 58.73
C LYS D 228 -14.30 -30.91 58.38
N GLU D 229 -14.53 -29.74 58.98
CA GLU D 229 -15.39 -28.75 58.35
C GLU D 229 -14.81 -28.30 57.02
N GLU D 230 -15.70 -27.96 56.09
CA GLU D 230 -15.36 -27.52 54.73
C GLU D 230 -14.88 -28.70 53.88
N GLU D 231 -14.75 -29.88 54.49
CA GLU D 231 -14.96 -31.12 53.75
C GLU D 231 -16.41 -31.59 53.82
N GLU D 232 -17.05 -31.44 54.98
CA GLU D 232 -18.49 -31.68 55.07
C GLU D 232 -19.29 -30.54 54.45
N VAL D 233 -18.82 -29.29 54.61
CA VAL D 233 -19.51 -28.15 54.00
C VAL D 233 -19.49 -28.27 52.49
N ASN D 234 -18.32 -28.60 51.91
CA ASN D 234 -18.21 -28.74 50.47
C ASN D 234 -18.81 -30.04 49.96
N ARG D 235 -18.94 -31.06 50.81
CA ARG D 235 -19.78 -32.20 50.48
C ARG D 235 -21.24 -31.78 50.32
N ILE D 236 -21.74 -30.94 51.23
CA ILE D 236 -23.09 -30.42 51.11
C ILE D 236 -23.25 -29.63 49.82
N LEU D 237 -22.29 -28.74 49.54
CA LEU D 237 -22.44 -27.81 48.44
C LEU D 237 -22.22 -28.48 47.08
N ARG D 238 -21.34 -29.47 47.02
CA ARG D 238 -21.25 -30.30 45.82
C ARG D 238 -22.51 -31.13 45.61
N ASP D 239 -23.08 -31.67 46.68
CA ASP D 239 -24.31 -32.45 46.56
C ASP D 239 -25.46 -31.58 46.07
N LEU D 240 -25.62 -30.39 46.65
CA LEU D 240 -26.68 -29.49 46.23
C LEU D 240 -26.45 -28.95 44.83
N SER D 241 -25.18 -28.78 44.43
CA SER D 241 -24.88 -28.45 43.05
C SER D 241 -25.32 -29.56 42.10
N GLU D 242 -25.05 -30.82 42.46
CA GLU D 242 -25.42 -31.93 41.60
C GLU D 242 -26.93 -32.16 41.59
N ARG D 243 -27.60 -31.92 42.72
CA ARG D 243 -29.07 -31.96 42.73
C ARG D 243 -29.65 -30.93 41.77
N LEU D 244 -29.07 -29.73 41.74
CA LEU D 244 -29.48 -28.73 40.76
C LEU D 244 -29.19 -29.21 39.33
N ALA D 245 -28.06 -29.86 39.13
CA ALA D 245 -27.76 -30.44 37.82
C ALA D 245 -28.71 -31.58 37.48
N LYS D 246 -29.03 -32.43 38.45
CA LYS D 246 -29.88 -33.59 38.20
C LYS D 246 -31.33 -33.21 37.94
N ASP D 247 -31.73 -31.97 38.23
CA ASP D 247 -33.13 -31.58 38.13
C ASP D 247 -33.57 -31.62 36.67
N GLU D 248 -34.66 -32.34 36.40
CA GLU D 248 -35.07 -32.58 35.03
C GLU D 248 -35.70 -31.33 34.41
N GLY D 249 -36.47 -30.58 35.20
CA GLY D 249 -37.31 -29.53 34.68
C GLY D 249 -36.65 -28.18 34.54
N VAL D 250 -35.37 -28.05 34.88
CA VAL D 250 -34.68 -26.76 34.76
C VAL D 250 -34.62 -26.28 33.31
N PRO D 251 -34.16 -27.07 32.33
CA PRO D 251 -34.06 -26.53 30.97
C PRO D 251 -35.38 -26.09 30.38
N LYS D 252 -36.48 -26.77 30.72
CA LYS D 252 -37.80 -26.29 30.31
C LYS D 252 -38.19 -25.02 31.06
N THR D 253 -37.83 -24.95 32.35
CA THR D 253 -38.10 -23.73 33.12
C THR D 253 -37.29 -22.55 32.60
N LEU D 254 -36.01 -22.77 32.28
CA LEU D 254 -35.19 -21.71 31.69
C LEU D 254 -35.75 -21.30 30.33
N GLU D 255 -36.20 -22.27 29.53
CA GLU D 255 -36.78 -21.96 28.22
C GLU D 255 -38.03 -21.09 28.37
N ALA D 256 -38.89 -21.43 29.34
CA ALA D 256 -40.10 -20.65 29.55
C ALA D 256 -39.78 -19.24 30.05
N LEU D 257 -38.85 -19.14 31.00
CA LEU D 257 -38.50 -17.82 31.54
C LEU D 257 -37.84 -16.94 30.48
N GLY D 258 -37.01 -17.52 29.62
CA GLY D 258 -36.40 -16.76 28.55
C GLY D 258 -37.43 -16.23 27.56
N LEU D 259 -38.42 -17.06 27.21
CA LEU D 259 -39.51 -16.58 26.36
C LEU D 259 -40.32 -15.50 27.04
N LEU D 260 -40.65 -15.69 28.32
CA LEU D 260 -41.38 -14.66 29.06
C LEU D 260 -40.58 -13.37 29.18
N ASP D 261 -39.25 -13.48 29.31
CA ASP D 261 -38.41 -12.30 29.28
C ASP D 261 -38.47 -11.61 27.91
N LEU D 262 -38.41 -12.40 26.83
CA LEU D 262 -38.47 -11.81 25.49
C LEU D 262 -39.81 -11.15 25.24
N VAL D 263 -40.91 -11.80 25.63
CA VAL D 263 -42.24 -11.27 25.39
C VAL D 263 -42.44 -9.97 26.17
N GLN D 264 -41.93 -9.92 27.40
CA GLN D 264 -41.98 -8.68 28.17
C GLN D 264 -41.22 -7.56 27.48
N ALA D 265 -40.04 -7.87 26.91
CA ALA D 265 -39.28 -6.85 26.20
C ALA D 265 -39.98 -6.41 24.92
N GLN D 266 -40.61 -7.36 24.21
CA GLN D 266 -41.34 -7.01 23.00
C GLN D 266 -42.52 -6.10 23.31
N ALA D 267 -43.21 -6.37 24.42
CA ALA D 267 -44.23 -5.44 24.90
C ALA D 267 -43.62 -4.10 25.28
N ALA D 268 -42.43 -4.12 25.90
CA ALA D 268 -41.73 -2.88 26.20
C ALA D 268 -41.33 -2.14 24.92
N LEU D 269 -40.85 -2.88 23.91
CA LEU D 269 -40.46 -2.26 22.66
C LEU D 269 -41.66 -1.60 21.97
N ALA D 270 -42.80 -2.29 21.95
CA ALA D 270 -44.00 -1.73 21.34
C ALA D 270 -44.49 -0.50 22.10
N ARG D 271 -44.42 -0.54 23.43
CA ARG D 271 -44.80 0.63 24.22
C ARG D 271 -43.87 1.81 23.93
N ASP D 272 -42.57 1.57 23.89
CA ASP D 272 -41.61 2.66 23.80
C ASP D 272 -41.57 3.26 22.40
N LEU D 273 -41.68 2.42 21.37
CA LEU D 273 -41.57 2.87 19.99
C LEU D 273 -42.92 3.17 19.33
N GLY D 274 -44.01 3.02 20.08
CA GLY D 274 -45.32 3.33 19.54
C GLY D 274 -45.76 2.37 18.46
N LEU D 275 -45.86 1.08 18.79
CA LEU D 275 -46.07 0.03 17.82
C LEU D 275 -47.39 -0.68 18.09
N SER D 276 -48.00 -1.19 17.03
CA SER D 276 -49.31 -1.82 17.10
C SER D 276 -49.24 -3.22 16.51
N ARG D 277 -50.14 -4.08 16.96
CA ARG D 277 -50.16 -5.46 16.48
C ARG D 277 -50.51 -5.50 15.00
N PRO D 278 -49.68 -6.11 14.16
CA PRO D 278 -50.08 -6.36 12.77
C PRO D 278 -51.10 -7.48 12.66
N ALA D 279 -51.81 -7.47 11.54
CA ALA D 279 -52.64 -8.58 11.11
C ALA D 279 -52.18 -9.07 9.75
N PHE D 280 -52.18 -10.38 9.56
CA PHE D 280 -51.69 -11.01 8.34
C PHE D 280 -52.86 -11.34 7.42
N GLY D 281 -52.66 -11.09 6.13
CA GLY D 281 -53.71 -11.31 5.15
C GLY D 281 -53.11 -11.55 3.78
N GLU D 282 -53.90 -11.25 2.75
CA GLU D 282 -53.53 -11.52 1.37
C GLU D 282 -53.01 -10.29 0.65
N ARG D 283 -52.85 -9.16 1.35
CA ARG D 283 -52.39 -7.93 0.74
C ARG D 283 -51.82 -7.03 1.84
N TYR D 284 -51.21 -5.92 1.41
CA TYR D 284 -50.66 -4.93 2.31
C TYR D 284 -51.60 -3.74 2.39
N GLU D 285 -51.89 -3.28 3.61
CA GLU D 285 -52.60 -2.03 3.81
C GLU D 285 -52.19 -1.45 5.16
N LEU D 286 -51.48 -0.32 5.13
CA LEU D 286 -50.91 0.29 6.32
C LEU D 286 -51.43 1.70 6.45
N TYR D 287 -51.88 2.06 7.65
CA TYR D 287 -52.38 3.39 7.95
C TYR D 287 -51.51 4.05 9.01
N ARG D 288 -51.02 5.25 8.70
CA ARG D 288 -50.06 5.96 9.55
C ARG D 288 -48.86 5.08 9.87
N ALA D 289 -48.28 4.48 8.83
CA ALA D 289 -46.99 3.81 8.95
C ALA D 289 -45.86 4.83 9.03
N PHE D 290 -44.81 4.45 9.78
CA PHE D 290 -43.65 5.31 9.95
C PHE D 290 -42.43 4.43 10.19
N HIS D 291 -41.27 5.06 10.29
CA HIS D 291 -40.02 4.33 10.50
C HIS D 291 -39.70 4.28 11.98
N PRO D 292 -39.60 3.10 12.60
CA PRO D 292 -39.48 3.04 14.06
C PRO D 292 -38.20 3.65 14.60
N LEU D 293 -37.15 3.77 13.78
CA LEU D 293 -35.88 4.32 14.22
C LEU D 293 -35.78 5.83 14.02
N ILE D 294 -36.72 6.45 13.33
CA ILE D 294 -36.68 7.87 13.03
C ILE D 294 -37.39 8.62 14.15
N PRO D 295 -36.73 9.55 14.85
CA PRO D 295 -37.44 10.37 15.83
C PRO D 295 -38.41 11.31 15.16
N ASP D 296 -39.56 11.52 15.81
CA ASP D 296 -40.60 12.44 15.34
C ASP D 296 -41.00 12.13 13.90
N ALA D 297 -41.25 10.85 13.63
CA ALA D 297 -41.36 10.38 12.27
C ALA D 297 -42.65 10.87 11.63
N VAL D 298 -42.58 11.21 10.34
CA VAL D 298 -43.77 11.44 9.55
C VAL D 298 -44.49 10.11 9.32
N ARG D 299 -45.81 10.16 9.33
CA ARG D 299 -46.66 8.99 9.16
C ARG D 299 -47.33 9.02 7.80
N ASN D 300 -47.37 7.86 7.14
CA ASN D 300 -47.90 7.72 5.80
C ASN D 300 -48.82 6.51 5.72
N SER D 301 -49.73 6.53 4.75
CA SER D 301 -50.68 5.45 4.53
C SER D 301 -50.65 5.03 3.08
N PHE D 302 -50.56 3.72 2.84
CA PHE D 302 -50.47 3.17 1.50
C PHE D 302 -50.87 1.71 1.53
N ALA D 303 -51.22 1.18 0.35
CA ALA D 303 -51.71 -0.18 0.25
C ALA D 303 -51.18 -0.83 -1.02
N LEU D 304 -51.01 -2.14 -0.98
CA LEU D 304 -50.57 -2.92 -2.13
C LEU D 304 -51.41 -4.19 -2.22
N ASP D 305 -52.07 -4.39 -3.36
CA ASP D 305 -52.75 -5.66 -3.63
C ASP D 305 -52.35 -6.21 -4.98
N GLU D 306 -53.04 -7.25 -5.43
CA GLU D 306 -52.72 -7.86 -6.73
C GLU D 306 -53.15 -6.98 -7.90
N LYS D 307 -54.13 -6.10 -7.69
CA LYS D 307 -54.50 -5.15 -8.75
C LYS D 307 -53.44 -4.07 -8.92
N ASN D 308 -52.92 -3.53 -7.80
CA ASN D 308 -51.87 -2.52 -7.81
C ASN D 308 -50.67 -3.09 -7.07
N ARG D 309 -49.75 -3.71 -7.82
CA ARG D 309 -48.73 -4.54 -7.19
C ARG D 309 -47.53 -3.70 -6.73
N ILE D 310 -47.12 -2.73 -7.53
CA ILE D 310 -45.87 -2.01 -7.33
C ILE D 310 -46.17 -0.53 -7.22
N LEU D 311 -45.59 0.12 -6.21
CA LEU D 311 -45.71 1.56 -6.01
C LEU D 311 -44.40 2.22 -6.43
N LEU D 312 -44.48 3.12 -7.40
CA LEU D 312 -43.32 3.80 -7.96
C LEU D 312 -43.35 5.26 -7.56
N ILE D 313 -42.29 5.72 -6.91
CA ILE D 313 -42.25 7.05 -6.30
C ILE D 313 -41.30 7.90 -7.13
N SER D 314 -41.86 8.89 -7.83
CA SER D 314 -41.08 9.76 -8.69
C SER D 314 -40.62 11.00 -7.93
N GLY D 315 -39.66 11.71 -8.51
CA GLY D 315 -39.30 13.03 -8.03
C GLY D 315 -37.93 13.03 -7.39
N PRO D 316 -37.52 14.20 -6.87
CA PRO D 316 -36.18 14.33 -6.30
C PRO D 316 -36.03 13.50 -5.04
N ASN D 317 -34.79 13.46 -4.54
CA ASN D 317 -34.21 12.23 -3.99
C ASN D 317 -34.13 12.28 -2.47
N MET D 318 -35.01 13.04 -1.83
CA MET D 318 -34.88 13.36 -0.42
C MET D 318 -35.01 12.09 0.43
N GLY D 319 -34.71 12.24 1.71
CA GLY D 319 -34.58 11.09 2.59
C GLY D 319 -35.88 10.39 2.90
N GLY D 320 -37.02 11.01 2.58
CA GLY D 320 -38.31 10.39 2.86
C GLY D 320 -38.64 9.22 1.96
N LYS D 321 -37.96 9.11 0.81
CA LYS D 321 -38.27 8.04 -0.13
C LYS D 321 -37.61 6.73 0.29
N THR D 322 -36.30 6.77 0.56
CA THR D 322 -35.62 5.59 1.09
C THR D 322 -36.16 5.21 2.47
N ALA D 323 -36.64 6.20 3.24
CA ALA D 323 -37.26 5.90 4.51
C ALA D 323 -38.55 5.10 4.32
N LEU D 324 -39.32 5.40 3.28
CA LEU D 324 -40.55 4.66 3.04
C LEU D 324 -40.29 3.20 2.73
N LEU D 325 -39.25 2.91 1.94
CA LEU D 325 -38.88 1.52 1.67
C LEU D 325 -38.49 0.80 2.96
N LYS D 326 -37.68 1.46 3.79
CA LYS D 326 -37.32 0.88 5.08
C LYS D 326 -38.53 0.79 6.01
N THR D 327 -39.46 1.74 5.92
CA THR D 327 -40.66 1.69 6.75
C THR D 327 -41.48 0.44 6.45
N LEU D 328 -41.71 0.14 5.17
CA LEU D 328 -42.42 -1.07 4.80
C LEU D 328 -41.61 -2.31 5.13
N GLY D 329 -40.31 -2.29 4.80
CA GLY D 329 -39.50 -3.49 4.94
C GLY D 329 -39.30 -3.88 6.39
N LEU D 330 -39.07 -2.90 7.26
CA LEU D 330 -39.01 -3.18 8.70
C LEU D 330 -40.35 -3.69 9.20
N ALA D 331 -41.46 -3.14 8.71
CA ALA D 331 -42.77 -3.56 9.19
C ALA D 331 -43.01 -5.04 8.93
N VAL D 332 -42.65 -5.51 7.73
CA VAL D 332 -42.86 -6.91 7.39
C VAL D 332 -41.90 -7.80 8.19
N LEU D 333 -40.63 -7.42 8.25
CA LEU D 333 -39.63 -8.26 8.92
C LEU D 333 -39.90 -8.36 10.42
N MET D 334 -40.26 -7.22 11.05
CA MET D 334 -40.62 -7.25 12.46
C MET D 334 -41.89 -8.06 12.70
N ALA D 335 -42.87 -7.94 11.80
CA ALA D 335 -44.10 -8.73 11.92
C ALA D 335 -43.80 -10.22 11.81
N GLN D 336 -42.96 -10.62 10.85
CA GLN D 336 -42.59 -12.02 10.71
C GLN D 336 -41.71 -12.50 11.85
N SER D 337 -41.02 -11.59 12.55
CA SER D 337 -40.25 -11.95 13.73
C SER D 337 -41.08 -11.98 15.01
N GLY D 338 -42.38 -11.67 14.92
CA GLY D 338 -43.24 -11.64 16.08
C GLY D 338 -43.30 -10.31 16.81
N LEU D 339 -42.57 -9.30 16.34
CA LEU D 339 -42.70 -7.96 16.89
C LEU D 339 -43.99 -7.31 16.39
N PHE D 340 -44.36 -6.20 17.03
CA PHE D 340 -45.31 -5.28 16.45
C PHE D 340 -44.62 -4.39 15.41
N VAL D 341 -45.43 -3.61 14.70
CA VAL D 341 -44.97 -2.85 13.54
C VAL D 341 -45.15 -1.36 13.83
N ALA D 342 -44.40 -0.54 13.08
CA ALA D 342 -44.46 0.90 13.23
C ALA D 342 -45.58 1.46 12.35
N ALA D 343 -46.81 1.17 12.78
CA ALA D 343 -48.00 1.71 12.16
C ALA D 343 -49.12 1.72 13.19
N GLU D 344 -50.20 2.43 12.88
CA GLU D 344 -51.36 2.48 13.75
C GLU D 344 -52.36 1.37 13.46
N LYS D 345 -52.60 1.07 12.18
CA LYS D 345 -53.26 -0.16 11.78
C LYS D 345 -52.60 -0.69 10.53
N ALA D 346 -52.15 -1.95 10.58
CA ALA D 346 -51.37 -2.55 9.51
C ALA D 346 -51.94 -3.93 9.20
N LEU D 347 -52.40 -4.10 7.96
CA LEU D 347 -52.61 -5.42 7.38
C LEU D 347 -51.47 -5.73 6.41
N LEU D 348 -50.81 -6.86 6.62
CA LEU D 348 -49.65 -7.25 5.84
C LEU D 348 -49.91 -8.61 5.19
N ALA D 349 -49.41 -8.78 3.97
CA ALA D 349 -49.28 -10.11 3.40
C ALA D 349 -48.08 -10.84 4.00
N TRP D 350 -47.95 -12.11 3.65
CA TRP D 350 -46.86 -12.96 4.14
C TRP D 350 -45.94 -13.30 2.97
N PRO D 351 -44.88 -12.54 2.74
CA PRO D 351 -43.94 -12.88 1.66
C PRO D 351 -43.14 -14.12 2.00
N ASP D 352 -42.76 -14.85 0.95
CA ASP D 352 -41.76 -15.91 1.10
C ASP D 352 -40.38 -15.33 1.41
N ARG D 353 -40.09 -14.11 0.95
CA ARG D 353 -38.74 -13.58 0.96
C ARG D 353 -38.80 -12.10 0.64
N VAL D 354 -37.94 -11.33 1.30
CA VAL D 354 -37.92 -9.88 1.18
C VAL D 354 -36.62 -9.46 0.49
N TYR D 355 -36.74 -8.60 -0.53
CA TYR D 355 -35.60 -8.13 -1.29
C TYR D 355 -35.40 -6.64 -1.02
N ALA D 356 -34.15 -6.25 -0.76
CA ALA D 356 -33.78 -4.85 -0.61
C ALA D 356 -32.65 -4.53 -1.60
N ASP D 357 -32.90 -3.57 -2.49
CA ASP D 357 -31.85 -2.94 -3.29
C ASP D 357 -31.65 -1.53 -2.77
N ILE D 358 -30.81 -1.40 -1.74
CA ILE D 358 -30.51 -0.11 -1.13
C ILE D 358 -29.01 -0.05 -0.87
N GLY D 359 -28.39 1.06 -1.24
CA GLY D 359 -27.00 1.32 -0.90
C GLY D 359 -26.82 2.02 0.42
N GLN D 365 -23.36 11.10 -3.29
CA GLN D 365 -24.20 10.95 -4.46
C GLN D 365 -23.98 9.59 -5.12
N GLU D 366 -24.77 9.30 -6.14
CA GLU D 366 -24.85 7.98 -6.74
C GLU D 366 -24.21 7.99 -8.13
N ASN D 367 -23.91 6.80 -8.63
CA ASN D 367 -22.69 6.58 -9.39
C ASN D 367 -22.98 5.55 -10.47
N LEU D 368 -22.03 5.40 -11.40
CA LEU D 368 -22.01 4.22 -12.26
C LEU D 368 -21.60 2.97 -11.50
N SER D 369 -20.71 3.11 -10.51
CA SER D 369 -20.31 1.96 -9.71
C SER D 369 -21.43 1.49 -8.80
N THR D 370 -22.11 2.43 -8.13
CA THR D 370 -23.27 2.07 -7.32
C THR D 370 -24.41 1.51 -8.16
N PHE D 371 -24.53 1.98 -9.41
CA PHE D 371 -25.50 1.39 -10.32
C PHE D 371 -25.20 -0.07 -10.60
N ALA D 372 -23.90 -0.41 -10.74
CA ALA D 372 -23.52 -1.81 -10.82
C ALA D 372 -23.86 -2.55 -9.53
N GLY D 373 -23.69 -1.90 -8.39
CA GLY D 373 -24.13 -2.48 -7.13
C GLY D 373 -25.63 -2.72 -7.09
N HIS D 374 -26.40 -1.81 -7.68
CA HIS D 374 -27.84 -2.03 -7.80
C HIS D 374 -28.14 -3.24 -8.68
N LEU D 375 -27.43 -3.38 -9.80
CA LEU D 375 -27.78 -4.39 -10.79
C LEU D 375 -27.55 -5.80 -10.26
N ARG D 376 -26.57 -5.98 -9.39
CA ARG D 376 -26.37 -7.27 -8.74
C ARG D 376 -27.57 -7.66 -7.88
N ARG D 377 -28.11 -6.70 -7.12
CA ARG D 377 -29.26 -6.99 -6.27
C ARG D 377 -30.55 -7.09 -7.07
N LEU D 378 -30.69 -6.30 -8.13
CA LEU D 378 -31.81 -6.48 -9.06
C LEU D 378 -31.76 -7.82 -9.77
N ARG D 379 -30.55 -8.29 -10.09
CA ARG D 379 -30.41 -9.61 -10.70
C ARG D 379 -30.88 -10.71 -9.76
N GLU D 380 -30.58 -10.58 -8.46
CA GLU D 380 -31.03 -11.56 -7.48
C GLU D 380 -32.55 -11.59 -7.40
N MET D 381 -33.20 -10.42 -7.50
CA MET D 381 -34.64 -10.39 -7.61
C MET D 381 -35.11 -11.11 -8.87
N LEU D 382 -34.52 -10.79 -10.01
CA LEU D 382 -35.11 -11.19 -11.29
C LEU D 382 -35.07 -12.70 -11.48
N GLU D 383 -34.12 -13.38 -10.84
CA GLU D 383 -33.97 -14.82 -11.01
C GLU D 383 -34.74 -15.61 -9.96
N GLU D 384 -34.91 -15.08 -8.76
CA GLU D 384 -35.36 -15.86 -7.62
C GLU D 384 -36.67 -15.40 -7.01
N ALA D 385 -37.19 -14.23 -7.41
CA ALA D 385 -38.42 -13.73 -6.84
C ALA D 385 -39.62 -14.43 -7.45
N THR D 386 -40.61 -14.74 -6.62
CA THR D 386 -41.89 -15.27 -7.04
C THR D 386 -42.98 -14.21 -6.87
N SER D 387 -44.22 -14.61 -7.15
CA SER D 387 -45.36 -13.72 -6.97
C SER D 387 -45.70 -13.47 -5.51
N HIS D 388 -45.12 -14.23 -4.59
CA HIS D 388 -45.25 -13.97 -3.17
C HIS D 388 -44.17 -13.02 -2.63
N SER D 389 -43.21 -12.64 -3.46
CA SER D 389 -42.04 -11.93 -2.96
C SER D 389 -42.36 -10.48 -2.66
N LEU D 390 -41.51 -9.86 -1.85
CA LEU D 390 -41.57 -8.44 -1.57
C LEU D 390 -40.24 -7.79 -1.95
N VAL D 391 -40.30 -6.74 -2.75
CA VAL D 391 -39.11 -6.12 -3.34
C VAL D 391 -39.08 -4.65 -2.95
N LEU D 392 -37.91 -4.18 -2.54
CA LEU D 392 -37.69 -2.77 -2.23
C LEU D 392 -36.51 -2.27 -3.05
N ILE D 393 -36.80 -1.39 -4.01
CA ILE D 393 -35.81 -0.95 -4.99
C ILE D 393 -35.63 0.55 -4.84
N ASP D 394 -34.40 0.98 -4.59
CA ASP D 394 -34.09 2.37 -4.34
C ASP D 394 -33.18 2.91 -5.44
N GLU D 395 -33.47 4.12 -5.90
CA GLU D 395 -32.67 4.81 -6.90
C GLU D 395 -32.55 3.99 -8.18
N LEU D 396 -33.71 3.65 -8.74
CA LEU D 396 -33.76 2.77 -9.90
C LEU D 396 -33.29 3.53 -11.13
N GLY D 397 -32.16 3.08 -11.70
CA GLY D 397 -31.68 3.60 -12.96
C GLY D 397 -30.88 4.88 -12.88
N SER D 398 -30.81 5.51 -11.71
CA SER D 398 -29.92 6.65 -11.52
C SER D 398 -28.47 6.20 -11.51
N GLY D 399 -27.59 7.11 -11.94
CA GLY D 399 -26.18 6.82 -12.05
C GLY D 399 -25.73 6.33 -13.40
N THR D 400 -26.55 6.45 -14.44
CA THR D 400 -26.13 6.19 -15.81
C THR D 400 -26.81 7.19 -16.73
N ASP D 401 -26.64 7.00 -18.03
CA ASP D 401 -27.24 7.90 -19.00
C ASP D 401 -28.76 7.78 -18.95
N PRO D 402 -29.49 8.90 -18.81
CA PRO D 402 -30.92 8.81 -18.46
C PRO D 402 -31.75 8.02 -19.46
N GLU D 403 -31.45 8.12 -20.77
CA GLU D 403 -32.25 7.42 -21.76
C GLU D 403 -32.06 5.91 -21.65
N GLU D 404 -30.81 5.45 -21.77
CA GLU D 404 -30.54 4.02 -21.70
C GLU D 404 -30.80 3.47 -20.30
N GLY D 405 -30.61 4.29 -19.26
CA GLY D 405 -31.00 3.88 -17.92
C GLY D 405 -32.51 3.68 -17.78
N ALA D 406 -33.29 4.59 -18.37
CA ALA D 406 -34.74 4.46 -18.29
C ALA D 406 -35.23 3.24 -19.06
N ALA D 407 -34.65 2.97 -20.23
CA ALA D 407 -35.05 1.81 -21.01
C ALA D 407 -34.73 0.51 -20.27
N LEU D 408 -33.55 0.44 -19.64
CA LEU D 408 -33.21 -0.73 -18.85
C LEU D 408 -34.12 -0.85 -17.63
N SER D 409 -34.35 0.26 -16.92
CA SER D 409 -35.20 0.22 -15.73
C SER D 409 -36.63 -0.15 -16.08
N GLN D 410 -37.14 0.36 -17.20
CA GLN D 410 -38.48 -0.01 -17.64
C GLN D 410 -38.57 -1.49 -17.97
N ALA D 411 -37.52 -2.04 -18.59
CA ALA D 411 -37.50 -3.47 -18.87
C ALA D 411 -37.46 -4.29 -17.59
N ILE D 412 -36.72 -3.82 -16.58
CA ILE D 412 -36.72 -4.51 -15.29
C ILE D 412 -38.09 -4.47 -14.63
N LEU D 413 -38.76 -3.32 -14.70
CA LEU D 413 -40.08 -3.19 -14.10
C LEU D 413 -41.10 -4.10 -14.79
N GLU D 414 -40.99 -4.23 -16.12
CA GLU D 414 -41.89 -5.13 -16.84
C GLU D 414 -41.75 -6.57 -16.36
N ALA D 415 -40.50 -7.01 -16.14
CA ALA D 415 -40.27 -8.38 -15.68
C ALA D 415 -40.88 -8.61 -14.31
N LEU D 416 -40.77 -7.62 -13.41
CA LEU D 416 -41.30 -7.78 -12.07
C LEU D 416 -42.82 -7.74 -12.05
N LEU D 417 -43.42 -6.91 -12.91
CA LEU D 417 -44.88 -6.87 -13.00
C LEU D 417 -45.44 -8.16 -13.58
N GLU D 418 -44.78 -8.73 -14.59
CA GLU D 418 -45.15 -10.05 -15.07
C GLU D 418 -44.88 -11.14 -14.05
N ARG D 419 -43.94 -10.92 -13.13
CA ARG D 419 -43.67 -11.89 -12.08
C ARG D 419 -44.83 -12.00 -11.08
N GLY D 420 -45.66 -10.96 -10.96
CA GLY D 420 -46.61 -10.88 -9.87
C GLY D 420 -46.05 -10.41 -8.55
N VAL D 421 -44.82 -9.89 -8.55
CA VAL D 421 -44.22 -9.44 -7.29
C VAL D 421 -44.91 -8.17 -6.82
N LYS D 422 -44.84 -7.94 -5.51
CA LYS D 422 -45.31 -6.71 -4.88
C LYS D 422 -44.15 -5.99 -4.21
N GLY D 423 -44.21 -4.67 -4.20
CA GLY D 423 -43.24 -3.89 -3.46
C GLY D 423 -43.26 -2.43 -3.88
N MET D 424 -42.17 -1.74 -3.55
CA MET D 424 -42.12 -0.28 -3.63
C MET D 424 -40.80 0.15 -4.26
N VAL D 425 -40.88 1.03 -5.25
CA VAL D 425 -39.72 1.40 -6.06
C VAL D 425 -39.63 2.92 -6.10
N THR D 426 -38.41 3.45 -5.96
CA THR D 426 -38.14 4.87 -6.09
C THR D 426 -37.27 5.12 -7.32
N THR D 427 -37.55 6.22 -8.01
CA THR D 427 -36.67 6.73 -9.05
C THR D 427 -36.93 8.22 -9.23
N HIS D 428 -36.01 8.88 -9.93
CA HIS D 428 -36.27 10.21 -10.48
C HIS D 428 -36.20 10.24 -12.00
N LEU D 429 -36.14 9.08 -12.66
CA LEU D 429 -36.09 9.05 -14.10
C LEU D 429 -37.44 9.44 -14.69
N SER D 430 -37.44 10.50 -15.50
CA SER D 430 -38.69 11.08 -15.97
C SER D 430 -39.52 10.14 -16.84
N PRO D 431 -38.96 9.41 -17.81
CA PRO D 431 -39.80 8.53 -18.63
C PRO D 431 -40.51 7.44 -17.84
N LEU D 432 -40.01 7.06 -16.66
CA LEU D 432 -40.67 6.05 -15.86
C LEU D 432 -42.00 6.53 -15.26
N LYS D 433 -42.26 7.84 -15.27
CA LYS D 433 -43.61 8.31 -14.98
C LYS D 433 -44.58 7.86 -16.05
N ALA D 434 -44.23 8.06 -17.32
CA ALA D 434 -45.11 7.67 -18.42
C ALA D 434 -45.22 6.16 -18.58
N PHE D 435 -44.33 5.39 -17.96
CA PHE D 435 -44.52 3.94 -17.89
C PHE D 435 -45.58 3.58 -16.86
N ALA D 436 -45.45 4.10 -15.63
CA ALA D 436 -46.33 3.67 -14.55
C ALA D 436 -47.77 4.09 -14.82
N GLN D 437 -47.97 5.32 -15.29
CA GLN D 437 -49.22 5.69 -15.93
C GLN D 437 -49.38 4.93 -17.24
N GLY D 438 -50.41 4.08 -17.31
CA GLY D 438 -50.73 3.37 -18.52
C GLY D 438 -50.30 1.91 -18.54
N ARG D 439 -49.41 1.51 -17.63
CA ARG D 439 -49.13 0.10 -17.39
C ARG D 439 -49.96 -0.39 -16.21
N GLU D 440 -50.63 -1.52 -16.40
CA GLU D 440 -51.39 -2.13 -15.31
C GLU D 440 -50.46 -2.59 -14.19
N GLY D 441 -50.89 -2.36 -12.95
CA GLY D 441 -50.29 -2.98 -11.79
C GLY D 441 -49.20 -2.18 -11.13
N ILE D 442 -48.80 -1.04 -11.71
CA ILE D 442 -47.81 -0.15 -11.11
C ILE D 442 -48.42 1.24 -10.99
N GLN D 443 -48.19 1.88 -9.85
CA GLN D 443 -48.87 3.11 -9.47
C GLN D 443 -47.85 4.21 -9.22
N ASN D 444 -48.12 5.39 -9.73
CA ASN D 444 -47.25 6.54 -9.53
C ASN D 444 -47.50 7.18 -8.16
N ALA D 445 -46.45 7.79 -7.62
CA ALA D 445 -46.55 8.56 -6.39
C ALA D 445 -45.37 9.54 -6.33
N SER D 446 -45.47 10.51 -5.43
CA SER D 446 -44.39 11.44 -5.19
C SER D 446 -44.39 11.84 -3.71
N MET D 447 -43.45 12.70 -3.34
CA MET D 447 -43.39 13.30 -2.02
C MET D 447 -43.86 14.74 -2.08
N ARG D 448 -44.84 15.07 -1.24
CA ARG D 448 -45.40 16.42 -1.24
C ARG D 448 -44.41 17.41 -0.67
N PHE D 449 -44.27 18.55 -1.35
CA PHE D 449 -43.31 19.58 -0.99
C PHE D 449 -44.04 20.84 -0.57
N ASP D 450 -43.68 21.37 0.60
CA ASP D 450 -44.27 22.61 1.10
C ASP D 450 -43.51 23.78 0.50
N LEU D 451 -44.02 24.30 -0.61
CA LEU D 451 -43.35 25.38 -1.32
C LEU D 451 -43.32 26.65 -0.50
N GLU D 452 -44.37 26.91 0.29
CA GLU D 452 -44.43 28.14 1.07
C GLU D 452 -43.30 28.21 2.09
N ALA D 453 -43.00 27.08 2.73
CA ALA D 453 -41.93 27.03 3.72
C ALA D 453 -40.61 26.49 3.17
N LEU D 454 -40.59 26.02 1.92
CA LEU D 454 -39.41 25.39 1.32
C LEU D 454 -38.88 24.27 2.21
N ARG D 455 -39.77 23.39 2.65
CA ARG D 455 -39.37 22.20 3.38
C ARG D 455 -40.08 20.98 2.79
N PRO D 456 -39.36 19.88 2.54
CA PRO D 456 -40.04 18.64 2.13
C PRO D 456 -40.83 18.05 3.29
N THR D 457 -42.07 17.66 2.99
CA THR D 457 -42.99 17.20 4.03
C THR D 457 -42.79 15.73 4.38
N TYR D 458 -42.02 14.99 3.60
CA TYR D 458 -41.83 13.55 3.79
C TYR D 458 -43.16 12.80 3.76
N GLU D 459 -44.13 13.32 3.03
CA GLU D 459 -45.48 12.77 3.00
C GLU D 459 -45.73 12.14 1.64
N LEU D 460 -46.15 10.88 1.64
CA LEU D 460 -46.48 10.21 0.40
C LEU D 460 -47.82 10.72 -0.13
N VAL D 461 -47.85 11.11 -1.40
CA VAL D 461 -49.09 11.36 -2.11
C VAL D 461 -49.21 10.33 -3.22
N LEU D 462 -50.28 9.53 -3.17
CA LEU D 462 -50.53 8.53 -4.19
C LEU D 462 -51.05 9.19 -5.46
N GLY D 463 -50.86 8.51 -6.58
CA GLY D 463 -51.42 8.95 -7.84
C GLY D 463 -50.60 10.03 -8.52
N VAL D 464 -50.62 11.24 -7.97
CA VAL D 464 -50.13 12.42 -8.67
C VAL D 464 -48.61 12.36 -8.71
N PRO D 465 -48.00 12.35 -9.89
CA PRO D 465 -46.55 12.59 -9.98
C PRO D 465 -46.23 14.05 -9.72
N GLY D 466 -45.24 14.29 -8.86
CA GLY D 466 -44.97 15.64 -8.41
C GLY D 466 -44.44 16.51 -9.53
N ARG D 467 -44.97 17.73 -9.60
CA ARG D 467 -44.51 18.69 -10.59
C ARG D 467 -43.10 19.17 -10.25
N SER D 468 -42.53 19.96 -11.14
CA SER D 468 -41.20 20.52 -10.92
C SER D 468 -41.32 21.81 -10.12
N TYR D 469 -40.61 21.87 -8.99
CA TYR D 469 -40.45 23.10 -8.23
C TYR D 469 -39.16 23.84 -8.57
N ALA D 470 -38.39 23.36 -9.54
CA ALA D 470 -37.01 23.80 -9.70
C ALA D 470 -36.94 25.30 -9.99
N LEU D 471 -37.77 25.78 -10.91
CA LEU D 471 -37.81 27.21 -11.21
C LEU D 471 -38.38 28.00 -10.04
N ALA D 472 -39.37 27.43 -9.34
CA ALA D 472 -39.91 28.10 -8.14
C ALA D 472 -38.86 28.18 -7.04
N ILE D 473 -38.03 27.15 -6.90
CA ILE D 473 -36.87 27.23 -6.02
C ILE D 473 -35.72 28.02 -6.64
N ALA D 474 -35.69 28.14 -7.97
CA ALA D 474 -34.70 29.00 -8.61
C ALA D 474 -35.06 30.49 -8.50
N ARG D 475 -36.34 30.83 -8.57
CA ARG D 475 -36.83 32.01 -7.87
C ARG D 475 -36.79 31.77 -6.35
N ARG D 476 -36.98 32.85 -5.59
CA ARG D 476 -37.10 32.82 -4.14
C ARG D 476 -35.80 32.39 -3.47
N LEU D 477 -34.78 32.02 -4.25
CA LEU D 477 -33.39 31.96 -3.82
C LEU D 477 -32.54 33.06 -4.47
N ALA D 478 -33.17 34.21 -4.79
CA ALA D 478 -32.57 35.25 -5.63
C ALA D 478 -32.31 34.66 -7.00
N LEU D 479 -31.04 34.50 -7.46
CA LEU D 479 -30.74 33.91 -8.76
C LEU D 479 -31.32 34.67 -9.95
N PRO D 480 -30.57 35.65 -10.51
CA PRO D 480 -31.15 36.73 -11.34
C PRO D 480 -32.21 36.33 -12.35
N GLU D 481 -33.11 37.26 -12.65
CA GLU D 481 -34.32 36.94 -13.40
C GLU D 481 -34.01 36.64 -14.87
N GLU D 482 -33.06 37.36 -15.45
CA GLU D 482 -32.81 37.24 -16.89
C GLU D 482 -32.33 35.85 -17.27
N VAL D 483 -31.61 35.17 -16.36
CA VAL D 483 -31.38 33.74 -16.52
C VAL D 483 -32.68 32.97 -16.34
N LEU D 484 -33.51 33.36 -15.36
CA LEU D 484 -34.65 32.54 -14.99
C LEU D 484 -35.67 32.46 -16.12
N LYS D 485 -36.04 33.61 -16.69
CA LYS D 485 -37.03 33.66 -17.74
C LYS D 485 -36.45 33.37 -19.12
N ARG D 486 -35.13 33.20 -19.23
CA ARG D 486 -34.54 32.78 -20.49
C ARG D 486 -34.99 31.38 -20.89
N ALA D 487 -35.02 30.46 -19.93
CA ALA D 487 -35.59 29.14 -20.12
C ALA D 487 -36.71 28.94 -19.10
N GLU D 488 -37.95 28.97 -19.56
CA GLU D 488 -39.10 29.04 -18.66
C GLU D 488 -39.39 27.69 -18.02
#